data_5YGR
#
_entry.id   5YGR
#
_cell.length_a   102.890
_cell.length_b   128.440
_cell.length_c   138.100
_cell.angle_alpha   90.00
_cell.angle_beta   110.28
_cell.angle_gamma   90.00
#
_symmetry.space_group_name_H-M   'C 1 2 1'
#
loop_
_entity.id
_entity.type
_entity.pdbx_description
1 polymer 'Diaminopropionate ammonia lyase'
2 polymer 'Diaminopropionate ammonia lyase'
3 non-polymer 1,2-ETHANEDIOL
4 non-polymer DI(HYDROXYETHYL)ETHER
5 non-polymer 'PHOSPHATE ION'
6 water water
#
loop_
_entity_poly.entity_id
_entity_poly.type
_entity_poly.pdbx_seq_one_letter_code
_entity_poly.pdbx_strand_id
1 'polypeptide(L)'
;MHELIKYQFNTRRKKYGTGAALSLLNGNVGHEVLAFHKKLPNYAVTPLHNLAHLSQRLGLGSIHIKDESWRFGLNAF
(LLP)GLGGSYAVGKYLADKLQCDINSLSFAALNTPEIKEKIKDCVFVTATDGNHGRGVAWAAEQLGLKAVVYMPKGSSL
IRAENIRHHGAECTITDLNYDDAVRLAHRMAQTKGWVLLQDTAWTGYEEIPTWIMQGYMTLAVEAYEQLAETNSPLPTHL
ILQAGVGSFAGSVMGYFVEKMQENIPNIIVVEPHQANCLYQSAVMDDGQPHCVTGDMATIMAGLACGEPNIISWPIIRDN
TSCFISADDCLAAKGMRISAAPRPGTDTPFISGESGAIGVGLLYELMNNMHYQDLANRLQLDASAHVLLISTEGDTSPDI
YEDIVWNGRSA
;
A
2 'polypeptide(L)'
;MHELIKYQFNTRRKKYGTGAALSLLNGNVGHEVLAFHKKLPNYAVTPLHNLAHLSQRLGLGSIHIKDESWRFGLNAF
(LLP)GLGGSYAVGKYLADKLQCDINSLSFAALNTPEIKEKIKDCVFVTATDGNHGRGVAWAAEQLGLKAVVYMPKGSSL
IRAENIRHHGAECTITDLNYDDAVRLAHRMAQTKGWVLLQDTAWTGYEEIPTWIMQGYMTLAVEAYEQLAETNSPLPTHL
ILQAGVGSFAGSVMGYFVEKMQENIPNIIVVEPHQANCLYQSAVMDDGQPHCVTGDMATIMAGLACGEPNIISWPIIRDN
TSCFISADDCLAAKGMRISAAPRPGTDTPFISGESGAIGVGLLYELMNNMHYQDLANRLQLDASAHVLLISTEGDTSPDI
YEDIVWNGRSALEHHHHHH
;
B,C,D
#
loop_
_chem_comp.id
_chem_comp.type
_chem_comp.name
_chem_comp.formula
EDO non-polymer 1,2-ETHANEDIOL 'C2 H6 O2'
PEG non-polymer DI(HYDROXYETHYL)ETHER 'C4 H10 O3'
PO4 non-polymer 'PHOSPHATE ION' 'O4 P -3'
#
# COMPACT_ATOMS: atom_id res chain seq x y z
N GLN A 8 -15.13 38.30 -10.99
CA GLN A 8 -14.68 39.74 -11.01
C GLN A 8 -13.20 39.88 -11.44
N PHE A 9 -13.00 40.51 -12.60
CA PHE A 9 -11.72 40.91 -13.10
C PHE A 9 -11.76 42.44 -13.11
N ASN A 10 -10.78 43.10 -12.48
CA ASN A 10 -10.53 44.53 -12.70
C ASN A 10 -9.36 44.68 -13.65
N THR A 11 -9.46 45.68 -14.52
CA THR A 11 -8.55 45.92 -15.62
C THR A 11 -7.72 47.16 -15.31
N ARG A 12 -6.48 47.28 -15.80
CA ARG A 12 -5.76 48.57 -15.89
C ARG A 12 -4.67 48.42 -16.89
N ARG A 13 -4.87 48.95 -18.09
CA ARG A 13 -3.82 48.86 -19.11
C ARG A 13 -2.72 49.86 -18.80
N LYS A 14 -1.50 49.56 -19.25
CA LYS A 14 -0.34 50.36 -18.84
C LYS A 14 0.05 51.47 -19.81
N LYS A 15 -0.05 52.71 -19.32
CA LYS A 15 0.42 53.88 -20.07
C LYS A 15 1.94 53.80 -20.35
N TYR A 16 2.71 53.55 -19.29
CA TYR A 16 4.18 53.61 -19.30
C TYR A 16 4.88 52.40 -19.99
N GLY A 17 4.10 51.53 -20.65
CA GLY A 17 4.66 50.38 -21.36
C GLY A 17 5.58 50.80 -22.48
N THR A 18 6.55 49.95 -22.81
CA THR A 18 7.49 50.24 -23.88
C THR A 18 8.25 48.99 -24.31
N SER A 23 17.93 42.54 -19.63
CA SER A 23 19.25 43.13 -19.40
C SER A 23 19.91 42.50 -18.17
N LEU A 24 19.28 42.64 -17.01
CA LEU A 24 19.59 41.81 -15.83
C LEU A 24 19.20 40.34 -16.07
N LEU A 25 18.32 40.12 -17.05
CA LEU A 25 17.90 38.79 -17.47
C LEU A 25 18.51 38.36 -18.80
N ASN A 26 19.72 38.81 -19.10
CA ASN A 26 20.36 38.53 -20.39
C ASN A 26 20.90 37.11 -20.45
N GLY A 27 21.26 36.67 -21.65
CA GLY A 27 21.65 35.29 -21.93
C GLY A 27 22.89 34.77 -21.21
N ASN A 28 23.83 35.66 -20.91
CA ASN A 28 25.02 35.28 -20.12
C ASN A 28 24.62 34.96 -18.67
N VAL A 29 23.71 35.74 -18.11
CA VAL A 29 23.18 35.42 -16.79
C VAL A 29 22.44 34.09 -16.92
N GLY A 30 21.61 33.98 -17.95
CA GLY A 30 20.88 32.74 -18.23
C GLY A 30 21.74 31.49 -18.21
N HIS A 31 22.89 31.58 -18.86
CA HIS A 31 23.82 30.46 -18.90
C HIS A 31 24.46 30.21 -17.51
N GLU A 32 24.81 31.27 -16.78
CA GLU A 32 25.45 31.10 -15.47
C GLU A 32 24.47 30.36 -14.58
N VAL A 33 23.26 30.87 -14.56
CA VAL A 33 22.20 30.35 -13.69
C VAL A 33 21.85 28.89 -14.03
N LEU A 34 21.67 28.60 -15.31
CA LEU A 34 21.36 27.24 -15.74
C LEU A 34 22.56 26.29 -15.47
N ALA A 35 23.79 26.76 -15.77
CA ALA A 35 25.02 26.01 -15.50
C ALA A 35 25.01 25.58 -14.04
N PHE A 36 24.63 26.52 -13.17
CA PHE A 36 24.53 26.29 -11.74
C PHE A 36 23.44 25.30 -11.36
N HIS A 37 22.22 25.50 -11.84
CA HIS A 37 21.10 24.63 -11.44
C HIS A 37 21.30 23.19 -11.90
N LYS A 38 21.91 23.02 -13.09
CA LYS A 38 22.15 21.67 -13.61
C LYS A 38 23.07 20.81 -12.70
N LYS A 39 24.00 21.45 -11.97
CA LYS A 39 24.91 20.75 -11.03
C LYS A 39 24.15 20.33 -9.76
N LEU A 40 22.98 20.89 -9.53
CA LEU A 40 22.22 20.59 -8.29
C LEU A 40 21.45 19.26 -8.29
N PRO A 41 21.22 18.72 -7.08
CA PRO A 41 20.52 17.47 -6.87
C PRO A 41 19.07 17.60 -7.30
N ASN A 42 18.61 16.61 -8.06
CA ASN A 42 17.25 16.57 -8.61
C ASN A 42 16.94 17.63 -9.65
N TYR A 43 17.95 18.33 -10.20
CA TYR A 43 17.65 19.16 -11.36
C TYR A 43 16.99 18.29 -12.45
N ALA A 44 15.92 18.81 -13.02
CA ALA A 44 15.33 18.24 -14.21
C ALA A 44 14.44 19.30 -14.79
N VAL A 45 14.36 19.35 -16.12
CA VAL A 45 13.37 20.19 -16.81
C VAL A 45 11.97 19.79 -16.35
N THR A 46 11.19 20.78 -15.92
CA THR A 46 9.84 20.53 -15.49
C THR A 46 8.96 20.47 -16.72
N PRO A 47 7.88 19.74 -16.63
CA PRO A 47 6.97 19.56 -17.78
C PRO A 47 6.35 20.86 -18.27
N LEU A 48 6.12 20.94 -19.56
CA LEU A 48 5.32 22.01 -20.11
C LEU A 48 4.09 21.40 -20.72
N HIS A 49 2.97 21.49 -20.03
CA HIS A 49 1.70 20.91 -20.49
C HIS A 49 1.01 21.71 -21.61
N ASN A 50 0.72 21.03 -22.71
CA ASN A 50 0.00 21.61 -23.83
C ASN A 50 -1.46 21.35 -23.67
N LEU A 51 -2.23 22.38 -23.33
CA LEU A 51 -3.66 22.18 -23.07
C LEU A 51 -4.49 22.42 -24.35
N ALA A 52 -4.25 21.58 -25.35
CA ALA A 52 -4.79 21.80 -26.70
C ALA A 52 -6.30 21.68 -26.74
N HIS A 53 -6.81 20.71 -25.96
CA HIS A 53 -8.25 20.48 -25.83
C HIS A 53 -8.96 21.64 -25.12
N LEU A 54 -8.35 22.17 -24.06
CA LEU A 54 -8.88 23.37 -23.44
C LEU A 54 -8.79 24.56 -24.39
N SER A 55 -7.74 24.56 -25.22
CA SER A 55 -7.48 25.63 -26.18
C SER A 55 -8.63 25.68 -27.21
N GLN A 56 -9.09 24.52 -27.62
CA GLN A 56 -10.20 24.40 -28.52
C GLN A 56 -11.46 24.91 -27.82
N ARG A 57 -11.73 24.34 -26.65
CA ARG A 57 -12.94 24.67 -25.89
C ARG A 57 -13.10 26.19 -25.59
N LEU A 58 -12.00 26.94 -25.61
CA LEU A 58 -12.01 28.37 -25.33
C LEU A 58 -11.78 29.27 -26.54
N GLY A 59 -11.41 28.72 -27.68
CA GLY A 59 -11.21 29.52 -28.87
C GLY A 59 -9.85 30.19 -28.90
N LEU A 60 -8.81 29.46 -28.48
CA LEU A 60 -7.45 29.99 -28.40
C LEU A 60 -6.53 29.15 -29.27
N GLY A 61 -5.45 29.74 -29.75
CA GLY A 61 -4.50 29.00 -30.55
C GLY A 61 -3.91 27.89 -29.73
N SER A 62 -3.28 28.27 -28.63
CA SER A 62 -2.63 27.29 -27.79
C SER A 62 -2.53 27.80 -26.36
N ILE A 63 -2.56 26.85 -25.45
CA ILE A 63 -2.28 27.08 -24.04
C ILE A 63 -1.21 26.10 -23.59
N HIS A 64 -0.12 26.64 -23.07
CA HIS A 64 0.90 25.85 -22.45
C HIS A 64 1.06 26.28 -21.00
N ILE A 65 1.20 25.33 -20.10
CA ILE A 65 1.41 25.65 -18.70
C ILE A 65 2.65 24.97 -18.17
N LYS A 66 3.60 25.77 -17.73
CA LYS A 66 4.82 25.26 -17.15
C LYS A 66 4.49 24.80 -15.72
N ASP A 67 4.73 23.52 -15.46
CA ASP A 67 4.33 22.90 -14.20
C ASP A 67 5.47 22.89 -13.20
N GLU A 68 5.54 23.90 -12.32
CA GLU A 68 6.67 23.96 -11.40
C GLU A 68 6.38 23.23 -10.12
N SER A 69 5.28 22.50 -10.05
CA SER A 69 5.04 21.63 -8.86
C SER A 69 6.14 20.54 -8.71
N TRP A 70 6.85 20.27 -9.81
CA TRP A 70 7.89 19.24 -9.82
C TRP A 70 9.24 19.76 -9.36
N ARG A 71 9.43 21.08 -9.35
CA ARG A 71 10.76 21.65 -9.23
C ARG A 71 11.47 21.21 -7.96
N PHE A 72 12.57 20.47 -8.14
CA PHE A 72 13.44 20.00 -7.05
C PHE A 72 12.75 19.16 -5.97
N GLY A 73 11.57 18.65 -6.26
CA GLY A 73 10.82 17.93 -5.26
C GLY A 73 10.22 18.80 -4.21
N LEU A 74 10.17 20.11 -4.44
CA LEU A 74 9.73 21.06 -3.42
C LEU A 74 8.31 21.58 -3.60
N ASN A 75 7.63 21.11 -4.65
CA ASN A 75 6.25 21.48 -4.90
C ASN A 75 6.04 22.95 -5.24
N ALA A 76 7.11 23.61 -5.68
CA ALA A 76 7.07 25.03 -6.08
C ALA A 76 8.36 25.46 -6.75
N PHE A 77 8.29 26.54 -7.49
CA PHE A 77 9.42 26.97 -8.31
C PHE A 77 10.51 27.72 -7.53
N1 LLP A 78 3.31 31.88 -7.06
C2 LLP A 78 3.72 31.24 -5.95
C2' LLP A 78 3.18 29.89 -5.63
C3 LLP A 78 4.68 31.85 -5.04
O3 LLP A 78 5.06 31.18 -3.90
C4 LLP A 78 5.15 33.20 -5.38
C4' LLP A 78 6.13 33.88 -4.46
C5 LLP A 78 4.62 33.84 -6.62
C6 LLP A 78 3.71 33.10 -7.40
C5' LLP A 78 5.04 35.19 -7.13
OP4 LLP A 78 6.05 35.68 -6.34
P LLP A 78 6.65 37.15 -6.37
OP1 LLP A 78 6.39 37.50 -4.93
OP2 LLP A 78 7.97 36.85 -6.99
OP3 LLP A 78 5.80 37.96 -7.32
N LLP A 78 10.19 28.28 -6.35
CA LLP A 78 11.10 29.28 -5.71
CB LLP A 78 10.45 29.77 -4.42
CG LLP A 78 9.36 30.77 -4.78
CD LLP A 78 9.38 31.99 -3.92
CE LLP A 78 8.46 33.02 -4.54
NZ LLP A 78 7.13 32.93 -4.01
C LLP A 78 12.50 28.95 -5.37
O LLP A 78 13.37 29.84 -5.29
N GLY A 79 12.75 27.66 -5.21
CA GLY A 79 14.06 27.14 -4.96
C GLY A 79 15.08 27.54 -5.96
N LEU A 80 14.64 27.73 -7.20
CA LEU A 80 15.54 28.20 -8.23
C LEU A 80 16.23 29.49 -7.75
N GLY A 81 15.45 30.38 -7.13
CA GLY A 81 15.95 31.67 -6.70
C GLY A 81 16.80 31.56 -5.47
N GLY A 82 16.24 31.00 -4.42
CA GLY A 82 16.94 30.86 -3.16
C GLY A 82 18.27 30.17 -3.35
N SER A 83 18.28 29.12 -4.15
CA SER A 83 19.48 28.34 -4.34
C SER A 83 20.57 29.20 -4.98
N TYR A 84 20.21 29.84 -6.09
CA TYR A 84 21.17 30.61 -6.85
C TYR A 84 21.67 31.76 -6.00
N ALA A 85 20.79 32.41 -5.25
CA ALA A 85 21.20 33.51 -4.40
C ALA A 85 22.12 33.06 -3.29
N VAL A 86 21.89 31.86 -2.76
CA VAL A 86 22.73 31.33 -1.70
C VAL A 86 24.10 31.01 -2.26
N GLY A 87 24.11 30.40 -3.44
CA GLY A 87 25.34 30.08 -4.14
C GLY A 87 26.17 31.32 -4.40
N LYS A 88 25.52 32.36 -4.89
CA LYS A 88 26.23 33.56 -5.27
C LYS A 88 26.80 34.26 -4.00
N TYR A 89 26.00 34.28 -2.93
CA TYR A 89 26.46 34.83 -1.66
C TYR A 89 27.73 34.11 -1.20
N LEU A 90 27.73 32.77 -1.21
CA LEU A 90 28.86 31.97 -0.74
C LEU A 90 30.03 32.10 -1.67
N ALA A 91 29.74 32.20 -2.96
CA ALA A 91 30.80 32.40 -3.94
C ALA A 91 31.52 33.71 -3.65
N ASP A 92 30.76 34.71 -3.23
CA ASP A 92 31.31 36.03 -3.02
C ASP A 92 32.05 36.09 -1.69
N LYS A 93 31.54 35.41 -0.67
CA LYS A 93 32.25 35.25 0.59
C LYS A 93 33.60 34.52 0.39
N LEU A 94 33.60 33.46 -0.42
CA LEU A 94 34.83 32.72 -0.72
C LEU A 94 35.58 33.31 -1.93
N GLN A 95 35.15 34.47 -2.45
CA GLN A 95 35.81 35.11 -3.58
C GLN A 95 36.16 34.11 -4.68
N CYS A 96 35.16 33.57 -5.36
CA CYS A 96 35.37 32.74 -6.57
C CYS A 96 34.11 32.72 -7.45
N ASP A 97 34.27 32.39 -8.72
CA ASP A 97 33.23 32.46 -9.77
C ASP A 97 32.54 31.10 -10.05
N ILE A 98 31.27 30.98 -9.67
CA ILE A 98 30.62 29.67 -9.58
C ILE A 98 30.48 28.92 -10.94
N ALA A 105 31.15 24.48 -6.90
CA ALA A 105 30.07 23.89 -6.09
C ALA A 105 30.57 22.60 -5.41
N LEU A 106 29.68 21.92 -4.68
CA LEU A 106 30.00 20.73 -3.85
C LEU A 106 31.38 20.85 -3.17
N ASN A 107 31.38 21.27 -1.90
CA ASN A 107 32.54 21.87 -1.24
C ASN A 107 33.56 20.95 -0.55
N THR A 108 34.78 21.49 -0.38
CA THR A 108 35.81 20.85 0.44
C THR A 108 35.56 21.13 1.93
N PRO A 109 35.46 20.07 2.78
CA PRO A 109 35.16 20.27 4.21
C PRO A 109 36.16 21.11 5.04
N GLU A 110 37.43 21.14 4.64
CA GLU A 110 38.40 22.11 5.18
C GLU A 110 38.09 23.58 4.75
N ILE A 111 37.38 23.78 3.62
CA ILE A 111 36.73 25.07 3.25
C ILE A 111 35.33 25.27 3.87
N LYS A 112 34.70 24.20 4.38
CA LYS A 112 33.53 24.34 5.26
C LYS A 112 33.89 25.15 6.49
N GLU A 113 35.14 25.08 6.92
CA GLU A 113 35.62 25.89 8.04
C GLU A 113 35.40 27.39 7.79
N LYS A 114 35.60 27.84 6.54
CA LYS A 114 35.49 29.26 6.17
C LYS A 114 34.03 29.77 6.01
N ILE A 115 33.07 28.85 5.98
CA ILE A 115 31.69 29.21 5.81
C ILE A 115 30.79 28.57 6.89
N LYS A 116 31.37 28.13 8.02
CA LYS A 116 30.62 27.38 9.07
C LYS A 116 29.59 28.23 9.81
N ASP A 117 29.87 29.54 9.96
CA ASP A 117 29.04 30.46 10.77
C ASP A 117 27.92 31.14 9.98
N CYS A 118 27.86 30.91 8.66
CA CYS A 118 26.79 31.48 7.84
C CYS A 118 25.42 30.94 8.25
N VAL A 119 24.50 31.85 8.54
CA VAL A 119 23.14 31.57 8.94
C VAL A 119 22.20 32.41 8.10
N PHE A 120 21.33 31.75 7.36
CA PHE A 120 20.38 32.43 6.51
C PHE A 120 19.14 32.70 7.34
N VAL A 121 18.51 33.85 7.13
CA VAL A 121 17.28 34.18 7.78
C VAL A 121 16.31 34.80 6.74
N THR A 122 15.02 34.47 6.85
CA THR A 122 13.96 34.99 5.97
C THR A 122 12.60 34.89 6.53
N ALA A 123 11.71 35.65 5.94
CA ALA A 123 10.28 35.44 6.13
C ALA A 123 9.72 34.82 4.87
N THR A 124 8.61 34.11 5.03
CA THR A 124 7.96 33.42 3.92
C THR A 124 6.51 33.03 4.26
N ASP A 125 5.66 33.02 3.24
CA ASP A 125 4.34 32.41 3.32
C ASP A 125 4.45 30.91 3.07
N GLY A 126 5.61 30.44 2.62
CA GLY A 126 5.88 29.00 2.59
C GLY A 126 6.88 28.57 1.53
N ASN A 127 6.71 28.99 0.28
CA ASN A 127 7.57 28.50 -0.78
C ASN A 127 8.99 29.09 -0.73
N HIS A 128 9.12 30.39 -0.50
CA HIS A 128 10.43 31.02 -0.50
C HIS A 128 11.34 30.41 0.60
N GLY A 129 10.78 30.30 1.79
CA GLY A 129 11.47 29.75 2.93
C GLY A 129 11.90 28.31 2.72
N ARG A 130 10.97 27.51 2.21
CA ARG A 130 11.25 26.13 1.88
C ARG A 130 12.46 26.07 0.95
N GLY A 131 12.47 26.94 -0.07
CA GLY A 131 13.61 27.00 -1.00
C GLY A 131 14.91 27.34 -0.30
N VAL A 132 14.87 28.31 0.61
CA VAL A 132 16.08 28.71 1.34
C VAL A 132 16.50 27.61 2.31
N ALA A 133 15.53 27.04 3.01
CA ALA A 133 15.81 25.97 3.95
C ALA A 133 16.46 24.76 3.26
N TRP A 134 15.97 24.47 2.06
CA TRP A 134 16.46 23.36 1.26
C TRP A 134 17.88 23.60 0.82
N ALA A 135 18.15 24.77 0.26
CA ALA A 135 19.52 25.12 -0.10
C ALA A 135 20.49 25.08 1.11
N ALA A 136 20.06 25.60 2.25
CA ALA A 136 20.87 25.58 3.46
C ALA A 136 21.18 24.13 3.87
N GLU A 137 20.16 23.28 3.81
CA GLU A 137 20.30 21.87 4.14
C GLU A 137 21.31 21.20 3.24
N GLN A 138 21.32 21.55 1.95
CA GLN A 138 22.27 20.98 1.02
C GLN A 138 23.70 21.24 1.49
N LEU A 139 23.93 22.44 2.04
CA LEU A 139 25.27 22.87 2.45
C LEU A 139 25.53 22.66 3.95
N GLY A 140 24.64 21.97 4.64
CA GLY A 140 24.73 21.77 6.08
C GLY A 140 24.79 23.08 6.87
N LEU A 141 24.25 24.14 6.29
CA LEU A 141 24.16 25.43 6.98
C LEU A 141 22.84 25.61 7.70
N LYS A 142 22.84 26.50 8.66
CA LYS A 142 21.68 26.79 9.45
C LYS A 142 20.81 27.81 8.68
N ALA A 143 19.50 27.75 8.91
CA ALA A 143 18.57 28.68 8.34
C ALA A 143 17.48 28.94 9.35
N VAL A 144 17.03 30.18 9.44
CA VAL A 144 15.98 30.57 10.38
C VAL A 144 14.86 31.21 9.58
N VAL A 145 13.63 30.78 9.84
CA VAL A 145 12.50 31.15 9.03
C VAL A 145 11.36 31.65 9.91
N TYR A 146 10.81 32.82 9.55
CA TYR A 146 9.63 33.36 10.20
C TYR A 146 8.45 33.36 9.20
N MET A 147 7.27 32.95 9.67
CA MET A 147 6.07 32.98 8.84
C MET A 147 5.03 33.87 9.50
N PRO A 148 4.12 34.43 8.70
CA PRO A 148 3.06 35.27 9.24
C PRO A 148 1.95 34.51 9.98
N LEU A 153 0.38 25.41 8.78
CA LEU A 153 1.09 24.53 9.76
C LEU A 153 1.90 23.45 9.03
N ILE A 154 1.29 22.83 8.02
CA ILE A 154 1.98 21.84 7.19
C ILE A 154 3.09 22.52 6.35
N ARG A 155 2.88 23.76 5.93
CA ARG A 155 3.94 24.55 5.25
C ARG A 155 5.17 24.77 6.17
N ALA A 156 4.94 25.03 7.46
CA ALA A 156 6.02 25.18 8.46
C ALA A 156 6.76 23.87 8.69
N GLU A 157 6.00 22.79 8.92
CA GLU A 157 6.56 21.45 9.10
C GLU A 157 7.49 21.11 7.96
N ASN A 158 7.04 21.38 6.74
CA ASN A 158 7.84 21.05 5.56
C ASN A 158 9.14 21.84 5.51
N ILE A 159 9.13 23.05 6.06
CA ILE A 159 10.37 23.83 6.20
C ILE A 159 11.28 23.24 7.29
N ARG A 160 10.69 22.80 8.40
CA ARG A 160 11.46 22.22 9.50
C ARG A 160 12.16 20.94 9.08
N HIS A 161 11.49 20.14 8.25
CA HIS A 161 12.06 18.89 7.78
C HIS A 161 13.33 19.05 6.96
N HIS A 162 13.69 20.27 6.54
CA HIS A 162 14.99 20.46 5.90
C HIS A 162 16.06 20.77 6.95
N GLY A 163 15.66 20.86 8.20
CA GLY A 163 16.62 21.10 9.28
C GLY A 163 16.75 22.58 9.59
N ALA A 164 15.82 23.36 9.06
CA ALA A 164 15.73 24.77 9.36
C ALA A 164 14.88 25.02 10.58
N GLU A 165 15.11 26.17 11.21
CA GLU A 165 14.27 26.61 12.30
C GLU A 165 13.15 27.38 11.66
N CYS A 166 11.92 27.18 12.12
CA CYS A 166 10.76 27.82 11.52
C CYS A 166 9.80 28.17 12.62
N THR A 167 9.25 29.36 12.56
CA THR A 167 8.40 29.89 13.59
C THR A 167 7.24 30.64 12.96
N ILE A 168 6.01 30.21 13.26
CA ILE A 168 4.82 30.92 12.85
C ILE A 168 4.70 32.13 13.79
N THR A 169 4.83 33.33 13.23
CA THR A 169 4.82 34.54 14.00
C THR A 169 3.36 34.95 14.28
N ASP A 170 3.17 36.03 15.03
CA ASP A 170 1.86 36.65 15.14
C ASP A 170 1.82 37.95 14.34
N LEU A 171 2.70 38.08 13.35
CA LEU A 171 2.78 39.28 12.51
C LEU A 171 2.23 39.00 11.11
N ASN A 172 1.84 40.05 10.39
CA ASN A 172 1.46 39.92 8.97
C ASN A 172 2.74 39.69 8.15
N TYR A 173 2.59 39.44 6.84
CA TYR A 173 3.74 39.11 5.96
C TYR A 173 4.79 40.20 5.96
N ASP A 174 4.37 41.46 5.82
CA ASP A 174 5.29 42.57 5.69
C ASP A 174 6.03 42.85 6.99
N ASP A 175 5.33 42.70 8.12
CA ASP A 175 5.96 42.88 9.42
C ASP A 175 6.89 41.75 9.73
N ALA A 176 6.56 40.59 9.18
CA ALA A 176 7.44 39.42 9.28
C ALA A 176 8.75 39.58 8.49
N VAL A 177 8.68 40.23 7.31
CA VAL A 177 9.86 40.59 6.53
C VAL A 177 10.71 41.59 7.31
N ARG A 178 10.06 42.55 7.94
CA ARG A 178 10.76 43.47 8.85
C ARG A 178 11.49 42.71 9.97
N LEU A 179 10.84 41.74 10.59
CA LEU A 179 11.47 40.99 11.70
C LEU A 179 12.74 40.27 11.26
N ALA A 180 12.69 39.64 10.10
CA ALA A 180 13.82 38.93 9.55
C ALA A 180 14.97 39.89 9.32
N HIS A 181 14.62 41.09 8.82
CA HIS A 181 15.59 42.15 8.57
C HIS A 181 16.28 42.59 9.85
N ARG A 182 15.48 42.92 10.87
CA ARG A 182 16.02 43.30 12.20
C ARG A 182 16.94 42.22 12.76
N MET A 183 16.53 40.97 12.58
CA MET A 183 17.32 39.88 13.13
C MET A 183 18.65 39.69 12.41
N ALA A 184 18.67 39.92 11.10
CA ALA A 184 19.93 39.84 10.37
C ALA A 184 20.88 40.90 10.86
N GLN A 185 20.35 42.13 10.94
CA GLN A 185 21.10 43.28 11.43
C GLN A 185 21.63 43.07 12.83
N THR A 186 20.79 42.59 13.74
CA THR A 186 21.21 42.44 15.13
C THR A 186 21.97 41.15 15.47
N LYS A 187 21.82 40.10 14.67
CA LYS A 187 22.50 38.82 14.98
C LYS A 187 23.67 38.50 14.07
N GLY A 188 23.85 39.24 12.98
CA GLY A 188 24.89 38.91 12.01
C GLY A 188 24.49 37.83 11.02
N TRP A 189 23.20 37.55 10.91
CA TRP A 189 22.76 36.52 9.98
C TRP A 189 22.65 37.10 8.61
N VAL A 190 22.68 36.24 7.61
CA VAL A 190 22.54 36.65 6.24
C VAL A 190 21.06 36.66 5.90
N LEU A 191 20.51 37.86 5.68
CA LEU A 191 19.13 38.04 5.25
C LEU A 191 19.03 37.48 3.85
N LEU A 192 18.13 36.52 3.66
CA LEU A 192 17.99 36.01 2.32
C LEU A 192 16.57 36.23 1.82
N GLN A 193 16.22 37.48 1.58
CA GLN A 193 14.86 37.85 1.26
C GLN A 193 14.69 38.26 -0.21
N ASP A 194 13.53 37.86 -0.73
CA ASP A 194 13.16 37.98 -2.14
C ASP A 194 12.44 39.26 -2.42
N THR A 195 12.69 40.29 -1.64
CA THR A 195 12.25 41.64 -1.94
C THR A 195 13.39 42.61 -1.42
N ALA A 196 13.28 43.94 -1.46
CA ALA A 196 14.47 44.80 -1.33
C ALA A 196 14.37 46.01 -0.39
N TRP A 197 15.53 46.43 0.14
CA TRP A 197 15.65 47.51 1.12
C TRP A 197 16.81 48.40 0.66
N THR A 198 16.89 49.62 1.18
CA THR A 198 18.05 50.47 0.94
C THR A 198 19.31 49.82 1.54
N GLY A 199 20.29 49.57 0.67
CA GLY A 199 21.47 48.83 1.01
C GLY A 199 21.35 47.33 0.80
N TYR A 200 20.18 46.86 0.36
CA TYR A 200 19.90 45.43 0.20
C TYR A 200 19.21 45.14 -1.15
N GLU A 201 20.04 44.97 -2.17
CA GLU A 201 19.58 44.78 -3.57
C GLU A 201 20.27 43.63 -4.28
N GLU A 202 21.45 43.25 -3.81
CA GLU A 202 22.28 42.30 -4.51
C GLU A 202 21.61 40.91 -4.46
N ILE A 203 21.28 40.45 -3.26
CA ILE A 203 20.64 39.17 -3.07
C ILE A 203 19.24 39.08 -3.76
N PRO A 204 18.36 40.06 -3.55
CA PRO A 204 17.10 40.12 -4.26
C PRO A 204 17.25 40.00 -5.77
N THR A 205 18.31 40.61 -6.29
CA THR A 205 18.55 40.61 -7.70
C THR A 205 18.88 39.19 -8.08
N TRP A 206 19.77 38.58 -7.32
CA TRP A 206 20.12 37.20 -7.62
C TRP A 206 18.89 36.26 -7.57
N ILE A 207 17.99 36.48 -6.64
CA ILE A 207 16.80 35.67 -6.52
C ILE A 207 15.98 35.74 -7.81
N MET A 208 15.71 36.96 -8.25
CA MET A 208 15.06 37.21 -9.53
C MET A 208 15.75 36.49 -10.67
N GLN A 209 17.07 36.62 -10.72
CA GLN A 209 17.83 36.03 -11.78
C GLN A 209 17.68 34.49 -11.76
N GLY A 210 17.70 33.89 -10.58
CA GLY A 210 17.64 32.45 -10.48
C GLY A 210 16.33 31.88 -11.00
N TYR A 211 15.25 32.67 -10.88
CA TYR A 211 13.96 32.24 -11.35
C TYR A 211 13.97 32.00 -12.86
N MET A 212 14.89 32.63 -13.59
CA MET A 212 14.80 32.60 -15.04
C MET A 212 14.97 31.22 -15.67
N THR A 213 15.54 30.27 -14.94
CA THR A 213 15.70 28.93 -15.47
C THR A 213 14.36 28.34 -15.95
N LEU A 214 13.27 28.56 -15.22
CA LEU A 214 12.00 28.04 -15.68
C LEU A 214 11.59 28.63 -17.02
N ALA A 215 11.98 29.87 -17.28
CA ALA A 215 11.64 30.53 -18.53
C ALA A 215 12.48 30.04 -19.69
N VAL A 216 13.76 29.84 -19.41
CA VAL A 216 14.71 29.31 -20.37
C VAL A 216 14.26 27.93 -20.82
N GLU A 217 13.91 27.09 -19.84
CA GLU A 217 13.38 25.76 -20.12
C GLU A 217 12.12 25.81 -21.00
N ALA A 218 11.19 26.71 -20.66
CA ALA A 218 9.89 26.75 -21.33
C ALA A 218 10.07 27.18 -22.73
N TYR A 219 10.88 28.21 -22.93
CA TYR A 219 11.12 28.70 -24.26
C TYR A 219 11.74 27.64 -25.15
N GLU A 220 12.78 26.96 -24.65
CA GLU A 220 13.39 25.82 -25.36
C GLU A 220 12.35 24.70 -25.62
N GLN A 221 11.53 24.35 -24.63
CA GLN A 221 10.53 23.29 -24.81
C GLN A 221 9.55 23.60 -25.91
N LEU A 222 9.23 24.88 -26.11
CA LEU A 222 8.32 25.29 -27.19
C LEU A 222 8.96 25.21 -28.59
N ALA A 223 10.18 25.72 -28.70
CA ALA A 223 10.96 25.70 -29.94
C ALA A 223 11.26 24.29 -30.39
N GLU A 224 11.78 23.48 -29.48
CA GLU A 224 12.15 22.12 -29.82
C GLU A 224 10.96 21.18 -30.11
N THR A 225 9.72 21.67 -29.99
CA THR A 225 8.55 20.88 -30.40
C THR A 225 7.82 21.56 -31.54
N ASN A 226 8.52 22.46 -32.23
CA ASN A 226 7.92 23.32 -33.26
C ASN A 226 6.55 23.90 -32.89
N SER A 227 6.46 24.36 -31.64
CA SER A 227 5.26 25.00 -31.13
C SER A 227 5.42 26.51 -31.29
N PRO A 228 4.37 27.21 -31.76
CA PRO A 228 4.44 28.66 -31.80
C PRO A 228 4.87 29.24 -30.45
N LEU A 229 5.67 30.30 -30.50
CA LEU A 229 6.13 30.99 -29.32
C LEU A 229 4.99 31.88 -28.83
N PRO A 230 5.06 32.35 -27.56
CA PRO A 230 3.91 33.05 -26.97
C PRO A 230 3.58 34.37 -27.60
N THR A 231 2.29 34.58 -27.84
CA THR A 231 1.76 35.89 -28.14
C THR A 231 1.37 36.57 -26.86
N HIS A 232 1.02 35.76 -25.86
CA HIS A 232 0.63 36.27 -24.56
C HIS A 232 1.40 35.56 -23.44
N LEU A 233 1.72 36.32 -22.40
CA LEU A 233 2.21 35.82 -21.13
C LEU A 233 1.25 36.27 -20.05
N ILE A 234 0.75 35.35 -19.22
CA ILE A 234 -0.05 35.73 -18.06
C ILE A 234 0.70 35.31 -16.82
N LEU A 235 1.10 36.28 -16.02
CA LEU A 235 2.07 36.09 -14.94
C LEU A 235 1.51 36.61 -13.63
N GLN A 236 1.51 35.77 -12.60
CA GLN A 236 0.96 36.16 -11.31
C GLN A 236 2.02 36.93 -10.51
N ALA A 237 1.58 37.77 -9.60
CA ALA A 237 2.53 38.57 -8.81
C ALA A 237 2.19 38.68 -7.34
N GLY A 238 3.21 38.42 -6.53
CA GLY A 238 3.25 38.87 -5.15
C GLY A 238 4.02 40.18 -5.09
N VAL A 239 5.35 40.12 -4.97
CA VAL A 239 6.18 41.34 -5.01
C VAL A 239 6.68 41.72 -6.41
N GLY A 240 6.51 40.81 -7.36
CA GLY A 240 6.88 41.04 -8.76
C GLY A 240 8.18 40.41 -9.23
N SER A 241 8.92 39.74 -8.34
CA SER A 241 10.22 39.19 -8.71
C SER A 241 10.08 38.12 -9.76
N PHE A 242 9.19 37.17 -9.52
CA PHE A 242 8.96 36.09 -10.48
C PHE A 242 8.52 36.64 -11.85
N ALA A 243 7.56 37.55 -11.88
CA ALA A 243 7.03 38.07 -13.15
C ALA A 243 8.08 38.87 -13.90
N GLY A 244 8.86 39.65 -13.15
CA GLY A 244 9.96 40.40 -13.72
C GLY A 244 10.96 39.51 -14.36
N SER A 245 11.35 38.48 -13.63
CA SER A 245 12.29 37.48 -14.16
C SER A 245 11.81 36.84 -15.46
N VAL A 246 10.59 36.32 -15.45
CA VAL A 246 10.05 35.61 -16.59
C VAL A 246 9.80 36.54 -17.78
N MET A 247 9.10 37.65 -17.59
CA MET A 247 8.83 38.56 -18.73
C MET A 247 10.16 39.19 -19.16
N GLY A 248 11.02 39.54 -18.18
CA GLY A 248 12.33 40.03 -18.52
C GLY A 248 13.03 39.12 -19.52
N TYR A 249 13.12 37.85 -19.18
CA TYR A 249 13.73 36.88 -20.09
C TYR A 249 13.06 36.86 -21.47
N PHE A 250 11.73 36.73 -21.52
CA PHE A 250 11.05 36.60 -22.80
C PHE A 250 11.16 37.86 -23.68
N VAL A 251 11.18 39.04 -23.07
CA VAL A 251 11.36 40.28 -23.83
C VAL A 251 12.77 40.27 -24.44
N GLU A 252 13.77 39.89 -23.64
CA GLU A 252 15.14 39.82 -24.12
C GLU A 252 15.27 38.84 -25.30
N LYS A 253 14.60 37.69 -25.20
CA LYS A 253 14.76 36.63 -26.17
C LYS A 253 13.90 36.85 -27.42
N MET A 254 12.79 37.55 -27.29
CA MET A 254 11.88 37.77 -28.40
C MET A 254 11.83 39.25 -28.75
N GLN A 255 13.01 39.87 -28.78
CA GLN A 255 13.09 41.33 -28.85
C GLN A 255 12.19 41.93 -29.93
N GLU A 256 12.08 41.28 -31.09
CA GLU A 256 11.33 41.85 -32.23
C GLU A 256 9.81 41.68 -32.16
N ASN A 257 9.34 40.61 -31.53
CA ASN A 257 7.91 40.39 -31.34
C ASN A 257 7.59 40.17 -29.86
N ILE A 258 7.89 41.19 -29.04
CA ILE A 258 7.68 41.10 -27.59
C ILE A 258 6.19 40.80 -27.34
N PRO A 259 5.89 39.69 -26.63
CA PRO A 259 4.49 39.30 -26.49
C PRO A 259 3.70 40.19 -25.57
N ASN A 260 2.39 40.03 -25.65
CA ASN A 260 1.42 40.73 -24.82
C ASN A 260 1.51 40.17 -23.38
N ILE A 261 1.87 41.02 -22.42
CA ILE A 261 2.14 40.58 -21.04
C ILE A 261 1.08 41.08 -20.05
N ILE A 262 0.39 40.14 -19.41
CA ILE A 262 -0.67 40.42 -18.49
C ILE A 262 -0.24 39.97 -17.13
N VAL A 263 -0.39 40.84 -16.14
CA VAL A 263 0.04 40.55 -14.75
C VAL A 263 -1.21 40.51 -13.90
N VAL A 264 -1.33 39.50 -13.02
CA VAL A 264 -2.55 39.32 -12.23
C VAL A 264 -2.23 39.16 -10.76
N GLU A 265 -3.00 39.86 -9.94
CA GLU A 265 -2.87 39.86 -8.53
C GLU A 265 -4.26 39.59 -7.93
N PRO A 266 -4.30 39.16 -6.64
CA PRO A 266 -5.58 39.07 -5.95
C PRO A 266 -6.11 40.48 -5.67
N HIS A 267 -7.44 40.64 -5.65
CA HIS A 267 -8.06 41.90 -5.32
C HIS A 267 -7.44 42.55 -4.08
N GLN A 268 -7.32 41.75 -3.04
CA GLN A 268 -6.89 42.27 -1.75
C GLN A 268 -5.37 42.57 -1.66
N ALA A 269 -4.58 42.13 -2.63
CA ALA A 269 -3.14 42.39 -2.60
C ALA A 269 -2.68 42.81 -3.98
N ASN A 270 -3.26 43.90 -4.51
CA ASN A 270 -3.00 44.33 -5.89
C ASN A 270 -2.08 45.57 -6.03
N CYS A 271 -0.90 45.48 -5.42
CA CYS A 271 -0.01 46.65 -5.35
C CYS A 271 0.49 47.11 -6.72
N LEU A 272 0.85 46.17 -7.58
CA LEU A 272 1.32 46.52 -8.91
C LEU A 272 0.22 47.16 -9.73
N TYR A 273 -0.99 46.60 -9.64
CA TYR A 273 -2.19 47.21 -10.21
C TYR A 273 -2.33 48.66 -9.69
N GLN A 274 -2.39 48.78 -8.37
CA GLN A 274 -2.52 50.08 -7.72
C GLN A 274 -1.35 51.02 -8.09
N SER A 275 -0.14 50.48 -8.19
CA SER A 275 0.98 51.28 -8.60
C SER A 275 0.72 51.84 -9.99
N ALA A 276 0.15 51.02 -10.87
CA ALA A 276 -0.07 51.42 -12.23
C ALA A 276 -1.20 52.42 -12.31
N VAL A 277 -2.16 52.30 -11.40
CA VAL A 277 -3.27 53.25 -11.35
C VAL A 277 -2.74 54.64 -10.97
N MET A 278 -1.75 54.71 -10.08
CA MET A 278 -1.13 55.99 -9.69
C MET A 278 -0.31 56.68 -10.78
N ASP A 279 0.26 55.91 -11.72
CA ASP A 279 0.86 56.46 -12.93
C ASP A 279 1.97 57.52 -12.70
N ASP A 280 2.72 57.41 -11.61
CA ASP A 280 3.82 58.38 -11.41
C ASP A 280 5.20 57.78 -11.65
N GLY A 281 5.23 56.60 -12.27
CA GLY A 281 6.49 55.88 -12.54
C GLY A 281 7.06 55.05 -11.36
N GLN A 282 6.48 55.23 -10.17
CA GLN A 282 7.02 54.69 -8.95
C GLN A 282 6.11 53.55 -8.40
N PRO A 283 6.69 52.63 -7.61
CA PRO A 283 5.91 51.56 -7.02
C PRO A 283 5.14 52.13 -5.87
N HIS A 284 3.97 51.60 -5.59
CA HIS A 284 3.15 52.11 -4.48
C HIS A 284 2.62 50.95 -3.66
N CYS A 285 2.62 51.11 -2.33
CA CYS A 285 2.16 50.06 -1.43
C CYS A 285 0.62 50.01 -1.31
N VAL A 286 0.09 48.86 -0.89
CA VAL A 286 -1.31 48.76 -0.41
C VAL A 286 -1.20 48.32 1.04
N THR A 287 -2.08 48.82 1.89
CA THR A 287 -1.94 48.69 3.34
C THR A 287 -2.68 47.47 3.89
N ILE A 293 -6.93 33.88 -0.52
CA ILE A 293 -6.70 32.42 -0.70
C ILE A 293 -5.36 32.20 -1.38
N MET A 294 -4.93 33.17 -2.20
CA MET A 294 -3.69 33.11 -2.95
C MET A 294 -2.48 33.58 -2.08
N ALA A 295 -2.08 32.73 -1.16
CA ALA A 295 -1.16 33.14 -0.09
C ALA A 295 0.17 33.65 -0.60
N GLY A 296 0.69 33.05 -1.65
CA GLY A 296 1.98 33.43 -2.20
C GLY A 296 1.95 34.79 -2.87
N LEU A 297 0.78 35.23 -3.28
CA LEU A 297 0.66 36.51 -3.95
C LEU A 297 0.32 37.63 -2.99
N ALA A 298 0.10 37.29 -1.72
CA ALA A 298 -0.37 38.25 -0.76
C ALA A 298 0.82 39.08 -0.21
N CYS A 299 1.23 40.06 -1.03
CA CYS A 299 2.26 41.03 -0.68
C CYS A 299 1.82 42.47 -1.03
N GLY A 300 2.07 43.40 -0.11
CA GLY A 300 1.67 44.79 -0.26
C GLY A 300 2.70 45.71 -0.89
N GLU A 301 3.99 45.36 -0.77
CA GLU A 301 5.11 46.23 -1.20
C GLU A 301 5.86 45.65 -2.43
N PRO A 302 5.74 46.28 -3.59
CA PRO A 302 6.48 45.78 -4.75
C PRO A 302 7.99 45.79 -4.62
N ASN A 303 8.65 44.83 -5.25
CA ASN A 303 10.07 44.73 -5.23
C ASN A 303 10.58 45.82 -6.15
N ILE A 304 11.47 46.66 -5.64
CA ILE A 304 12.00 47.82 -6.40
C ILE A 304 12.95 47.42 -7.53
N ILE A 305 13.55 46.24 -7.44
CA ILE A 305 14.42 45.72 -8.52
C ILE A 305 13.60 45.21 -9.72
N SER A 306 12.45 44.61 -9.46
CA SER A 306 11.64 44.09 -10.57
C SER A 306 10.65 45.12 -11.13
N TRP A 307 10.32 46.13 -10.34
CA TRP A 307 9.33 47.14 -10.74
C TRP A 307 9.56 47.73 -12.13
N PRO A 308 10.79 48.21 -12.43
CA PRO A 308 11.00 48.82 -13.72
C PRO A 308 10.77 47.88 -14.88
N ILE A 309 11.20 46.62 -14.75
CA ILE A 309 10.94 45.65 -15.79
C ILE A 309 9.43 45.54 -15.96
N ILE A 310 8.73 45.45 -14.84
CA ILE A 310 7.27 45.27 -14.88
C ILE A 310 6.59 46.48 -15.51
N ARG A 311 6.96 47.66 -15.02
CA ARG A 311 6.40 48.90 -15.52
C ARG A 311 6.71 49.06 -17.00
N ASP A 312 7.92 48.77 -17.41
CA ASP A 312 8.30 49.02 -18.80
C ASP A 312 7.70 48.01 -19.79
N ASN A 313 7.32 46.83 -19.31
CA ASN A 313 6.92 45.77 -20.23
C ASN A 313 5.50 45.22 -20.09
N THR A 314 4.84 45.47 -18.97
CA THR A 314 3.49 44.94 -18.78
C THR A 314 2.54 45.73 -19.66
N SER A 315 1.59 45.04 -20.29
CA SER A 315 0.58 45.70 -21.11
C SER A 315 -0.70 45.93 -20.34
N CYS A 316 -1.09 44.98 -19.48
CA CYS A 316 -2.29 45.12 -18.69
C CYS A 316 -2.14 44.48 -17.32
N PHE A 317 -2.60 45.20 -16.30
CA PHE A 317 -2.64 44.73 -14.93
C PHE A 317 -4.05 44.30 -14.61
N ILE A 318 -4.19 43.13 -14.00
CA ILE A 318 -5.48 42.55 -13.67
C ILE A 318 -5.57 42.26 -12.17
N SER A 319 -6.71 42.54 -11.58
CA SER A 319 -7.00 42.20 -10.22
C SER A 319 -8.08 41.13 -10.33
N ALA A 320 -8.01 40.10 -9.50
CA ALA A 320 -8.90 38.97 -9.65
C ALA A 320 -9.42 38.43 -8.33
N ASP A 321 -10.67 38.02 -8.34
CA ASP A 321 -11.35 37.36 -7.23
C ASP A 321 -10.78 35.97 -6.98
N ASP A 322 -10.85 35.52 -5.75
CA ASP A 322 -10.25 34.23 -5.38
C ASP A 322 -10.85 33.06 -6.14
N CYS A 323 -12.13 33.16 -6.50
CA CYS A 323 -12.78 32.03 -7.12
C CYS A 323 -12.16 31.70 -8.47
N LEU A 324 -11.47 32.64 -9.08
CA LEU A 324 -10.78 32.34 -10.34
C LEU A 324 -9.57 31.45 -10.10
N ALA A 325 -8.86 31.67 -9.00
CA ALA A 325 -7.78 30.76 -8.61
C ALA A 325 -8.34 29.39 -8.33
N ALA A 326 -9.43 29.32 -7.59
CA ALA A 326 -10.07 28.03 -7.29
C ALA A 326 -10.51 27.32 -8.58
N LYS A 327 -11.04 28.10 -9.50
CA LYS A 327 -11.48 27.58 -10.79
C LYS A 327 -10.30 26.95 -11.49
N GLY A 328 -9.18 27.69 -11.51
CA GLY A 328 -7.98 27.27 -12.23
C GLY A 328 -7.42 25.96 -11.66
N MET A 329 -7.52 25.80 -10.35
CA MET A 329 -7.07 24.57 -9.73
C MET A 329 -7.93 23.38 -10.19
N ARG A 330 -9.24 23.60 -10.25
CA ARG A 330 -10.17 22.53 -10.72
C ARG A 330 -10.01 22.24 -12.22
N ILE A 331 -9.80 23.29 -13.01
CA ILE A 331 -9.58 23.06 -14.43
C ILE A 331 -8.32 22.21 -14.65
N SER A 332 -7.22 22.66 -14.07
CA SER A 332 -5.93 21.95 -14.14
C SER A 332 -6.01 20.51 -13.66
N ALA A 333 -6.79 20.29 -12.60
CA ALA A 333 -6.91 18.95 -12.05
C ALA A 333 -7.82 18.01 -12.88
N ALA A 334 -8.82 18.60 -13.56
CA ALA A 334 -9.89 17.78 -14.14
C ALA A 334 -10.16 18.08 -15.59
N PRO A 335 -9.14 17.91 -16.43
CA PRO A 335 -9.45 17.87 -17.86
C PRO A 335 -10.31 16.64 -18.16
N ARG A 336 -11.00 16.65 -19.28
CA ARG A 336 -11.82 15.50 -19.66
C ARG A 336 -10.91 14.30 -19.83
N PRO A 337 -11.34 13.14 -19.37
CA PRO A 337 -10.46 11.99 -19.34
C PRO A 337 -9.68 11.72 -20.62
N GLY A 338 -10.28 11.87 -21.77
CA GLY A 338 -9.47 11.56 -22.96
C GLY A 338 -8.17 12.36 -23.15
N THR A 339 -8.09 13.57 -22.61
CA THR A 339 -7.59 14.69 -23.35
C THR A 339 -6.28 15.31 -22.83
N ASP A 340 -6.34 16.51 -22.27
CA ASP A 340 -5.13 17.15 -21.77
C ASP A 340 -4.62 16.40 -20.54
N THR A 341 -3.37 16.62 -20.19
CA THR A 341 -2.78 15.96 -19.03
C THR A 341 -3.22 16.62 -17.73
N PRO A 342 -3.76 15.82 -16.78
CA PRO A 342 -4.22 16.43 -15.52
C PRO A 342 -3.03 16.71 -14.60
N PHE A 343 -3.06 17.83 -13.90
CA PHE A 343 -1.95 18.13 -13.04
C PHE A 343 -2.37 18.93 -11.80
N ILE A 344 -1.44 18.99 -10.85
CA ILE A 344 -1.69 19.54 -9.56
C ILE A 344 -1.16 20.94 -9.54
N SER A 345 -2.07 21.90 -9.36
CA SER A 345 -1.78 23.30 -9.37
C SER A 345 -2.49 23.95 -8.23
N GLY A 346 -1.71 24.64 -7.40
CA GLY A 346 -2.12 25.19 -6.13
C GLY A 346 -2.71 26.58 -6.24
N GLU A 347 -3.07 27.14 -5.09
CA GLU A 347 -3.83 28.39 -5.04
C GLU A 347 -3.17 29.56 -5.77
N SER A 348 -1.87 29.73 -5.64
CA SER A 348 -1.18 30.85 -6.28
C SER A 348 -0.65 30.45 -7.67
N GLY A 349 -0.70 29.15 -7.97
CA GLY A 349 -0.26 28.66 -9.25
C GLY A 349 -1.28 28.54 -10.38
N ALA A 350 -2.57 28.52 -10.08
CA ALA A 350 -3.61 28.21 -11.05
C ALA A 350 -4.41 29.44 -11.46
N ILE A 351 -4.10 30.58 -10.87
CA ILE A 351 -4.80 31.80 -11.19
C ILE A 351 -4.78 32.13 -12.68
N GLY A 352 -3.69 31.77 -13.36
CA GLY A 352 -3.56 31.99 -14.77
C GLY A 352 -4.70 31.37 -15.58
N VAL A 353 -4.87 30.05 -15.54
CA VAL A 353 -5.91 29.39 -16.36
C VAL A 353 -7.26 29.83 -15.91
N GLY A 354 -7.39 30.10 -14.63
CA GLY A 354 -8.67 30.56 -14.11
C GLY A 354 -9.10 31.87 -14.74
N LEU A 355 -8.16 32.79 -14.84
CA LEU A 355 -8.41 34.07 -15.38
C LEU A 355 -8.70 33.87 -16.83
N LEU A 356 -7.92 33.03 -17.46
CA LEU A 356 -8.04 32.86 -18.89
C LEU A 356 -9.44 32.30 -19.24
N TYR A 357 -9.89 31.31 -18.47
CA TYR A 357 -11.19 30.69 -18.69
C TYR A 357 -12.29 31.73 -18.60
N GLU A 358 -12.30 32.47 -17.51
CA GLU A 358 -13.27 33.54 -17.33
C GLU A 358 -13.18 34.55 -18.51
N LEU A 359 -11.97 34.94 -18.89
CA LEU A 359 -11.80 35.87 -19.98
C LEU A 359 -12.49 35.39 -21.23
N MET A 360 -12.44 34.10 -21.49
CA MET A 360 -12.88 33.60 -22.76
C MET A 360 -14.29 33.06 -22.72
N ASN A 361 -14.86 33.03 -21.54
CA ASN A 361 -16.11 32.34 -21.33
C ASN A 361 -17.22 33.17 -20.70
N ASN A 362 -16.85 34.09 -19.82
CA ASN A 362 -17.80 34.99 -19.20
C ASN A 362 -18.06 36.12 -20.16
N MET A 363 -19.32 36.26 -20.57
CA MET A 363 -19.66 37.18 -21.63
C MET A 363 -19.43 38.65 -21.23
N HIS A 364 -19.53 38.96 -19.94
CA HIS A 364 -19.26 40.32 -19.44
C HIS A 364 -17.84 40.80 -19.76
N TYR A 365 -16.96 39.89 -20.25
CA TYR A 365 -15.57 40.25 -20.53
C TYR A 365 -15.11 40.05 -21.97
N GLN A 366 -16.01 39.72 -22.90
CA GLN A 366 -15.62 39.55 -24.33
C GLN A 366 -14.89 40.80 -24.84
N ASP A 367 -15.35 41.97 -24.41
CA ASP A 367 -14.70 43.25 -24.73
C ASP A 367 -13.23 43.31 -24.30
N LEU A 368 -13.02 43.08 -23.01
CA LEU A 368 -11.69 42.98 -22.43
C LEU A 368 -10.86 41.95 -23.16
N ALA A 369 -11.45 40.78 -23.38
CA ALA A 369 -10.75 39.71 -24.10
C ALA A 369 -10.34 40.12 -25.49
N ASN A 370 -11.26 40.83 -26.17
CA ASN A 370 -10.99 41.28 -27.53
C ASN A 370 -9.92 42.32 -27.53
N ARG A 371 -10.07 43.26 -26.61
CA ARG A 371 -9.07 44.28 -26.42
C ARG A 371 -7.67 43.68 -26.09
N LEU A 372 -7.64 42.68 -25.23
CA LEU A 372 -6.42 41.92 -24.93
C LEU A 372 -5.94 41.00 -26.07
N GLN A 373 -6.74 40.87 -27.13
CA GLN A 373 -6.40 40.07 -28.30
C GLN A 373 -6.31 38.56 -28.02
N LEU A 374 -7.20 38.08 -27.17
CA LEU A 374 -7.33 36.66 -26.90
C LEU A 374 -8.35 36.07 -27.87
N ASP A 375 -7.86 35.28 -28.82
CA ASP A 375 -8.67 34.66 -29.87
C ASP A 375 -7.90 33.50 -30.47
N ALA A 376 -8.50 32.84 -31.44
CA ALA A 376 -7.89 31.62 -31.98
C ALA A 376 -6.47 31.75 -32.58
N SER A 377 -5.98 32.99 -32.67
CA SER A 377 -4.61 33.30 -33.08
C SER A 377 -3.58 33.45 -31.88
N ALA A 378 -4.11 33.50 -30.66
CA ALA A 378 -3.31 33.79 -29.47
C ALA A 378 -2.72 32.51 -28.87
N HIS A 379 -1.40 32.53 -28.64
CA HIS A 379 -0.70 31.41 -28.04
C HIS A 379 -0.23 31.85 -26.65
N VAL A 380 -0.82 31.26 -25.62
CA VAL A 380 -0.66 31.75 -24.26
C VAL A 380 0.25 30.85 -23.44
N LEU A 381 1.26 31.44 -22.84
CA LEU A 381 2.10 30.75 -21.84
C LEU A 381 1.70 31.19 -20.45
N LEU A 382 1.47 30.21 -19.58
CA LEU A 382 1.12 30.38 -18.17
C LEU A 382 2.11 29.61 -17.35
N ILE A 383 2.34 30.03 -16.10
CA ILE A 383 3.20 29.27 -15.23
C ILE A 383 2.53 28.89 -13.96
N SER A 384 2.39 27.58 -13.75
CA SER A 384 1.86 27.05 -12.50
C SER A 384 2.98 26.96 -11.48
N THR A 385 3.00 27.93 -10.57
CA THR A 385 4.13 28.16 -9.75
C THR A 385 4.26 27.18 -8.56
N GLU A 386 3.17 26.56 -8.17
CA GLU A 386 3.20 25.58 -7.06
C GLU A 386 2.15 24.49 -7.24
N GLY A 387 2.36 23.36 -6.58
CA GLY A 387 1.38 22.31 -6.50
C GLY A 387 0.56 22.47 -5.23
N ASP A 388 0.15 21.34 -4.66
CA ASP A 388 -0.66 21.30 -3.46
C ASP A 388 0.19 21.51 -2.20
N THR A 389 0.66 22.75 -2.00
CA THR A 389 1.51 23.09 -0.88
C THR A 389 0.80 22.98 0.47
N SER A 390 -0.53 23.09 0.50
CA SER A 390 -1.34 22.54 1.63
C SER A 390 -2.43 21.61 1.12
N PRO A 391 -2.17 20.30 1.19
CA PRO A 391 -3.09 19.27 0.70
C PRO A 391 -4.53 19.42 1.16
N ASP A 392 -4.74 19.85 2.39
CA ASP A 392 -6.09 20.01 2.90
C ASP A 392 -6.80 21.09 2.14
N ILE A 393 -6.15 22.23 1.95
CA ILE A 393 -6.80 23.34 1.26
C ILE A 393 -7.10 22.92 -0.17
N TYR A 394 -6.15 22.21 -0.77
CA TYR A 394 -6.27 21.76 -2.15
C TYR A 394 -7.48 20.82 -2.34
N GLU A 395 -7.66 19.87 -1.44
CA GLU A 395 -8.75 18.91 -1.57
C GLU A 395 -10.05 19.63 -1.36
N ASP A 396 -10.05 20.55 -0.41
CA ASP A 396 -11.25 21.30 -0.07
C ASP A 396 -11.73 22.14 -1.27
N ILE A 397 -10.77 22.61 -2.08
CA ILE A 397 -11.12 23.40 -3.26
C ILE A 397 -11.52 22.50 -4.44
N VAL A 398 -10.73 21.46 -4.69
CA VAL A 398 -10.85 20.69 -5.90
C VAL A 398 -11.93 19.62 -5.78
N TRP A 399 -12.12 19.06 -4.61
CA TRP A 399 -13.15 18.06 -4.43
C TRP A 399 -14.43 18.67 -3.85
N ASN A 400 -14.34 19.45 -2.75
CA ASN A 400 -15.54 19.98 -2.10
C ASN A 400 -16.01 21.30 -2.63
N GLY A 401 -15.26 21.88 -3.57
CA GLY A 401 -15.53 23.23 -3.97
C GLY A 401 -14.92 24.08 -2.89
N GLN B 8 -24.73 17.23 4.83
CA GLN B 8 -25.92 16.70 5.56
C GLN B 8 -26.36 15.31 5.02
N PHE B 9 -26.23 14.30 5.87
CA PHE B 9 -26.75 12.96 5.64
C PHE B 9 -27.82 12.73 6.70
N ASN B 10 -29.04 12.37 6.28
CA ASN B 10 -30.05 11.86 7.22
C ASN B 10 -30.02 10.34 7.11
N THR B 11 -30.11 9.69 8.27
CA THR B 11 -29.98 8.24 8.41
C THR B 11 -31.40 7.67 8.67
N ARG B 12 -31.68 6.45 8.23
CA ARG B 12 -32.85 5.70 8.72
C ARG B 12 -32.60 4.23 8.45
N ARG B 13 -32.22 3.49 9.48
CA ARG B 13 -32.01 2.05 9.30
C ARG B 13 -33.33 1.29 9.22
N LYS B 14 -33.33 0.15 8.54
CA LYS B 14 -34.57 -0.54 8.23
C LYS B 14 -34.90 -1.65 9.20
N LYS B 15 -36.00 -1.46 9.92
CA LYS B 15 -36.54 -2.46 10.83
C LYS B 15 -36.94 -3.71 10.02
N TYR B 16 -37.71 -3.48 8.94
CA TYR B 16 -38.32 -4.54 8.13
C TYR B 16 -37.36 -5.31 7.19
N GLY B 17 -36.05 -5.08 7.32
CA GLY B 17 -35.05 -5.81 6.53
C GLY B 17 -35.11 -7.31 6.81
N THR B 18 -34.71 -8.12 5.83
CA THR B 18 -34.71 -9.60 5.96
C THR B 18 -33.90 -10.28 4.85
N SER B 23 -35.47 -13.20 -7.13
CA SER B 23 -36.55 -14.07 -7.59
C SER B 23 -37.04 -13.61 -8.97
N LEU B 24 -37.58 -12.39 -9.03
CA LEU B 24 -37.78 -11.68 -10.31
C LEU B 24 -36.43 -11.31 -10.98
N LEU B 25 -35.36 -11.29 -10.16
CA LEU B 25 -33.99 -11.10 -10.64
C LEU B 25 -33.16 -12.39 -10.62
N ASN B 26 -33.79 -13.54 -10.90
CA ASN B 26 -33.08 -14.83 -10.87
C ASN B 26 -32.23 -15.05 -12.10
N GLY B 27 -31.36 -16.06 -12.03
CA GLY B 27 -30.34 -16.33 -13.06
C GLY B 27 -30.85 -16.68 -14.45
N ASN B 28 -32.06 -17.27 -14.50
CA ASN B 28 -32.74 -17.57 -15.78
C ASN B 28 -33.18 -16.28 -16.50
N VAL B 29 -33.72 -15.34 -15.72
CA VAL B 29 -34.01 -14.02 -16.27
C VAL B 29 -32.67 -13.38 -16.68
N GLY B 30 -31.68 -13.44 -15.79
CA GLY B 30 -30.34 -12.94 -16.08
C GLY B 30 -29.82 -13.38 -17.45
N HIS B 31 -29.96 -14.69 -17.74
CA HIS B 31 -29.44 -15.25 -18.98
C HIS B 31 -30.28 -14.80 -20.17
N GLU B 32 -31.60 -14.74 -20.00
CA GLU B 32 -32.45 -14.23 -21.08
C GLU B 32 -32.06 -12.79 -21.44
N VAL B 33 -31.97 -11.94 -20.41
CA VAL B 33 -31.67 -10.53 -20.57
C VAL B 33 -30.29 -10.30 -21.21
N LEU B 34 -29.28 -11.01 -20.68
CA LEU B 34 -27.91 -10.84 -21.21
C LEU B 34 -27.80 -11.39 -22.63
N ALA B 35 -28.44 -12.53 -22.87
CA ALA B 35 -28.51 -13.08 -24.23
C ALA B 35 -29.03 -12.03 -25.20
N PHE B 36 -30.10 -11.35 -24.78
CA PHE B 36 -30.72 -10.29 -25.58
C PHE B 36 -29.81 -9.10 -25.81
N HIS B 37 -29.18 -8.60 -24.75
CA HIS B 37 -28.35 -7.40 -24.89
C HIS B 37 -27.15 -7.65 -25.75
N LYS B 38 -26.60 -8.86 -25.65
CA LYS B 38 -25.39 -9.20 -26.44
C LYS B 38 -25.63 -9.15 -27.96
N LYS B 39 -26.86 -9.43 -28.40
CA LYS B 39 -27.21 -9.32 -29.81
C LYS B 39 -27.39 -7.87 -30.28
N LEU B 40 -27.47 -6.93 -29.36
CA LEU B 40 -27.68 -5.53 -29.71
C LEU B 40 -26.45 -4.79 -30.20
N PRO B 41 -26.68 -3.75 -31.03
CA PRO B 41 -25.64 -2.88 -31.55
C PRO B 41 -24.94 -2.14 -30.43
N ASN B 42 -23.62 -2.14 -30.48
CA ASN B 42 -22.78 -1.46 -29.51
C ASN B 42 -22.82 -2.09 -28.11
N TYR B 43 -23.37 -3.30 -27.93
CA TYR B 43 -23.17 -3.97 -26.65
C TYR B 43 -21.67 -4.08 -26.34
N ALA B 44 -21.32 -3.76 -25.10
CA ALA B 44 -19.98 -3.99 -24.59
C ALA B 44 -20.05 -3.86 -23.09
N VAL B 45 -19.27 -4.68 -22.40
CA VAL B 45 -19.16 -4.57 -20.97
C VAL B 45 -18.64 -3.18 -20.69
N THR B 46 -19.26 -2.49 -19.75
CA THR B 46 -18.79 -1.21 -19.34
C THR B 46 -17.66 -1.40 -18.31
N PRO B 47 -16.78 -0.42 -18.18
CA PRO B 47 -15.68 -0.48 -17.23
C PRO B 47 -16.12 -0.54 -15.79
N LEU B 48 -15.35 -1.26 -14.97
CA LEU B 48 -15.54 -1.24 -13.53
C LEU B 48 -14.29 -0.67 -12.93
N HIS B 49 -14.34 0.59 -12.52
CA HIS B 49 -13.15 1.27 -12.01
C HIS B 49 -12.81 0.90 -10.58
N ASN B 50 -11.57 0.48 -10.36
CA ASN B 50 -11.08 0.16 -9.02
C ASN B 50 -10.42 1.36 -8.43
N LEU B 51 -11.06 1.99 -7.48
CA LEU B 51 -10.53 3.21 -6.90
C LEU B 51 -9.67 2.90 -5.66
N ALA B 52 -8.57 2.19 -5.90
CA ALA B 52 -7.76 1.65 -4.81
C ALA B 52 -7.08 2.76 -4.01
N HIS B 53 -6.63 3.80 -4.72
CA HIS B 53 -5.97 4.94 -4.09
C HIS B 53 -6.94 5.73 -3.23
N LEU B 54 -8.16 5.92 -3.72
CA LEU B 54 -9.21 6.53 -2.91
C LEU B 54 -9.57 5.66 -1.73
N SER B 55 -9.49 4.34 -1.94
CA SER B 55 -9.78 3.34 -0.92
C SER B 55 -8.78 3.46 0.26
N GLN B 56 -7.52 3.71 -0.06
CA GLN B 56 -6.49 3.93 0.94
C GLN B 56 -6.76 5.24 1.67
N ARG B 57 -6.91 6.32 0.91
CA ARG B 57 -7.15 7.66 1.45
C ARG B 57 -8.35 7.72 2.43
N LEU B 58 -9.29 6.80 2.31
CA LEU B 58 -10.50 6.80 3.14
C LEU B 58 -10.55 5.67 4.18
N GLY B 59 -9.64 4.70 4.12
CA GLY B 59 -9.62 3.59 5.09
C GLY B 59 -10.59 2.47 4.78
N LEU B 60 -10.69 2.11 3.51
CA LEU B 60 -11.63 1.13 3.08
C LEU B 60 -10.88 0.02 2.37
N GLY B 61 -11.46 -1.17 2.35
CA GLY B 61 -10.85 -2.28 1.65
C GLY B 61 -10.74 -1.97 0.17
N SER B 62 -11.89 -1.76 -0.46
CA SER B 62 -11.92 -1.52 -1.90
C SER B 62 -13.13 -0.73 -2.28
N ILE B 63 -12.96 0.09 -3.31
CA ILE B 63 -14.05 0.82 -3.96
C ILE B 63 -14.01 0.48 -5.41
N HIS B 64 -15.09 -0.05 -5.92
CA HIS B 64 -15.26 -0.23 -7.33
C HIS B 64 -16.47 0.59 -7.79
N ILE B 65 -16.36 1.26 -8.94
CA ILE B 65 -17.49 2.00 -9.49
C ILE B 65 -17.78 1.58 -10.93
N LYS B 66 -19.00 1.10 -11.15
CA LYS B 66 -19.40 0.65 -12.48
C LYS B 66 -19.74 1.90 -13.26
N ASP B 67 -19.07 2.11 -14.39
CA ASP B 67 -19.18 3.33 -15.16
C ASP B 67 -20.16 3.16 -16.30
N GLU B 68 -21.41 3.53 -16.08
CA GLU B 68 -22.42 3.33 -17.13
C GLU B 68 -22.51 4.52 -18.07
N SER B 69 -21.63 5.50 -17.95
CA SER B 69 -21.58 6.57 -18.96
C SER B 69 -21.26 6.04 -20.39
N TRP B 70 -20.71 4.82 -20.47
CA TRP B 70 -20.37 4.18 -21.74
C TRP B 70 -21.48 3.35 -22.37
N ARG B 71 -22.52 3.05 -21.61
CA ARG B 71 -23.55 2.12 -22.05
C ARG B 71 -24.24 2.53 -23.34
N PHE B 72 -24.04 1.73 -24.39
CA PHE B 72 -24.68 1.90 -25.69
C PHE B 72 -24.44 3.27 -26.33
N GLY B 73 -23.44 4.00 -25.84
CA GLY B 73 -23.17 5.34 -26.39
C GLY B 73 -24.17 6.37 -25.97
N LEU B 74 -24.98 6.05 -24.97
CA LEU B 74 -26.09 6.90 -24.58
C LEU B 74 -25.81 7.73 -23.33
N ASN B 75 -24.63 7.58 -22.76
CA ASN B 75 -24.22 8.35 -21.59
C ASN B 75 -25.00 8.06 -20.34
N ALA B 76 -25.64 6.89 -20.31
CA ALA B 76 -26.40 6.43 -19.13
C ALA B 76 -26.80 4.96 -19.26
N PHE B 77 -27.17 4.36 -18.15
CA PHE B 77 -27.43 2.93 -18.13
C PHE B 77 -28.83 2.52 -18.64
N1 LLP B 78 -29.37 7.49 -11.87
C2 LLP B 78 -29.71 8.05 -13.06
C2' LLP B 78 -28.72 8.84 -13.83
C3 LLP B 78 -31.06 7.88 -13.63
O3 LLP B 78 -31.37 8.43 -14.84
C4 LLP B 78 -32.03 7.08 -12.83
C4' LLP B 78 -33.42 6.87 -13.36
C5 LLP B 78 -31.54 6.52 -11.54
C6 LLP B 78 -30.22 6.77 -11.15
C5' LLP B 78 -32.41 5.68 -10.61
OP4 LLP B 78 -33.62 5.42 -11.24
P LLP B 78 -34.88 4.78 -10.59
OP1 LLP B 78 -35.10 3.56 -11.43
OP2 LLP B 78 -34.77 4.52 -9.12
OP3 LLP B 78 -35.84 5.88 -10.88
N LLP B 78 -29.79 3.44 -18.63
CA LLP B 78 -31.23 3.07 -18.74
CB LLP B 78 -32.07 4.33 -18.62
CG LLP B 78 -32.13 4.75 -17.17
CD LLP B 78 -33.53 5.13 -16.73
CE LLP B 78 -33.59 5.25 -15.24
NZ LLP B 78 -33.37 6.58 -14.79
C LLP B 78 -31.69 2.30 -19.93
O LLP B 78 -32.71 1.60 -19.86
N GLY B 79 -30.95 2.44 -21.01
CA GLY B 79 -31.20 1.74 -22.24
C GLY B 79 -31.31 0.24 -22.10
N LEU B 80 -30.58 -0.30 -21.15
CA LEU B 80 -30.68 -1.71 -20.85
C LEU B 80 -32.12 -2.08 -20.58
N GLY B 81 -32.80 -1.25 -19.82
CA GLY B 81 -34.19 -1.51 -19.47
C GLY B 81 -35.13 -1.29 -20.64
N GLY B 82 -35.12 -0.08 -21.17
CA GLY B 82 -36.06 0.28 -22.23
C GLY B 82 -35.96 -0.71 -23.39
N SER B 83 -34.74 -1.10 -23.74
CA SER B 83 -34.56 -1.96 -24.87
C SER B 83 -35.21 -3.32 -24.58
N TYR B 84 -34.90 -3.88 -23.43
CA TYR B 84 -35.39 -5.19 -23.07
C TYR B 84 -36.91 -5.14 -23.00
N ALA B 85 -37.46 -4.10 -22.40
CA ALA B 85 -38.90 -4.01 -22.25
C ALA B 85 -39.58 -3.88 -23.59
N VAL B 86 -38.95 -3.17 -24.52
CA VAL B 86 -39.52 -2.98 -25.85
C VAL B 86 -39.51 -4.34 -26.58
N GLY B 87 -38.38 -5.04 -26.47
CA GLY B 87 -38.24 -6.37 -27.04
C GLY B 87 -39.28 -7.35 -26.53
N LYS B 88 -39.51 -7.33 -25.23
CA LYS B 88 -40.43 -8.25 -24.62
C LYS B 88 -41.86 -7.93 -24.99
N TYR B 89 -42.18 -6.62 -25.02
CA TYR B 89 -43.48 -6.18 -25.46
C TYR B 89 -43.79 -6.69 -26.86
N LEU B 90 -42.84 -6.51 -27.79
CA LEU B 90 -43.04 -6.90 -29.16
C LEU B 90 -43.06 -8.44 -29.32
N ALA B 91 -42.23 -9.12 -28.54
CA ALA B 91 -42.23 -10.56 -28.54
C ALA B 91 -43.59 -11.08 -28.13
N ASP B 92 -44.22 -10.40 -27.17
CA ASP B 92 -45.49 -10.84 -26.65
C ASP B 92 -46.62 -10.49 -27.63
N LYS B 93 -46.53 -9.33 -28.29
CA LYS B 93 -47.49 -8.95 -29.34
C LYS B 93 -47.42 -9.96 -30.49
N LEU B 94 -46.20 -10.37 -30.85
CA LEU B 94 -45.99 -11.37 -31.90
C LEU B 94 -46.09 -12.81 -31.40
N GLN B 95 -46.39 -13.00 -30.12
CA GLN B 95 -46.43 -14.34 -29.52
C GLN B 95 -45.22 -15.20 -29.93
N CYS B 96 -44.02 -14.84 -29.47
CA CYS B 96 -42.83 -15.68 -29.68
C CYS B 96 -41.77 -15.33 -28.65
N ASP B 97 -40.80 -16.21 -28.46
CA ASP B 97 -39.77 -16.02 -27.42
C ASP B 97 -38.76 -14.94 -27.80
N ILE B 98 -38.30 -14.17 -26.82
CA ILE B 98 -37.04 -13.44 -26.97
C ILE B 98 -36.03 -14.54 -27.34
N ASN B 99 -35.43 -14.42 -28.52
CA ASN B 99 -34.75 -15.55 -29.19
C ASN B 99 -34.47 -15.08 -30.61
N SER B 100 -35.54 -14.87 -31.38
CA SER B 100 -35.47 -14.05 -32.60
C SER B 100 -35.47 -12.58 -32.21
N LYS B 112 -41.98 -6.50 -39.57
CA LYS B 112 -42.53 -5.18 -39.24
C LYS B 112 -44.02 -4.90 -39.56
N GLU B 113 -44.63 -5.59 -40.51
CA GLU B 113 -46.04 -5.32 -40.87
C GLU B 113 -46.98 -5.47 -39.66
N LYS B 114 -46.72 -6.47 -38.81
CA LYS B 114 -47.58 -6.77 -37.65
C LYS B 114 -47.41 -5.80 -36.46
N ILE B 115 -46.35 -5.00 -36.49
CA ILE B 115 -46.06 -4.06 -35.42
C ILE B 115 -45.79 -2.63 -35.96
N LYS B 116 -46.33 -2.29 -37.13
CA LYS B 116 -46.08 -1.01 -37.78
C LYS B 116 -46.66 0.19 -37.04
N ASP B 117 -47.82 -0.02 -36.38
CA ASP B 117 -48.58 1.03 -35.68
C ASP B 117 -48.20 1.20 -34.22
N CYS B 118 -47.25 0.40 -33.73
CA CYS B 118 -46.75 0.51 -32.36
C CYS B 118 -46.04 1.85 -32.16
N VAL B 119 -46.51 2.56 -31.16
CA VAL B 119 -46.00 3.86 -30.78
C VAL B 119 -45.76 3.82 -29.29
N PHE B 120 -44.51 4.09 -28.91
CA PHE B 120 -44.16 4.09 -27.50
C PHE B 120 -44.33 5.49 -27.00
N VAL B 121 -44.79 5.61 -25.77
CA VAL B 121 -44.92 6.92 -25.14
C VAL B 121 -44.38 6.81 -23.72
N THR B 122 -43.67 7.85 -23.27
CA THR B 122 -43.18 7.96 -21.88
C THR B 122 -42.97 9.37 -21.40
N ALA B 123 -42.88 9.51 -20.08
CA ALA B 123 -42.26 10.65 -19.48
C ALA B 123 -40.84 10.30 -19.05
N THR B 124 -39.99 11.31 -18.94
CA THR B 124 -38.59 11.16 -18.52
C THR B 124 -37.97 12.49 -18.09
N ASP B 125 -37.03 12.41 -17.16
CA ASP B 125 -36.14 13.52 -16.82
C ASP B 125 -34.95 13.52 -17.75
N GLY B 126 -34.83 12.49 -18.58
CA GLY B 126 -33.87 12.50 -19.68
C GLY B 126 -33.32 11.12 -20.09
N ASN B 127 -32.84 10.34 -19.13
CA ASN B 127 -32.18 9.06 -19.49
C ASN B 127 -33.12 7.94 -19.91
N HIS B 128 -34.23 7.80 -19.22
CA HIS B 128 -35.18 6.78 -19.60
C HIS B 128 -35.71 6.97 -21.03
N GLY B 129 -36.11 8.21 -21.31
CA GLY B 129 -36.70 8.56 -22.59
C GLY B 129 -35.73 8.36 -23.71
N ARG B 130 -34.50 8.80 -23.47
CA ARG B 130 -33.43 8.57 -24.42
C ARG B 130 -33.33 7.09 -24.74
N GLY B 131 -33.35 6.25 -23.70
CA GLY B 131 -33.27 4.78 -23.90
C GLY B 131 -34.42 4.26 -24.74
N VAL B 132 -35.63 4.70 -24.44
CA VAL B 132 -36.78 4.27 -25.22
C VAL B 132 -36.68 4.81 -26.63
N ALA B 133 -36.31 6.07 -26.77
CA ALA B 133 -36.22 6.69 -28.10
C ALA B 133 -35.20 5.97 -28.99
N TRP B 134 -34.10 5.59 -28.36
CA TRP B 134 -33.06 4.86 -29.03
C TRP B 134 -33.52 3.48 -29.50
N ALA B 135 -34.13 2.73 -28.60
CA ALA B 135 -34.72 1.43 -29.00
C ALA B 135 -35.78 1.57 -30.13
N ALA B 136 -36.64 2.58 -30.03
CA ALA B 136 -37.65 2.82 -31.07
C ALA B 136 -36.98 3.10 -32.41
N GLU B 137 -35.92 3.91 -32.38
CA GLU B 137 -35.17 4.27 -33.58
C GLU B 137 -34.58 3.05 -34.22
N GLN B 138 -34.06 2.12 -33.42
CA GLN B 138 -33.49 0.90 -33.97
C GLN B 138 -34.54 0.14 -34.79
N LEU B 139 -35.80 0.15 -34.34
CA LEU B 139 -36.86 -0.62 -34.99
C LEU B 139 -37.68 0.23 -35.98
N GLY B 140 -37.24 1.45 -36.25
CA GLY B 140 -38.02 2.39 -37.06
C GLY B 140 -39.43 2.71 -36.54
N LEU B 141 -39.64 2.53 -35.24
CA LEU B 141 -40.92 2.83 -34.63
C LEU B 141 -40.93 4.23 -34.07
N LYS B 142 -42.14 4.75 -33.90
CA LYS B 142 -42.32 6.11 -33.41
C LYS B 142 -42.29 6.05 -31.90
N ALA B 143 -41.84 7.15 -31.29
CA ALA B 143 -41.77 7.27 -29.85
C ALA B 143 -42.09 8.71 -29.48
N VAL B 144 -42.87 8.89 -28.44
CA VAL B 144 -43.31 10.20 -28.03
C VAL B 144 -42.88 10.35 -26.59
N VAL B 145 -42.25 11.47 -26.30
CA VAL B 145 -41.65 11.68 -25.00
C VAL B 145 -42.06 13.02 -24.38
N TYR B 146 -42.47 12.98 -23.11
CA TYR B 146 -42.81 14.19 -22.34
C TYR B 146 -41.80 14.39 -21.20
N MET B 147 -41.33 15.63 -21.03
CA MET B 147 -40.45 15.94 -19.93
C MET B 147 -41.08 16.98 -19.02
N PRO B 148 -40.74 16.93 -17.74
CA PRO B 148 -41.21 17.95 -16.81
C PRO B 148 -40.67 19.37 -17.02
N LYS B 149 -41.44 20.35 -16.55
CA LYS B 149 -41.00 21.75 -16.47
C LYS B 149 -39.58 21.77 -15.89
N GLY B 150 -38.69 22.53 -16.50
CA GLY B 150 -37.37 22.74 -15.90
C GLY B 150 -36.29 21.85 -16.43
N SER B 151 -36.68 20.77 -17.12
CA SER B 151 -35.78 19.88 -17.84
C SER B 151 -34.81 20.67 -18.70
N SER B 152 -33.57 20.19 -18.78
CA SER B 152 -32.54 20.89 -19.55
C SER B 152 -32.82 20.66 -21.02
N LEU B 153 -32.64 21.67 -21.84
CA LEU B 153 -32.91 21.59 -23.28
C LEU B 153 -32.05 20.58 -24.01
N ILE B 154 -30.80 20.41 -23.59
CA ILE B 154 -29.89 19.53 -24.31
C ILE B 154 -30.36 18.08 -24.15
N ARG B 155 -30.92 17.74 -23.00
CA ARG B 155 -31.47 16.40 -22.79
C ARG B 155 -32.62 16.09 -23.75
N ALA B 156 -33.47 17.10 -24.02
CA ALA B 156 -34.57 16.97 -25.00
C ALA B 156 -34.05 16.82 -26.41
N GLU B 157 -33.11 17.69 -26.80
CA GLU B 157 -32.43 17.63 -28.10
C GLU B 157 -31.92 16.21 -28.35
N ASN B 158 -31.22 15.65 -27.36
CA ASN B 158 -30.61 14.35 -27.51
C ASN B 158 -31.63 13.23 -27.69
N ILE B 159 -32.81 13.42 -27.13
CA ILE B 159 -33.92 12.53 -27.40
C ILE B 159 -34.48 12.71 -28.82
N ARG B 160 -34.57 13.97 -29.26
CA ARG B 160 -35.08 14.24 -30.62
C ARG B 160 -34.19 13.72 -31.70
N HIS B 161 -32.88 13.74 -31.46
CA HIS B 161 -31.91 13.19 -32.44
C HIS B 161 -32.05 11.67 -32.70
N HIS B 162 -32.82 10.93 -31.91
CA HIS B 162 -33.10 9.53 -32.27
C HIS B 162 -34.33 9.44 -33.17
N GLY B 163 -34.94 10.59 -33.44
CA GLY B 163 -36.10 10.64 -34.32
C GLY B 163 -37.41 10.63 -33.55
N ALA B 164 -37.32 10.70 -32.21
CA ALA B 164 -38.47 10.67 -31.33
C ALA B 164 -39.05 12.07 -31.19
N GLU B 165 -40.32 12.13 -30.85
CA GLU B 165 -40.93 13.39 -30.57
C GLU B 165 -40.69 13.62 -29.09
N CYS B 166 -40.37 14.85 -28.70
CA CYS B 166 -40.05 15.17 -27.31
C CYS B 166 -40.56 16.55 -27.05
N THR B 167 -41.19 16.73 -25.91
CA THR B 167 -41.84 17.94 -25.56
C THR B 167 -41.62 18.23 -24.08
N ILE B 168 -41.03 19.39 -23.81
CA ILE B 168 -40.85 19.84 -22.45
C ILE B 168 -42.19 20.40 -22.02
N THR B 169 -42.79 19.76 -21.03
CA THR B 169 -44.14 20.11 -20.62
C THR B 169 -44.11 21.27 -19.66
N ASP B 170 -45.28 21.66 -19.16
CA ASP B 170 -45.36 22.57 -18.01
C ASP B 170 -45.70 21.84 -16.72
N LEU B 171 -45.46 20.52 -16.70
CA LEU B 171 -45.85 19.66 -15.55
C LEU B 171 -44.65 19.25 -14.72
N ASN B 172 -44.88 18.88 -13.47
CA ASN B 172 -43.84 18.22 -12.68
C ASN B 172 -43.72 16.78 -13.17
N TYR B 173 -42.74 16.03 -12.62
CA TYR B 173 -42.45 14.70 -13.10
C TYR B 173 -43.70 13.80 -13.02
N ASP B 174 -44.38 13.79 -11.88
CA ASP B 174 -45.46 12.83 -11.63
C ASP B 174 -46.67 13.13 -12.51
N ASP B 175 -46.96 14.42 -12.72
CA ASP B 175 -48.04 14.77 -13.58
C ASP B 175 -47.69 14.46 -15.01
N ALA B 176 -46.41 14.56 -15.34
CA ALA B 176 -45.93 14.21 -16.67
C ALA B 176 -46.07 12.69 -16.95
N VAL B 177 -45.84 11.84 -15.93
CA VAL B 177 -46.12 10.41 -16.01
C VAL B 177 -47.61 10.18 -16.21
N ARG B 178 -48.44 10.90 -15.48
CA ARG B 178 -49.87 10.93 -15.68
C ARG B 178 -50.25 11.27 -17.12
N LEU B 179 -49.62 12.29 -17.68
CA LEU B 179 -49.95 12.71 -19.05
C LEU B 179 -49.66 11.61 -20.06
N ALA B 180 -48.50 10.99 -19.90
CA ALA B 180 -48.09 9.88 -20.79
C ALA B 180 -49.09 8.75 -20.70
N HIS B 181 -49.57 8.48 -19.49
CA HIS B 181 -50.56 7.46 -19.24
C HIS B 181 -51.86 7.81 -19.98
N ARG B 182 -52.37 9.03 -19.76
CA ARG B 182 -53.63 9.52 -20.40
C ARG B 182 -53.51 9.46 -21.90
N MET B 183 -52.34 9.79 -22.42
CA MET B 183 -52.11 9.73 -23.84
C MET B 183 -52.06 8.29 -24.37
N ALA B 184 -51.49 7.34 -23.62
CA ALA B 184 -51.54 5.93 -24.05
C ALA B 184 -52.99 5.45 -24.12
N GLN B 185 -53.74 5.72 -23.04
CA GLN B 185 -55.16 5.38 -22.94
C GLN B 185 -56.00 5.98 -24.06
N THR B 186 -55.83 7.28 -24.33
CA THR B 186 -56.66 7.96 -25.35
C THR B 186 -56.14 7.80 -26.79
N LYS B 187 -54.94 7.28 -26.95
CA LYS B 187 -54.37 7.24 -28.27
C LYS B 187 -54.09 5.86 -28.73
N GLY B 188 -54.16 4.96 -27.89
CA GLY B 188 -53.77 3.59 -28.24
C GLY B 188 -52.27 3.36 -28.31
N TRP B 189 -51.49 4.25 -27.73
CA TRP B 189 -50.03 4.09 -27.73
C TRP B 189 -49.62 3.15 -26.62
N VAL B 190 -48.43 2.58 -26.74
CA VAL B 190 -47.87 1.70 -25.72
C VAL B 190 -47.12 2.57 -24.72
N LEU B 191 -47.65 2.65 -23.50
CA LEU B 191 -46.98 3.29 -22.42
C LEU B 191 -45.72 2.52 -22.11
N LEU B 192 -44.57 3.17 -22.19
CA LEU B 192 -43.35 2.45 -21.83
C LEU B 192 -42.67 3.11 -20.66
N GLN B 193 -43.31 3.04 -19.50
CA GLN B 193 -42.85 3.74 -18.33
C GLN B 193 -42.17 2.82 -17.31
N ASP B 194 -41.11 3.37 -16.68
CA ASP B 194 -40.24 2.71 -15.72
C ASP B 194 -40.69 2.92 -14.31
N THR B 195 -41.96 3.12 -14.10
CA THR B 195 -42.49 2.97 -12.78
C THR B 195 -43.74 2.12 -12.93
N ALA B 196 -44.15 1.56 -11.81
CA ALA B 196 -45.36 0.80 -11.78
C ALA B 196 -46.36 1.33 -10.76
N TRP B 197 -47.62 1.07 -11.05
CA TRP B 197 -48.72 1.23 -10.10
C TRP B 197 -49.71 0.07 -10.39
N THR B 198 -50.65 -0.12 -9.48
CA THR B 198 -51.50 -1.29 -9.63
C THR B 198 -52.15 -1.31 -11.02
N GLY B 199 -51.92 -2.40 -11.74
CA GLY B 199 -52.46 -2.60 -13.05
C GLY B 199 -51.57 -2.23 -14.21
N TYR B 200 -50.41 -1.66 -13.94
CA TYR B 200 -49.46 -1.36 -15.02
C TYR B 200 -48.18 -1.86 -14.44
N GLU B 201 -47.85 -3.13 -14.69
CA GLU B 201 -46.78 -3.80 -13.96
C GLU B 201 -45.86 -4.61 -14.81
N GLU B 202 -46.33 -5.09 -15.94
CA GLU B 202 -45.58 -6.04 -16.68
C GLU B 202 -44.38 -5.31 -17.22
N ILE B 203 -44.62 -4.24 -17.94
CA ILE B 203 -43.54 -3.52 -18.62
C ILE B 203 -42.51 -2.99 -17.59
N PRO B 204 -42.99 -2.34 -16.52
CA PRO B 204 -42.12 -1.89 -15.43
C PRO B 204 -41.23 -2.98 -14.87
N THR B 205 -41.79 -4.19 -14.77
CA THR B 205 -41.06 -5.33 -14.30
C THR B 205 -39.96 -5.62 -15.31
N TRP B 206 -40.31 -5.69 -16.60
CA TRP B 206 -39.28 -5.93 -17.60
C TRP B 206 -38.17 -4.88 -17.57
N ILE B 207 -38.51 -3.62 -17.34
CA ILE B 207 -37.51 -2.56 -17.30
C ILE B 207 -36.51 -2.84 -16.20
N MET B 208 -37.03 -3.09 -15.00
CA MET B 208 -36.23 -3.50 -13.84
C MET B 208 -35.34 -4.67 -14.19
N GLN B 209 -35.92 -5.68 -14.84
CA GLN B 209 -35.16 -6.86 -15.18
C GLN B 209 -34.04 -6.55 -16.13
N GLY B 210 -34.30 -5.68 -17.10
CA GLY B 210 -33.28 -5.36 -18.10
C GLY B 210 -32.07 -4.67 -17.48
N TYR B 211 -32.29 -3.95 -16.38
CA TYR B 211 -31.21 -3.23 -15.74
C TYR B 211 -30.17 -4.20 -15.19
N MET B 212 -30.55 -5.45 -14.94
CA MET B 212 -29.69 -6.36 -14.22
C MET B 212 -28.40 -6.70 -14.96
N THR B 213 -28.36 -6.51 -16.27
CA THR B 213 -27.13 -6.74 -17.00
C THR B 213 -25.93 -6.01 -16.37
N LEU B 214 -26.11 -4.76 -15.95
CA LEU B 214 -24.97 -4.04 -15.38
C LEU B 214 -24.46 -4.70 -14.11
N ALA B 215 -25.37 -5.32 -13.36
CA ALA B 215 -25.00 -6.02 -12.14
C ALA B 215 -24.29 -7.35 -12.43
N VAL B 216 -24.79 -8.05 -13.44
CA VAL B 216 -24.22 -9.32 -13.87
C VAL B 216 -22.78 -9.07 -14.33
N GLU B 217 -22.60 -8.03 -15.14
CA GLU B 217 -21.27 -7.65 -15.64
C GLU B 217 -20.34 -7.30 -14.48
N ALA B 218 -20.85 -6.55 -13.52
CA ALA B 218 -20.03 -6.08 -12.42
C ALA B 218 -19.59 -7.23 -11.53
N TYR B 219 -20.54 -8.11 -11.21
CA TYR B 219 -20.23 -9.28 -10.40
C TYR B 219 -19.18 -10.18 -11.07
N GLU B 220 -19.36 -10.47 -12.36
CA GLU B 220 -18.37 -11.22 -13.12
C GLU B 220 -17.03 -10.46 -13.19
N GLN B 221 -17.04 -9.14 -13.41
CA GLN B 221 -15.77 -8.40 -13.48
C GLN B 221 -14.98 -8.48 -12.18
N LEU B 222 -15.67 -8.55 -11.04
CA LEU B 222 -15.01 -8.66 -9.75
C LEU B 222 -14.37 -10.07 -9.52
N ALA B 223 -15.14 -11.11 -9.83
CA ALA B 223 -14.70 -12.51 -9.73
C ALA B 223 -13.52 -12.77 -10.67
N GLU B 224 -13.65 -12.40 -11.95
CA GLU B 224 -12.57 -12.52 -12.94
C GLU B 224 -11.55 -11.42 -12.73
N ASN B 226 -9.98 -11.56 -9.55
CA ASN B 226 -9.83 -12.08 -8.17
C ASN B 226 -10.03 -11.02 -7.12
N SER B 227 -11.09 -10.22 -7.30
CA SER B 227 -11.39 -9.13 -6.41
C SER B 227 -12.44 -9.60 -5.41
N PRO B 228 -12.26 -9.30 -4.11
CA PRO B 228 -13.34 -9.56 -3.17
C PRO B 228 -14.70 -9.05 -3.65
N LEU B 229 -15.77 -9.80 -3.36
CA LEU B 229 -17.12 -9.37 -3.70
C LEU B 229 -17.57 -8.36 -2.69
N PRO B 230 -18.64 -7.63 -3.00
CA PRO B 230 -19.06 -6.55 -2.12
C PRO B 230 -19.55 -6.95 -0.72
N THR B 231 -19.07 -6.21 0.27
CA THR B 231 -19.66 -6.18 1.60
C THR B 231 -20.73 -5.12 1.68
N HIS B 232 -20.58 -4.08 0.85
CA HIS B 232 -21.54 -2.95 0.80
C HIS B 232 -21.93 -2.61 -0.62
N LEU B 233 -23.20 -2.23 -0.77
CA LEU B 233 -23.74 -1.70 -1.99
C LEU B 233 -24.29 -0.36 -1.61
N ILE B 234 -23.93 0.68 -2.34
CA ILE B 234 -24.61 1.97 -2.18
C ILE B 234 -25.30 2.31 -3.47
N LEU B 235 -26.62 2.42 -3.42
CA LEU B 235 -27.46 2.50 -4.62
C LEU B 235 -28.36 3.71 -4.56
N GLN B 236 -28.34 4.53 -5.61
CA GLN B 236 -29.17 5.71 -5.66
C GLN B 236 -30.59 5.36 -6.12
N ALA B 237 -31.57 6.19 -5.74
CA ALA B 237 -32.95 5.90 -6.11
C ALA B 237 -33.77 7.10 -6.51
N GLY B 238 -34.45 6.93 -7.64
CA GLY B 238 -35.55 7.79 -8.03
C GLY B 238 -36.80 7.07 -7.58
N VAL B 239 -37.35 6.22 -8.45
CA VAL B 239 -38.55 5.43 -8.08
C VAL B 239 -38.22 4.07 -7.45
N GLY B 240 -36.94 3.67 -7.54
CA GLY B 240 -36.46 2.41 -6.95
C GLY B 240 -36.23 1.25 -7.91
N SER B 241 -36.50 1.43 -9.20
CA SER B 241 -36.38 0.34 -10.14
C SER B 241 -34.95 -0.11 -10.29
N PHE B 242 -34.05 0.84 -10.55
CA PHE B 242 -32.63 0.52 -10.69
C PHE B 242 -32.10 -0.19 -9.42
N ALA B 243 -32.39 0.37 -8.24
CA ALA B 243 -31.84 -0.17 -7.00
C ALA B 243 -32.38 -1.56 -6.69
N GLY B 244 -33.67 -1.75 -6.95
CA GLY B 244 -34.30 -3.04 -6.82
C GLY B 244 -33.65 -4.08 -7.69
N SER B 245 -33.44 -3.73 -8.96
CA SER B 245 -32.81 -4.61 -9.91
C SER B 245 -31.44 -5.04 -9.43
N VAL B 246 -30.59 -4.07 -9.10
CA VAL B 246 -29.21 -4.32 -8.76
C VAL B 246 -29.15 -5.09 -7.43
N MET B 247 -29.83 -4.63 -6.38
CA MET B 247 -29.72 -5.31 -5.09
C MET B 247 -30.43 -6.67 -5.20
N GLY B 248 -31.57 -6.70 -5.88
CA GLY B 248 -32.23 -7.95 -6.14
C GLY B 248 -31.24 -8.97 -6.68
N TYR B 249 -30.53 -8.62 -7.75
CA TYR B 249 -29.56 -9.53 -8.31
C TYR B 249 -28.54 -9.96 -7.26
N PHE B 250 -27.91 -9.02 -6.57
CA PHE B 250 -26.79 -9.36 -5.69
C PHE B 250 -27.23 -10.20 -4.51
N VAL B 251 -28.45 -9.97 -4.05
CA VAL B 251 -29.00 -10.81 -3.01
C VAL B 251 -29.17 -12.25 -3.52
N GLU B 252 -29.70 -12.41 -4.72
CA GLU B 252 -29.91 -13.72 -5.29
C GLU B 252 -28.58 -14.44 -5.46
N LYS B 253 -27.54 -13.72 -5.88
CA LYS B 253 -26.25 -14.34 -6.19
C LYS B 253 -25.40 -14.58 -4.96
N MET B 254 -25.59 -13.79 -3.91
CA MET B 254 -24.80 -13.92 -2.69
C MET B 254 -25.69 -14.30 -1.51
N GLN B 255 -26.57 -15.26 -1.75
CA GLN B 255 -27.70 -15.53 -0.83
C GLN B 255 -27.26 -15.59 0.63
N GLU B 256 -26.12 -16.23 0.91
CA GLU B 256 -25.77 -16.47 2.28
C GLU B 256 -25.02 -15.33 2.96
N ASN B 257 -24.34 -14.49 2.19
CA ASN B 257 -23.68 -13.30 2.77
C ASN B 257 -24.16 -12.06 2.05
N ILE B 258 -25.47 -11.84 2.14
CA ILE B 258 -26.09 -10.71 1.48
C ILE B 258 -25.41 -9.46 2.00
N PRO B 259 -24.88 -8.63 1.08
CA PRO B 259 -24.13 -7.47 1.53
C PRO B 259 -25.01 -6.40 2.14
N ASN B 260 -24.34 -5.50 2.82
CA ASN B 260 -24.95 -4.36 3.45
C ASN B 260 -25.38 -3.36 2.35
N ILE B 261 -26.69 -3.09 2.25
CA ILE B 261 -27.25 -2.31 1.17
C ILE B 261 -27.74 -0.95 1.70
N ILE B 262 -27.13 0.13 1.20
CA ILE B 262 -27.50 1.51 1.58
C ILE B 262 -28.13 2.16 0.33
N VAL B 263 -29.27 2.76 0.52
CA VAL B 263 -30.00 3.40 -0.56
C VAL B 263 -29.95 4.88 -0.27
N VAL B 264 -29.67 5.70 -1.29
CA VAL B 264 -29.58 7.16 -1.08
C VAL B 264 -30.44 7.93 -2.05
N GLU B 265 -31.14 8.92 -1.51
CA GLU B 265 -31.99 9.81 -2.28
C GLU B 265 -31.62 11.25 -1.97
N PRO B 266 -32.01 12.19 -2.84
CA PRO B 266 -31.87 13.58 -2.48
C PRO B 266 -32.84 13.95 -1.37
N HIS B 267 -32.45 14.91 -0.52
CA HIS B 267 -33.34 15.41 0.55
C HIS B 267 -34.74 15.70 0.04
N GLN B 268 -34.82 16.44 -1.07
CA GLN B 268 -36.10 16.93 -1.59
C GLN B 268 -36.96 15.86 -2.28
N ALA B 269 -36.39 14.70 -2.56
CA ALA B 269 -37.16 13.63 -3.22
C ALA B 269 -36.86 12.30 -2.56
N ASN B 270 -37.10 12.22 -1.25
CA ASN B 270 -36.72 11.05 -0.43
C ASN B 270 -37.87 10.14 -0.08
N CYS B 271 -38.62 9.70 -1.09
CA CYS B 271 -39.83 8.93 -0.84
C CYS B 271 -39.55 7.58 -0.17
N LEU B 272 -38.51 6.88 -0.60
CA LEU B 272 -38.18 5.58 0.00
C LEU B 272 -37.74 5.73 1.45
N TYR B 273 -36.91 6.74 1.72
CA TYR B 273 -36.55 7.11 3.09
C TYR B 273 -37.83 7.37 3.90
N GLN B 274 -38.66 8.28 3.37
CA GLN B 274 -39.93 8.60 4.02
C GLN B 274 -40.82 7.37 4.19
N SER B 275 -40.88 6.52 3.17
CA SER B 275 -41.66 5.30 3.25
C SER B 275 -41.17 4.46 4.40
N ALA B 276 -39.85 4.39 4.57
CA ALA B 276 -39.27 3.61 5.64
C ALA B 276 -39.52 4.24 6.99
N VAL B 277 -39.60 5.57 7.04
CA VAL B 277 -39.91 6.26 8.30
C VAL B 277 -41.33 5.92 8.76
N MET B 278 -42.27 5.80 7.81
CA MET B 278 -43.67 5.46 8.11
C MET B 278 -43.91 4.00 8.57
N ILE B 293 -31.67 18.88 -8.24
CA ILE B 293 -30.44 18.91 -9.06
C ILE B 293 -29.89 17.54 -9.48
N MET B 294 -30.10 16.53 -8.64
CA MET B 294 -30.02 15.13 -9.02
C MET B 294 -31.31 14.78 -9.78
N ALA B 295 -31.38 15.26 -11.02
CA ALA B 295 -32.64 15.25 -11.78
C ALA B 295 -33.22 13.86 -11.98
N GLY B 296 -32.35 12.86 -12.19
CA GLY B 296 -32.78 11.49 -12.37
C GLY B 296 -33.38 10.85 -11.14
N LEU B 297 -33.03 11.36 -9.98
CA LEU B 297 -33.55 10.81 -8.74
C LEU B 297 -34.82 11.52 -8.25
N ALA B 298 -35.21 12.58 -8.94
CA ALA B 298 -36.26 13.45 -8.46
C ALA B 298 -37.64 12.87 -8.78
N CYS B 299 -38.03 11.87 -7.98
CA CYS B 299 -39.32 11.21 -8.11
C CYS B 299 -40.00 11.07 -6.74
N GLY B 300 -41.31 11.36 -6.71
CA GLY B 300 -42.10 11.34 -5.47
C GLY B 300 -42.79 10.02 -5.13
N GLU B 301 -43.12 9.20 -6.14
CA GLU B 301 -43.92 7.97 -5.96
C GLU B 301 -43.10 6.70 -6.20
N PRO B 302 -42.85 5.92 -5.16
CA PRO B 302 -42.06 4.70 -5.37
C PRO B 302 -42.70 3.69 -6.32
N ASN B 303 -41.87 2.97 -7.07
CA ASN B 303 -42.33 1.93 -7.97
C ASN B 303 -42.80 0.72 -7.12
N ILE B 304 -44.05 0.31 -7.31
CA ILE B 304 -44.71 -0.70 -6.44
C ILE B 304 -44.17 -2.12 -6.67
N ILE B 305 -43.55 -2.37 -7.82
CA ILE B 305 -42.93 -3.65 -8.11
C ILE B 305 -41.55 -3.74 -7.43
N SER B 306 -40.81 -2.61 -7.31
CA SER B 306 -39.48 -2.66 -6.71
C SER B 306 -39.50 -2.45 -5.20
N TRP B 307 -40.57 -1.85 -4.70
CA TRP B 307 -40.70 -1.54 -3.27
C TRP B 307 -40.43 -2.71 -2.34
N PRO B 308 -41.11 -3.87 -2.54
CA PRO B 308 -40.86 -5.02 -1.67
C PRO B 308 -39.42 -5.50 -1.65
N ILE B 309 -38.76 -5.55 -2.80
CA ILE B 309 -37.32 -5.91 -2.85
C ILE B 309 -36.54 -4.89 -2.01
N ILE B 310 -36.84 -3.59 -2.17
CA ILE B 310 -36.12 -2.53 -1.44
C ILE B 310 -36.42 -2.59 0.06
N ARG B 311 -37.69 -2.73 0.42
CA ARG B 311 -38.09 -2.90 1.85
C ARG B 311 -37.48 -4.13 2.48
N ASP B 312 -37.52 -5.26 1.79
CA ASP B 312 -37.03 -6.50 2.41
C ASP B 312 -35.52 -6.59 2.52
N ASN B 313 -34.80 -5.84 1.68
CA ASN B 313 -33.35 -5.99 1.60
C ASN B 313 -32.47 -4.80 1.96
N THR B 314 -33.01 -3.60 2.00
CA THR B 314 -32.20 -2.46 2.32
C THR B 314 -31.88 -2.52 3.79
N SER B 315 -30.64 -2.18 4.14
CA SER B 315 -30.25 -2.05 5.53
C SER B 315 -30.37 -0.62 6.08
N CYS B 316 -30.01 0.38 5.30
CA CYS B 316 -30.14 1.78 5.72
C CYS B 316 -30.52 2.70 4.58
N PHE B 317 -31.47 3.59 4.85
CA PHE B 317 -31.88 4.62 3.91
C PHE B 317 -31.20 5.92 4.30
N ILE B 318 -30.61 6.59 3.31
CA ILE B 318 -29.91 7.87 3.51
C ILE B 318 -30.58 8.95 2.63
N SER B 319 -30.75 10.13 3.22
CA SER B 319 -31.17 11.30 2.48
C SER B 319 -29.92 12.15 2.41
N ALA B 320 -29.67 12.79 1.27
CA ALA B 320 -28.40 13.52 1.08
C ALA B 320 -28.57 14.86 0.40
N ASP B 321 -27.79 15.82 0.86
CA ASP B 321 -27.71 17.14 0.27
C ASP B 321 -27.10 17.09 -1.11
N ASP B 322 -27.47 18.03 -1.97
CA ASP B 322 -26.93 18.04 -3.33
C ASP B 322 -25.41 18.15 -3.38
N CYS B 323 -24.81 18.85 -2.44
CA CYS B 323 -23.38 19.06 -2.55
C CYS B 323 -22.62 17.76 -2.51
N LEU B 324 -23.22 16.69 -1.98
CA LEU B 324 -22.52 15.41 -1.97
C LEU B 324 -22.45 14.81 -3.36
N ALA B 325 -23.51 15.02 -4.13
CA ALA B 325 -23.50 14.66 -5.55
C ALA B 325 -22.45 15.47 -6.29
N ALA B 326 -22.42 16.78 -6.06
CA ALA B 326 -21.41 17.62 -6.70
C ALA B 326 -20.00 17.18 -6.33
N LYS B 327 -19.82 16.83 -5.08
CA LYS B 327 -18.52 16.37 -4.57
C LYS B 327 -18.12 15.13 -5.34
N GLY B 328 -19.06 14.19 -5.47
CA GLY B 328 -18.80 12.91 -6.11
C GLY B 328 -18.43 13.07 -7.55
N MET B 329 -19.04 14.03 -8.22
CA MET B 329 -18.66 14.31 -9.60
C MET B 329 -17.22 14.80 -9.70
N ARG B 330 -16.83 15.69 -8.80
CA ARG B 330 -15.47 16.21 -8.76
C ARG B 330 -14.46 15.13 -8.34
N ILE B 331 -14.81 14.32 -7.33
CA ILE B 331 -13.89 13.22 -6.94
C ILE B 331 -13.63 12.27 -8.13
N SER B 332 -14.72 11.81 -8.76
CA SER B 332 -14.63 10.94 -9.94
C SER B 332 -13.80 11.55 -11.04
N ALA B 333 -13.94 12.87 -11.26
CA ALA B 333 -13.25 13.55 -12.37
C ALA B 333 -11.82 13.83 -12.06
N ALA B 334 -11.52 14.04 -10.77
CA ALA B 334 -10.20 14.53 -10.38
C ALA B 334 -9.52 13.66 -9.33
N PRO B 335 -9.30 12.39 -9.64
CA PRO B 335 -8.32 11.68 -8.80
C PRO B 335 -6.97 12.30 -8.98
N ARG B 336 -6.07 12.05 -8.04
CA ARG B 336 -4.72 12.58 -8.15
C ARG B 336 -4.06 11.99 -9.38
N PRO B 337 -3.33 12.80 -10.11
CA PRO B 337 -2.82 12.34 -11.41
C PRO B 337 -2.19 10.95 -11.42
N GLY B 338 -1.38 10.60 -10.44
CA GLY B 338 -0.73 9.31 -10.56
C GLY B 338 -1.66 8.10 -10.68
N THR B 339 -2.89 8.22 -10.19
CA THR B 339 -3.49 7.15 -9.40
C THR B 339 -4.71 6.43 -10.01
N ASP B 340 -5.90 6.66 -9.44
CA ASP B 340 -7.09 6.03 -9.96
C ASP B 340 -7.47 6.63 -11.33
N THR B 341 -8.29 5.90 -12.06
CA THR B 341 -8.68 6.32 -13.39
C THR B 341 -9.70 7.42 -13.29
N PRO B 342 -9.43 8.59 -13.88
CA PRO B 342 -10.47 9.63 -13.90
C PRO B 342 -11.63 9.29 -14.83
N PHE B 343 -12.83 9.61 -14.42
CA PHE B 343 -13.96 9.37 -15.30
C PHE B 343 -15.08 10.39 -15.11
N ILE B 344 -16.01 10.35 -16.06
CA ILE B 344 -17.11 11.30 -16.15
C ILE B 344 -18.33 10.70 -15.50
N SER B 345 -18.76 11.33 -14.40
CA SER B 345 -19.91 10.92 -13.65
C SER B 345 -20.79 12.12 -13.35
N GLY B 346 -22.06 11.99 -13.74
CA GLY B 346 -23.03 13.06 -13.73
C GLY B 346 -23.76 13.19 -12.42
N GLU B 347 -24.69 14.14 -12.36
CA GLU B 347 -25.33 14.55 -11.12
C GLU B 347 -26.00 13.41 -10.37
N SER B 348 -26.70 12.53 -11.08
CA SER B 348 -27.40 11.43 -10.40
C SER B 348 -26.51 10.20 -10.29
N GLY B 349 -25.36 10.24 -10.95
CA GLY B 349 -24.44 9.11 -10.98
C GLY B 349 -23.34 9.07 -9.93
N ALA B 350 -23.02 10.21 -9.35
CA ALA B 350 -21.83 10.32 -8.52
C ALA B 350 -22.19 10.42 -7.05
N ILE B 351 -23.49 10.46 -6.74
CA ILE B 351 -23.92 10.61 -5.36
C ILE B 351 -23.33 9.54 -4.43
N GLY B 352 -23.05 8.36 -4.99
CA GLY B 352 -22.42 7.26 -4.26
C GLY B 352 -21.07 7.57 -3.66
N VAL B 353 -20.07 7.92 -4.47
CA VAL B 353 -18.75 8.26 -3.90
C VAL B 353 -18.83 9.49 -3.02
N GLY B 354 -19.71 10.42 -3.36
CA GLY B 354 -19.86 11.63 -2.58
C GLY B 354 -20.31 11.34 -1.17
N LEU B 355 -21.30 10.45 -1.04
CA LEU B 355 -21.80 10.04 0.27
C LEU B 355 -20.70 9.28 0.95
N LEU B 356 -20.00 8.42 0.22
CA LEU B 356 -18.98 7.59 0.83
C LEU B 356 -17.83 8.40 1.41
N TYR B 357 -17.35 9.38 0.62
CA TYR B 357 -16.31 10.29 1.07
C TYR B 357 -16.73 10.98 2.37
N GLU B 358 -17.89 11.62 2.36
CA GLU B 358 -18.38 12.30 3.56
C GLU B 358 -18.46 11.32 4.73
N LEU B 359 -19.00 10.13 4.48
CA LEU B 359 -19.13 9.13 5.52
C LEU B 359 -17.80 8.79 6.17
N MET B 360 -16.72 8.77 5.40
CA MET B 360 -15.45 8.32 5.93
C MET B 360 -14.55 9.46 6.32
N ASN B 361 -14.99 10.69 6.07
CA ASN B 361 -14.12 11.84 6.22
C ASN B 361 -14.67 12.94 7.13
N ASN B 362 -15.98 13.15 7.12
CA ASN B 362 -16.59 14.11 7.98
C ASN B 362 -16.75 13.47 9.35
N MET B 363 -16.14 14.09 10.37
CA MET B 363 -16.09 13.48 11.71
C MET B 363 -17.47 13.35 12.32
N HIS B 364 -18.38 14.27 11.96
N HIS B 364 -18.39 14.27 11.99
CA HIS B 364 -19.77 14.22 12.43
CA HIS B 364 -19.75 14.18 12.52
C HIS B 364 -20.46 12.89 12.15
C HIS B 364 -20.47 12.87 12.17
N TYR B 365 -19.88 12.05 11.29
CA TYR B 365 -20.50 10.80 10.89
C TYR B 365 -19.70 9.53 11.17
N GLN B 366 -18.59 9.61 11.90
CA GLN B 366 -17.82 8.39 12.23
C GLN B 366 -18.71 7.32 12.90
N ASP B 367 -19.63 7.76 13.75
CA ASP B 367 -20.61 6.87 14.43
C ASP B 367 -21.43 6.09 13.41
N LEU B 368 -22.07 6.86 12.54
CA LEU B 368 -22.84 6.29 11.44
C LEU B 368 -21.98 5.33 10.61
N ALA B 369 -20.77 5.77 10.26
CA ALA B 369 -19.86 4.95 9.48
C ALA B 369 -19.53 3.65 10.21
N ARG B 371 -21.26 2.22 12.61
CA ARG B 371 -22.55 1.54 12.60
C ARG B 371 -22.83 0.83 11.25
N LEU B 372 -22.59 1.55 10.15
CA LEU B 372 -22.69 0.99 8.79
C LEU B 372 -21.56 0.05 8.43
N GLN B 373 -20.59 -0.13 9.32
CA GLN B 373 -19.49 -1.10 9.10
C GLN B 373 -18.57 -0.74 7.95
N LEU B 374 -18.34 0.56 7.76
CA LEU B 374 -17.38 1.04 6.76
C LEU B 374 -15.99 1.20 7.40
N ASP B 375 -15.08 0.31 7.04
CA ASP B 375 -13.73 0.28 7.60
C ASP B 375 -12.86 -0.58 6.65
N ALA B 376 -11.58 -0.70 7.00
CA ALA B 376 -10.58 -1.32 6.10
C ALA B 376 -10.71 -2.82 6.01
N ALA B 378 -14.25 -3.44 4.51
CA ALA B 378 -15.42 -3.14 3.67
C ALA B 378 -15.06 -2.95 2.19
N HIS B 379 -15.69 -3.74 1.34
CA HIS B 379 -15.48 -3.67 -0.09
C HIS B 379 -16.78 -3.11 -0.70
N VAL B 380 -16.72 -1.91 -1.21
CA VAL B 380 -17.94 -1.17 -1.60
C VAL B 380 -18.11 -1.15 -3.10
N LEU B 381 -19.27 -1.59 -3.58
CA LEU B 381 -19.66 -1.42 -4.99
C LEU B 381 -20.61 -0.22 -5.12
N LEU B 382 -20.27 0.69 -6.04
CA LEU B 382 -21.12 1.84 -6.39
C LEU B 382 -21.43 1.76 -7.85
N ILE B 383 -22.52 2.38 -8.29
CA ILE B 383 -22.79 2.48 -9.75
C ILE B 383 -22.98 3.88 -10.23
N SER B 384 -22.11 4.32 -11.13
CA SER B 384 -22.23 5.63 -11.76
C SER B 384 -23.17 5.51 -12.94
N THR B 385 -24.39 5.93 -12.73
CA THR B 385 -25.49 5.63 -13.62
C THR B 385 -25.52 6.51 -14.89
N GLU B 386 -24.87 7.67 -14.87
CA GLU B 386 -24.79 8.53 -16.04
C GLU B 386 -23.51 9.35 -16.10
N GLY B 387 -23.18 9.81 -17.31
CA GLY B 387 -22.08 10.72 -17.50
C GLY B 387 -22.62 12.13 -17.52
N ASP B 388 -21.97 12.98 -18.31
CA ASP B 388 -22.33 14.39 -18.39
C ASP B 388 -23.53 14.58 -19.32
N THR B 389 -24.70 14.17 -18.85
CA THR B 389 -25.92 14.26 -19.68
C THR B 389 -26.35 15.69 -19.98
N SER B 390 -25.94 16.66 -19.16
CA SER B 390 -25.93 18.10 -19.58
C SER B 390 -24.57 18.69 -19.34
N PRO B 391 -23.78 18.73 -20.40
CA PRO B 391 -22.40 19.23 -20.32
C PRO B 391 -22.24 20.57 -19.59
N ASP B 392 -23.19 21.48 -19.76
CA ASP B 392 -23.10 22.81 -19.15
C ASP B 392 -23.17 22.69 -17.65
N ILE B 393 -24.12 21.92 -17.17
CA ILE B 393 -24.27 21.73 -15.74
C ILE B 393 -23.00 21.03 -15.19
N TYR B 394 -22.50 20.04 -15.94
CA TYR B 394 -21.33 19.29 -15.51
C TYR B 394 -20.09 20.18 -15.36
N GLU B 395 -19.86 21.04 -16.33
CA GLU B 395 -18.68 21.90 -16.31
C GLU B 395 -18.84 22.89 -15.14
N ASP B 396 -20.06 23.37 -14.96
CA ASP B 396 -20.34 24.34 -13.95
C ASP B 396 -20.09 23.78 -12.54
N ILE B 397 -20.30 22.46 -12.38
CA ILE B 397 -20.07 21.80 -11.09
C ILE B 397 -18.58 21.46 -10.92
N VAL B 398 -17.98 20.90 -11.96
CA VAL B 398 -16.67 20.27 -11.83
C VAL B 398 -15.57 21.31 -11.96
N TRP B 399 -15.77 22.31 -12.80
CA TRP B 399 -14.78 23.35 -12.94
C TRP B 399 -15.09 24.57 -12.05
N ASN B 400 -16.32 25.08 -12.10
CA ASN B 400 -16.65 26.29 -11.34
C ASN B 400 -17.08 26.06 -9.91
N GLY B 401 -17.14 24.80 -9.50
CA GLY B 401 -17.50 24.50 -8.10
C GLY B 401 -18.93 24.77 -7.66
N ARG B 402 -19.89 24.79 -8.58
CA ARG B 402 -21.31 24.79 -8.17
C ARG B 402 -21.61 23.54 -7.36
N SER B 403 -22.29 23.73 -6.24
CA SER B 403 -22.62 22.59 -5.39
C SER B 403 -24.11 22.61 -5.12
N ALA B 404 -24.86 23.30 -5.99
CA ALA B 404 -26.30 23.51 -5.82
C ALA B 404 -26.90 24.16 -7.06
N TYR C 7 9.02 -33.57 20.20
CA TYR C 7 10.42 -34.10 20.13
C TYR C 7 10.34 -35.61 19.98
N GLN C 8 9.27 -36.07 19.33
CA GLN C 8 8.83 -37.44 19.55
C GLN C 8 8.21 -37.97 18.27
N PHE C 9 8.84 -39.02 17.75
CA PHE C 9 8.37 -39.78 16.66
C PHE C 9 8.14 -41.16 17.23
N ASN C 10 6.94 -41.73 17.05
CA ASN C 10 6.70 -43.18 17.25
C ASN C 10 6.66 -43.87 15.91
N THR C 11 7.22 -45.08 15.86
CA THR C 11 7.47 -45.86 14.66
C THR C 11 6.51 -47.06 14.65
N ARG C 12 6.09 -47.55 13.48
CA ARG C 12 5.43 -48.84 13.36
C ARG C 12 5.57 -49.26 11.92
N ARG C 13 6.51 -50.15 11.62
CA ARG C 13 6.66 -50.65 10.24
C ARG C 13 5.58 -51.70 9.92
N LYS C 14 5.20 -51.78 8.65
CA LYS C 14 4.03 -52.57 8.28
C LYS C 14 4.33 -53.99 7.87
N LYS C 15 3.79 -54.94 8.64
CA LYS C 15 3.88 -56.35 8.30
C LYS C 15 3.15 -56.63 6.98
N TYR C 16 1.89 -56.16 6.90
CA TYR C 16 0.98 -56.50 5.79
C TYR C 16 1.29 -55.80 4.45
N GLY C 17 2.42 -55.10 4.35
CA GLY C 17 2.80 -54.38 3.13
C GLY C 17 2.98 -55.35 2.00
N THR C 18 2.77 -54.88 0.77
CA THR C 18 2.94 -55.72 -0.43
C THR C 18 3.01 -54.86 -1.71
N SER C 23 -5.64 -48.99 -8.61
CA SER C 23 -6.65 -49.74 -9.36
C SER C 23 -7.87 -48.85 -9.46
N LEU C 24 -8.37 -48.42 -8.30
CA LEU C 24 -9.28 -47.27 -8.21
C LEU C 24 -8.58 -45.94 -8.60
N LEU C 25 -7.23 -45.92 -8.55
CA LEU C 25 -6.43 -44.79 -8.95
C LEU C 25 -5.73 -45.02 -10.28
N ASN C 26 -6.35 -45.76 -11.19
CA ASN C 26 -5.72 -46.10 -12.47
C ASN C 26 -5.76 -44.91 -13.43
N GLY C 27 -5.00 -45.02 -14.53
CA GLY C 27 -4.78 -43.93 -15.48
C GLY C 27 -6.01 -43.43 -16.23
N ASN C 28 -6.99 -44.30 -16.42
CA ASN C 28 -8.26 -43.90 -17.00
C ASN C 28 -9.06 -43.00 -16.06
N VAL C 29 -9.05 -43.32 -14.77
CA VAL C 29 -9.65 -42.44 -13.79
C VAL C 29 -8.86 -41.16 -13.80
N GLY C 30 -7.54 -41.28 -13.75
CA GLY C 30 -6.66 -40.13 -13.81
C GLY C 30 -7.03 -39.13 -14.91
N HIS C 31 -7.27 -39.67 -16.10
CA HIS C 31 -7.60 -38.85 -17.26
C HIS C 31 -8.99 -38.21 -17.09
N GLU C 32 -9.96 -38.98 -16.59
CA GLU C 32 -11.30 -38.44 -16.42
C GLU C 32 -11.24 -37.26 -15.44
N VAL C 33 -10.58 -37.50 -14.31
CA VAL C 33 -10.48 -36.50 -13.24
C VAL C 33 -9.72 -35.25 -13.69
N LEU C 34 -8.58 -35.43 -14.35
CA LEU C 34 -7.80 -34.28 -14.85
C LEU C 34 -8.57 -33.52 -15.97
N ALA C 35 -9.19 -34.27 -16.89
CA ALA C 35 -10.03 -33.67 -17.91
C ALA C 35 -11.02 -32.74 -17.27
N PHE C 36 -11.63 -33.23 -16.20
CA PHE C 36 -12.66 -32.48 -15.48
C PHE C 36 -12.08 -31.26 -14.80
N HIS C 37 -10.96 -31.41 -14.08
CA HIS C 37 -10.42 -30.26 -13.33
C HIS C 37 -9.95 -29.15 -14.28
N LYS C 38 -9.43 -29.54 -15.43
CA LYS C 38 -8.92 -28.56 -16.39
C LYS C 38 -10.02 -27.60 -16.89
N LYS C 39 -11.25 -28.08 -16.96
CA LYS C 39 -12.36 -27.23 -17.42
C LYS C 39 -12.80 -26.25 -16.36
N LEU C 40 -12.36 -26.46 -15.13
CA LEU C 40 -12.80 -25.63 -14.03
C LEU C 40 -12.09 -24.28 -13.96
N PRO C 41 -12.77 -23.30 -13.34
CA PRO C 41 -12.26 -21.96 -13.17
C PRO C 41 -11.07 -21.95 -12.24
N ASN C 42 -10.02 -21.24 -12.63
CA ASN C 42 -8.77 -21.15 -11.90
C ASN C 42 -7.97 -22.44 -11.84
N TYR C 43 -8.28 -23.46 -12.63
CA TYR C 43 -7.36 -24.58 -12.70
C TYR C 43 -5.99 -24.05 -13.07
N ALA C 44 -4.98 -24.52 -12.35
CA ALA C 44 -3.58 -24.31 -12.71
C ALA C 44 -2.77 -25.33 -11.95
N VAL C 45 -1.73 -25.84 -12.59
CA VAL C 45 -0.78 -26.70 -11.91
C VAL C 45 -0.19 -25.91 -10.73
N THR C 46 -0.19 -26.52 -9.57
CA THR C 46 0.38 -25.89 -8.39
C THR C 46 1.89 -26.12 -8.40
N PRO C 47 2.64 -25.23 -7.76
CA PRO C 47 4.11 -25.30 -7.78
C PRO C 47 4.63 -26.54 -7.09
N LEU C 48 5.73 -27.08 -7.60
CA LEU C 48 6.43 -28.14 -6.93
C LEU C 48 7.78 -27.59 -6.53
N HIS C 49 7.95 -27.23 -5.25
CA HIS C 49 9.18 -26.61 -4.77
C HIS C 49 10.31 -27.59 -4.59
N ASN C 50 11.44 -27.30 -5.23
CA ASN C 50 12.66 -28.09 -5.06
C ASN C 50 13.49 -27.50 -3.93
N LEU C 51 13.52 -28.19 -2.79
CA LEU C 51 14.27 -27.69 -1.63
C LEU C 51 15.71 -28.24 -1.61
N ALA C 52 16.48 -27.85 -2.63
CA ALA C 52 17.80 -28.44 -2.86
C ALA C 52 18.76 -28.09 -1.76
N HIS C 53 18.69 -26.85 -1.28
CA HIS C 53 19.57 -26.36 -0.21
C HIS C 53 19.27 -27.07 1.09
N LEU C 54 17.99 -27.27 1.38
CA LEU C 54 17.62 -28.03 2.55
C LEU C 54 18.05 -29.47 2.38
N SER C 55 18.03 -29.94 1.14
CA SER C 55 18.41 -31.31 0.79
C SER C 55 19.91 -31.53 1.11
N GLN C 56 20.71 -30.53 0.80
CA GLN C 56 22.11 -30.58 1.14
C GLN C 56 22.31 -30.54 2.66
N ARG C 57 21.72 -29.55 3.30
CA ARG C 57 21.83 -29.36 4.75
C ARG C 57 21.44 -30.62 5.57
N LEU C 58 20.65 -31.54 4.98
CA LEU C 58 20.16 -32.73 5.69
C LEU C 58 20.76 -34.03 5.18
N GLY C 59 21.48 -33.99 4.07
CA GLY C 59 22.13 -35.18 3.55
C GLY C 59 21.20 -36.06 2.74
N LEU C 60 20.37 -35.43 1.92
CA LEU C 60 19.37 -36.16 1.16
C LEU C 60 19.63 -35.86 -0.30
N GLY C 61 19.20 -36.77 -1.16
CA GLY C 61 19.29 -36.54 -2.59
C GLY C 61 18.48 -35.34 -3.01
N SER C 62 17.19 -35.38 -2.74
CA SER C 62 16.33 -34.28 -3.13
C SER C 62 15.09 -34.24 -2.25
N ILE C 63 14.58 -33.03 -2.07
CA ILE C 63 13.30 -32.78 -1.43
C ILE C 63 12.48 -31.94 -2.37
N HIS C 64 11.29 -32.43 -2.70
CA HIS C 64 10.32 -31.65 -3.44
C HIS C 64 9.07 -31.57 -2.60
N ILE C 65 8.44 -30.40 -2.58
CA ILE C 65 7.19 -30.24 -1.89
C ILE C 65 6.14 -29.66 -2.81
N LYS C 66 5.04 -30.38 -2.97
CA LYS C 66 3.91 -29.93 -3.76
C LYS C 66 3.12 -28.93 -2.91
N ASP C 67 2.99 -27.70 -3.40
CA ASP C 67 2.41 -26.62 -2.63
C ASP C 67 0.94 -26.43 -2.99
N GLU C 68 0.04 -27.05 -2.23
CA GLU C 68 -1.38 -26.94 -2.58
C GLU C 68 -2.04 -25.73 -1.95
N SER C 69 -1.30 -24.86 -1.32
CA SER C 69 -1.88 -23.61 -0.83
C SER C 69 -2.47 -22.77 -1.96
N TRP C 70 -2.05 -23.05 -3.19
CA TRP C 70 -2.51 -22.33 -4.37
C TRP C 70 -3.78 -22.87 -5.02
N ARG C 71 -4.16 -24.08 -4.65
CA ARG C 71 -5.18 -24.82 -5.37
C ARG C 71 -6.51 -24.13 -5.42
N PHE C 72 -6.92 -23.73 -6.62
CA PHE C 72 -8.20 -23.03 -6.89
C PHE C 72 -8.43 -21.74 -6.09
N GLY C 73 -7.37 -21.17 -5.53
CA GLY C 73 -7.52 -20.00 -4.71
C GLY C 73 -8.07 -20.28 -3.35
N LEU C 74 -8.12 -21.55 -2.97
CA LEU C 74 -8.80 -21.96 -1.72
C LEU C 74 -7.87 -22.22 -0.54
N ASN C 75 -6.55 -22.06 -0.76
CA ASN C 75 -5.57 -22.23 0.31
C ASN C 75 -5.48 -23.66 0.85
N ALA C 76 -5.96 -24.63 0.05
CA ALA C 76 -5.87 -26.07 0.38
C ALA C 76 -6.21 -26.93 -0.81
N PHE C 77 -5.82 -28.19 -0.76
CA PHE C 77 -5.99 -29.10 -1.89
C PHE C 77 -7.41 -29.71 -2.03
N1 LLP C 78 -4.02 -32.72 5.20
C2 LLP C 78 -4.38 -31.43 5.18
C2' LLP C 78 -3.37 -30.35 5.15
C3 LLP C 78 -5.79 -31.03 5.15
O3 LLP C 78 -6.13 -29.72 5.12
C4 LLP C 78 -6.78 -32.09 5.18
C4' LLP C 78 -8.20 -31.75 5.12
C5 LLP C 78 -6.24 -33.46 5.19
C6 LLP C 78 -4.90 -33.71 5.24
C5' LLP C 78 -7.11 -34.65 5.27
OP4 LLP C 78 -6.53 -35.86 4.82
P LLP C 78 -7.50 -37.17 4.88
OP1 LLP C 78 -8.12 -37.39 3.55
OP2 LLP C 78 -6.53 -38.23 5.28
OP3 LLP C 78 -8.50 -36.89 5.94
N LLP C 78 -8.20 -29.72 -0.97
CA LLP C 78 -9.42 -30.57 -0.92
CB LLP C 78 -10.06 -30.42 0.45
CG LLP C 78 -9.27 -31.26 1.46
CD LLP C 78 -10.12 -32.06 2.40
CE LLP C 78 -9.27 -33.09 3.15
NZ LLP C 78 -9.03 -32.83 4.55
C LLP C 78 -10.49 -30.39 -1.94
O LLP C 78 -11.24 -31.33 -2.24
N GLY C 79 -10.55 -29.20 -2.49
CA GLY C 79 -11.42 -28.85 -3.58
C GLY C 79 -11.37 -29.79 -4.76
N LEU C 80 -10.20 -30.33 -5.02
CA LEU C 80 -10.08 -31.31 -6.07
C LEU C 80 -11.10 -32.44 -5.84
N GLY C 81 -11.23 -32.87 -4.59
CA GLY C 81 -12.11 -33.98 -4.27
C GLY C 81 -13.56 -33.57 -4.31
N GLY C 82 -13.91 -32.57 -3.52
CA GLY C 82 -15.28 -32.12 -3.44
C GLY C 82 -15.83 -31.80 -4.82
N SER C 83 -15.03 -31.14 -5.64
CA SER C 83 -15.51 -30.70 -6.94
C SER C 83 -15.84 -31.91 -7.79
N TYR C 84 -14.89 -32.84 -7.86
CA TYR C 84 -15.05 -34.02 -8.70
C TYR C 84 -16.23 -34.84 -8.20
N ALA C 85 -16.37 -34.97 -6.89
CA ALA C 85 -17.46 -35.76 -6.37
C ALA C 85 -18.78 -35.11 -6.66
N VAL C 86 -18.82 -33.76 -6.64
CA VAL C 86 -20.07 -33.03 -6.90
C VAL C 86 -20.45 -33.21 -8.35
N GLY C 87 -19.44 -33.10 -9.22
CA GLY C 87 -19.63 -33.31 -10.64
C GLY C 87 -20.19 -34.69 -10.96
N LYS C 88 -19.61 -35.70 -10.33
CA LYS C 88 -19.96 -37.07 -10.63
C LYS C 88 -21.37 -37.35 -10.13
N TYR C 89 -21.66 -36.79 -8.96
CA TYR C 89 -23.00 -36.92 -8.40
C TYR C 89 -24.05 -36.36 -9.37
N LEU C 90 -23.81 -35.16 -9.87
CA LEU C 90 -24.75 -34.50 -10.77
C LEU C 90 -24.80 -35.18 -12.12
N ALA C 91 -23.66 -35.67 -12.56
CA ALA C 91 -23.63 -36.41 -13.81
C ALA C 91 -24.51 -37.66 -13.70
N ASP C 92 -24.51 -38.27 -12.52
CA ASP C 92 -25.26 -39.48 -12.31
C ASP C 92 -26.74 -39.19 -12.10
N LYS C 93 -27.07 -38.08 -11.45
CA LYS C 93 -28.47 -37.63 -11.31
C LYS C 93 -29.04 -37.32 -12.69
N LEU C 94 -28.24 -36.68 -13.55
CA LEU C 94 -28.66 -36.36 -14.91
C LEU C 94 -28.44 -37.50 -15.90
N GLN C 95 -27.93 -38.63 -15.42
CA GLN C 95 -27.58 -39.74 -16.30
C GLN C 95 -26.83 -39.24 -17.57
N CYS C 96 -25.60 -38.75 -17.40
CA CYS C 96 -24.72 -38.46 -18.54
C CYS C 96 -23.26 -38.50 -18.11
N ASP C 97 -22.34 -38.62 -19.06
CA ASP C 97 -20.90 -38.78 -18.73
C ASP C 97 -20.35 -37.46 -18.22
N ILE C 98 -19.56 -37.50 -17.17
CA ILE C 98 -19.02 -36.27 -16.57
C ILE C 98 -18.25 -35.42 -17.60
N ASN C 99 -17.59 -36.10 -18.55
CA ASN C 99 -16.88 -35.40 -19.62
C ASN C 99 -17.83 -34.61 -20.54
N SER C 100 -19.05 -35.11 -20.73
CA SER C 100 -20.11 -34.32 -21.40
C SER C 100 -20.53 -33.08 -20.53
N LEU C 101 -20.62 -33.27 -19.22
CA LEU C 101 -20.98 -32.18 -18.31
C LEU C 101 -19.89 -31.14 -18.47
N SER C 102 -20.18 -30.12 -19.30
CA SER C 102 -19.32 -28.97 -19.60
C SER C 102 -20.12 -27.65 -19.41
N PHE C 103 -20.23 -27.21 -18.15
CA PHE C 103 -20.77 -25.89 -17.82
C PHE C 103 -22.27 -25.62 -18.14
N ALA C 104 -23.00 -26.53 -18.79
CA ALA C 104 -24.48 -26.46 -18.91
C ALA C 104 -25.13 -27.02 -17.67
N ILE C 111 -29.13 -29.16 -17.71
CA ILE C 111 -30.07 -28.10 -17.36
C ILE C 111 -30.19 -27.88 -15.83
N LYS C 112 -30.14 -26.61 -15.44
CA LYS C 112 -30.27 -26.23 -14.03
C LYS C 112 -31.64 -26.60 -13.48
N GLU C 113 -32.68 -26.59 -14.33
CA GLU C 113 -34.03 -26.95 -13.89
C GLU C 113 -34.06 -28.37 -13.29
N LYS C 114 -33.27 -29.28 -13.87
CA LYS C 114 -33.23 -30.69 -13.43
C LYS C 114 -32.40 -30.95 -12.15
N ILE C 115 -31.63 -29.94 -11.72
CA ILE C 115 -30.80 -30.04 -10.51
C ILE C 115 -31.00 -28.87 -9.54
N LYS C 116 -32.14 -28.18 -9.59
CA LYS C 116 -32.37 -26.96 -8.81
C LYS C 116 -32.44 -27.17 -7.31
N ASP C 117 -32.98 -28.32 -6.88
CA ASP C 117 -33.23 -28.60 -5.45
C ASP C 117 -32.10 -29.36 -4.74
N CYS C 118 -31.03 -29.66 -5.45
CA CYS C 118 -29.87 -30.32 -4.85
C CYS C 118 -29.26 -29.43 -3.79
N VAL C 119 -29.08 -30.01 -2.60
CA VAL C 119 -28.46 -29.36 -1.44
C VAL C 119 -27.39 -30.29 -0.87
N PHE C 120 -26.15 -29.80 -0.84
CA PHE C 120 -25.05 -30.57 -0.31
C PHE C 120 -24.97 -30.27 1.15
N VAL C 121 -24.63 -31.28 1.94
CA VAL C 121 -24.40 -31.09 3.35
C VAL C 121 -23.12 -31.87 3.77
N THR C 122 -22.34 -31.30 4.69
CA THR C 122 -21.14 -31.92 5.23
C THR C 122 -20.75 -31.39 6.54
N ALA C 123 -19.85 -32.13 7.18
CA ALA C 123 -19.06 -31.62 8.28
C ALA C 123 -17.64 -31.41 7.81
N THR C 124 -16.92 -30.52 8.49
CA THR C 124 -15.54 -30.18 8.15
C THR C 124 -14.83 -29.45 9.30
N ASP C 125 -13.52 -29.67 9.39
CA ASP C 125 -12.66 -28.84 10.19
C ASP C 125 -12.28 -27.57 9.43
N GLY C 126 -12.58 -27.51 8.14
CA GLY C 126 -12.46 -26.29 7.37
C GLY C 126 -12.20 -26.47 5.89
N ASN C 127 -11.21 -27.30 5.51
CA ASN C 127 -10.84 -27.38 4.10
C ASN C 127 -11.83 -28.14 3.26
N HIS C 128 -12.34 -29.26 3.76
CA HIS C 128 -13.27 -30.07 2.99
C HIS C 128 -14.55 -29.25 2.65
N GLY C 129 -15.09 -28.61 3.68
CA GLY C 129 -16.30 -27.83 3.57
C GLY C 129 -16.14 -26.67 2.61
N ARG C 130 -15.03 -25.96 2.74
CA ARG C 130 -14.68 -24.88 1.85
C ARG C 130 -14.72 -25.40 0.42
N GLY C 131 -14.13 -26.58 0.18
CA GLY C 131 -14.12 -27.18 -1.15
C GLY C 131 -15.52 -27.46 -1.65
N VAL C 132 -16.36 -28.02 -0.79
CA VAL C 132 -17.72 -28.31 -1.17
C VAL C 132 -18.50 -27.01 -1.38
N ALA C 133 -18.32 -26.05 -0.47
CA ALA C 133 -19.04 -24.79 -0.57
C ALA C 133 -18.70 -24.04 -1.88
N TRP C 134 -17.43 -24.12 -2.25
CA TRP C 134 -16.92 -23.48 -3.44
C TRP C 134 -17.53 -24.11 -4.69
N ALA C 135 -17.49 -25.43 -4.77
CA ALA C 135 -18.17 -26.13 -5.86
C ALA C 135 -19.68 -25.81 -5.95
N ALA C 136 -20.37 -25.80 -4.82
CA ALA C 136 -21.78 -25.46 -4.80
C ALA C 136 -22.02 -24.05 -5.34
N GLU C 137 -21.20 -23.11 -4.90
CA GLU C 137 -21.30 -21.73 -5.34
C GLU C 137 -21.15 -21.62 -6.84
N GLN C 138 -20.21 -22.38 -7.41
CA GLN C 138 -20.01 -22.33 -8.86
C GLN C 138 -21.30 -22.67 -9.58
N LEU C 139 -22.06 -23.62 -9.02
CA LEU C 139 -23.28 -24.12 -9.65
C LEU C 139 -24.55 -23.41 -9.15
N GLY C 140 -24.39 -22.36 -8.34
CA GLY C 140 -25.52 -21.70 -7.69
C GLY C 140 -26.39 -22.63 -6.83
N LEU C 141 -25.80 -23.72 -6.34
CA LEU C 141 -26.50 -24.65 -5.47
C LEU C 141 -26.26 -24.31 -4.04
N LYS C 142 -27.15 -24.80 -3.19
CA LYS C 142 -27.06 -24.54 -1.76
C LYS C 142 -26.13 -25.60 -1.15
N ALA C 143 -25.45 -25.23 -0.07
CA ALA C 143 -24.61 -26.12 0.65
C ALA C 143 -24.75 -25.78 2.11
N VAL C 144 -24.79 -26.81 2.96
CA VAL C 144 -24.92 -26.60 4.40
C VAL C 144 -23.73 -27.28 5.04
N VAL C 145 -23.07 -26.56 5.95
CA VAL C 145 -21.82 -27.03 6.55
C VAL C 145 -21.87 -26.95 8.08
N TYR C 146 -21.48 -28.05 8.73
CA TYR C 146 -21.34 -28.08 10.19
C TYR C 146 -19.86 -28.24 10.57
N MET C 147 -19.39 -27.47 11.54
CA MET C 147 -18.02 -27.60 12.03
C MET C 147 -18.04 -27.97 13.50
N PRO C 148 -16.97 -28.62 13.94
CA PRO C 148 -16.87 -28.99 15.36
C PRO C 148 -16.59 -27.82 16.33
N LYS C 149 -16.92 -28.01 17.60
CA LYS C 149 -16.59 -27.06 18.69
C LYS C 149 -15.12 -26.66 18.66
N LEU C 153 -13.07 -19.77 13.49
CA LEU C 153 -14.04 -18.70 13.20
C LEU C 153 -13.79 -18.11 11.82
N ILE C 154 -12.54 -17.84 11.51
CA ILE C 154 -12.14 -17.38 10.18
C ILE C 154 -12.38 -18.49 9.15
N ARG C 155 -12.17 -19.75 9.52
CA ARG C 155 -12.45 -20.89 8.62
C ARG C 155 -13.93 -20.97 8.26
N ALA C 156 -14.80 -20.66 9.24
CA ALA C 156 -16.24 -20.60 9.01
C ALA C 156 -16.63 -19.45 8.09
N GLU C 157 -16.14 -18.24 8.40
CA GLU C 157 -16.37 -17.05 7.57
C GLU C 157 -16.00 -17.32 6.12
N ASN C 158 -14.85 -17.95 5.91
CA ASN C 158 -14.41 -18.25 4.55
C ASN C 158 -15.33 -19.23 3.83
N ILE C 159 -15.97 -20.14 4.58
CA ILE C 159 -17.00 -21.00 4.01
C ILE C 159 -18.26 -20.23 3.67
N ARG C 160 -18.64 -19.31 4.55
CA ARG C 160 -19.85 -18.51 4.31
C ARG C 160 -19.73 -17.62 3.11
N HIS C 161 -18.53 -17.09 2.87
CA HIS C 161 -18.29 -16.22 1.72
C HIS C 161 -18.51 -16.90 0.38
N HIS C 162 -18.65 -18.21 0.34
CA HIS C 162 -19.00 -18.83 -0.92
C HIS C 162 -20.52 -18.89 -1.06
N GLY C 163 -21.22 -18.46 -0.05
CA GLY C 163 -22.67 -18.49 -0.11
C GLY C 163 -23.25 -19.78 0.45
N ALA C 164 -22.44 -20.50 1.21
CA ALA C 164 -22.88 -21.66 1.94
C ALA C 164 -23.33 -21.26 3.33
N GLU C 165 -24.19 -22.08 3.91
CA GLU C 165 -24.56 -21.93 5.30
C GLU C 165 -23.52 -22.69 6.09
N CYS C 166 -23.09 -22.13 7.21
CA CYS C 166 -22.01 -22.74 8.00
C CYS C 166 -22.31 -22.48 9.45
N THR C 167 -22.13 -23.50 10.27
CA THR C 167 -22.50 -23.43 11.66
C THR C 167 -21.44 -24.15 12.47
N ILE C 168 -20.82 -23.41 13.38
CA ILE C 168 -19.88 -24.00 14.34
C ILE C 168 -20.74 -24.70 15.39
N THR C 169 -20.65 -26.03 15.44
CA THR C 169 -21.52 -26.82 16.32
C THR C 169 -20.95 -26.85 17.72
N ASP C 170 -21.62 -27.59 18.61
CA ASP C 170 -21.08 -27.89 19.92
C ASP C 170 -20.56 -29.33 19.98
N LEU C 171 -20.32 -29.93 18.82
CA LEU C 171 -19.96 -31.34 18.72
C LEU C 171 -18.48 -31.51 18.36
N ASN C 172 -17.91 -32.66 18.70
CA ASN C 172 -16.57 -33.01 18.17
C ASN C 172 -16.71 -33.36 16.69
N TYR C 173 -15.57 -33.62 16.03
CA TYR C 173 -15.57 -33.85 14.57
C TYR C 173 -16.43 -35.03 14.18
N ASP C 174 -16.31 -36.15 14.90
CA ASP C 174 -17.02 -37.38 14.56
C ASP C 174 -18.52 -37.25 14.77
N ASP C 175 -18.91 -36.56 15.84
CA ASP C 175 -20.33 -36.35 16.10
C ASP C 175 -20.92 -35.37 15.12
N ALA C 176 -20.07 -34.47 14.66
CA ALA C 176 -20.45 -33.53 13.60
C ALA C 176 -20.69 -34.22 12.25
N VAL C 177 -19.87 -35.22 11.93
CA VAL C 177 -20.07 -36.07 10.75
C VAL C 177 -21.39 -36.85 10.89
N ARG C 178 -21.65 -37.37 12.08
CA ARG C 178 -22.97 -37.98 12.38
C ARG C 178 -24.13 -37.01 12.13
N LEU C 179 -24.01 -35.77 12.59
CA LEU C 179 -25.10 -34.79 12.42
C LEU C 179 -25.41 -34.54 10.93
N ALA C 180 -24.36 -34.37 10.13
CA ALA C 180 -24.51 -34.15 8.69
C ALA C 180 -25.23 -35.32 8.05
N HIS C 181 -24.86 -36.53 8.48
CA HIS C 181 -25.46 -37.77 7.99
C HIS C 181 -26.96 -37.81 8.31
N ARG C 182 -27.29 -37.61 9.58
CA ARG C 182 -28.71 -37.57 10.02
C ARG C 182 -29.49 -36.52 9.25
N MET C 183 -28.87 -35.37 8.99
CA MET C 183 -29.55 -34.30 8.28
C MET C 183 -29.79 -34.64 6.81
N ALA C 184 -28.86 -35.34 6.18
CA ALA C 184 -29.09 -35.79 4.81
C ALA C 184 -30.26 -36.74 4.76
N GLN C 185 -30.24 -37.71 5.68
CA GLN C 185 -31.31 -38.74 5.79
C GLN C 185 -32.65 -38.13 6.07
N THR C 186 -32.73 -37.20 7.00
CA THR C 186 -34.01 -36.58 7.36
C THR C 186 -34.47 -35.42 6.46
N LYS C 187 -33.57 -34.75 5.76
CA LYS C 187 -33.98 -33.61 4.91
C LYS C 187 -33.96 -33.90 3.39
N GLY C 188 -33.41 -35.03 2.96
CA GLY C 188 -33.23 -35.29 1.52
C GLY C 188 -32.00 -34.62 0.90
N TRP C 189 -31.07 -34.15 1.73
CA TRP C 189 -29.92 -33.46 1.21
C TRP C 189 -28.93 -34.45 0.78
N VAL C 190 -28.02 -34.03 -0.10
CA VAL C 190 -26.96 -34.91 -0.57
C VAL C 190 -25.77 -34.78 0.39
N LEU C 191 -25.50 -35.85 1.15
CA LEU C 191 -24.34 -35.94 2.04
C LEU C 191 -23.09 -35.93 1.20
N LEU C 192 -22.24 -34.94 1.40
CA LEU C 192 -21.04 -34.94 0.60
C LEU C 192 -19.83 -35.06 1.50
N GLN C 193 -19.66 -36.22 2.12
CA GLN C 193 -18.62 -36.45 3.12
C GLN C 193 -17.47 -37.33 2.61
N ASP C 194 -16.26 -36.95 3.05
CA ASP C 194 -14.99 -37.53 2.61
C ASP C 194 -14.53 -38.68 3.47
N THR C 195 -15.48 -39.39 4.06
CA THR C 195 -15.21 -40.65 4.71
C THR C 195 -16.48 -41.51 4.50
N ALA C 196 -16.61 -42.72 5.05
CA ALA C 196 -17.63 -43.68 4.55
C ALA C 196 -18.51 -44.40 5.60
N TRP C 197 -19.73 -44.80 5.17
CA TRP C 197 -20.76 -45.42 6.01
C TRP C 197 -21.33 -46.62 5.21
N THR C 198 -22.04 -47.52 5.90
CA THR C 198 -22.77 -48.59 5.24
C THR C 198 -23.91 -48.02 4.38
N GLY C 199 -23.83 -48.30 3.08
CA GLY C 199 -24.66 -47.66 2.10
C GLY C 199 -24.09 -46.37 1.51
N TYR C 200 -22.92 -45.94 1.96
CA TYR C 200 -22.32 -44.68 1.54
C TYR C 200 -20.82 -44.84 1.23
N GLU C 201 -20.51 -45.18 -0.03
CA GLU C 201 -19.15 -45.40 -0.49
C GLU C 201 -18.85 -44.74 -1.80
N GLU C 202 -19.88 -44.45 -2.57
CA GLU C 202 -19.68 -43.99 -3.94
C GLU C 202 -19.03 -42.60 -3.89
N ILE C 203 -19.64 -41.68 -3.17
CA ILE C 203 -19.16 -40.31 -3.11
C ILE C 203 -17.75 -40.24 -2.47
N PRO C 204 -17.55 -40.92 -1.33
CA PRO C 204 -16.23 -41.02 -0.73
C PRO C 204 -15.15 -41.49 -1.66
N THR C 205 -15.52 -42.44 -2.51
CA THR C 205 -14.59 -42.97 -3.52
C THR C 205 -14.26 -41.89 -4.49
N TRP C 206 -15.27 -41.20 -4.99
CA TRP C 206 -15.01 -40.12 -5.90
C TRP C 206 -14.10 -39.04 -5.28
N ILE C 207 -14.29 -38.74 -4.00
CA ILE C 207 -13.50 -37.74 -3.35
C ILE C 207 -12.04 -38.12 -3.41
N MET C 208 -11.76 -39.34 -2.99
CA MET C 208 -10.40 -39.92 -3.10
C MET C 208 -9.84 -39.81 -4.49
N GLN C 209 -10.66 -40.20 -5.46
CA GLN C 209 -10.22 -40.17 -6.85
C GLN C 209 -9.86 -38.77 -7.29
N GLY C 210 -10.65 -37.79 -6.89
CA GLY C 210 -10.43 -36.40 -7.32
C GLY C 210 -9.11 -35.85 -6.83
N TYR C 211 -8.67 -36.34 -5.68
CA TYR C 211 -7.42 -35.86 -5.09
C TYR C 211 -6.23 -36.20 -5.96
N MET C 212 -6.37 -37.20 -6.83
CA MET C 212 -5.20 -37.69 -7.55
C MET C 212 -4.60 -36.65 -8.51
N THR C 213 -5.34 -35.63 -8.88
CA THR C 213 -4.78 -34.64 -9.78
C THR C 213 -3.47 -34.03 -9.24
N LEU C 214 -3.38 -33.79 -7.95
CA LEU C 214 -2.15 -33.23 -7.42
C LEU C 214 -0.99 -34.18 -7.60
N ALA C 215 -1.25 -35.48 -7.56
CA ALA C 215 -0.20 -36.48 -7.75
C ALA C 215 0.23 -36.61 -9.19
N VAL C 216 -0.74 -36.54 -10.09
CA VAL C 216 -0.50 -36.58 -11.53
C VAL C 216 0.38 -35.38 -11.91
N GLU C 217 0.01 -34.20 -11.44
CA GLU C 217 0.79 -33.00 -11.69
C GLU C 217 2.22 -33.14 -11.17
N ALA C 218 2.36 -33.69 -9.97
CA ALA C 218 3.67 -33.73 -9.31
C ALA C 218 4.58 -34.68 -10.05
N TYR C 219 4.04 -35.84 -10.38
CA TYR C 219 4.81 -36.82 -11.13
C TYR C 219 5.29 -36.24 -12.46
N GLU C 220 4.39 -35.59 -13.20
CA GLU C 220 4.73 -34.94 -14.45
C GLU C 220 5.74 -33.85 -14.24
N GLN C 221 5.58 -33.03 -13.21
CA GLN C 221 6.53 -31.95 -12.94
C GLN C 221 7.94 -32.45 -12.69
N LEU C 222 8.06 -33.63 -12.09
CA LEU C 222 9.38 -34.21 -11.84
C LEU C 222 10.03 -34.73 -13.10
N ALA C 223 9.25 -35.45 -13.90
CA ALA C 223 9.73 -36.05 -15.16
C ALA C 223 10.15 -34.97 -16.13
N GLU C 224 9.26 -34.01 -16.34
CA GLU C 224 9.53 -32.97 -17.33
C GLU C 224 10.67 -32.03 -16.93
N THR C 225 11.27 -32.21 -15.76
CA THR C 225 12.44 -31.40 -15.39
C THR C 225 13.64 -32.30 -15.19
N ASN C 226 13.57 -33.52 -15.74
CA ASN C 226 14.59 -34.54 -15.54
C ASN C 226 15.04 -34.70 -14.07
N SER C 227 14.06 -34.64 -13.16
CA SER C 227 14.31 -34.80 -11.73
C SER C 227 14.07 -36.26 -11.40
N PRO C 228 14.95 -36.88 -10.59
CA PRO C 228 14.72 -38.27 -10.16
C PRO C 228 13.32 -38.40 -9.55
N LEU C 229 12.67 -39.53 -9.80
CA LEU C 229 11.37 -39.79 -9.24
C LEU C 229 11.56 -40.23 -7.80
N PRO C 230 10.46 -40.24 -7.01
CA PRO C 230 10.62 -40.46 -5.59
C PRO C 230 11.06 -41.84 -5.19
N THR C 231 12.03 -41.90 -4.29
CA THR C 231 12.35 -43.10 -3.55
C THR C 231 11.46 -43.19 -2.32
N HIS C 232 11.05 -42.02 -1.80
CA HIS C 232 10.23 -41.93 -0.62
C HIS C 232 9.04 -41.01 -0.83
N LEU C 233 7.92 -41.38 -0.22
CA LEU C 233 6.75 -40.55 -0.11
C LEU C 233 6.48 -40.40 1.36
N ILE C 234 6.31 -39.17 1.87
CA ILE C 234 5.83 -38.96 3.22
C ILE C 234 4.49 -38.27 3.13
N LEU C 235 3.46 -38.94 3.62
CA LEU C 235 2.07 -38.51 3.41
C LEU C 235 1.33 -38.41 4.77
N GLN C 236 0.70 -37.26 5.03
CA GLN C 236 -0.04 -37.05 6.25
C GLN C 236 -1.45 -37.64 6.12
N ALA C 237 -2.04 -38.01 7.26
CA ALA C 237 -3.35 -38.63 7.24
C ALA C 237 -4.28 -38.16 8.32
N GLY C 238 -5.49 -37.83 7.90
CA GLY C 238 -6.63 -37.71 8.76
C GLY C 238 -7.33 -39.04 8.63
N VAL C 239 -8.27 -39.17 7.68
CA VAL C 239 -9.02 -40.43 7.50
C VAL C 239 -8.34 -41.37 6.53
N GLY C 240 -7.34 -40.84 5.82
CA GLY C 240 -6.55 -41.65 4.86
C GLY C 240 -6.88 -41.49 3.39
N SER C 241 -7.89 -40.69 3.07
CA SER C 241 -8.34 -40.55 1.68
C SER C 241 -7.26 -39.93 0.84
N PHE C 242 -6.72 -38.80 1.30
CA PHE C 242 -5.63 -38.15 0.56
C PHE C 242 -4.45 -39.09 0.35
N ALA C 243 -3.98 -39.75 1.41
CA ALA C 243 -2.78 -40.61 1.31
C ALA C 243 -2.98 -41.80 0.41
N GLY C 244 -4.16 -42.40 0.51
CA GLY C 244 -4.54 -43.47 -0.36
C GLY C 244 -4.48 -43.03 -1.78
N SER C 245 -5.09 -41.89 -2.06
CA SER C 245 -5.14 -41.37 -3.41
C SER C 245 -3.74 -41.21 -3.96
N VAL C 246 -2.90 -40.49 -3.22
CA VAL C 246 -1.57 -40.13 -3.69
C VAL C 246 -0.65 -41.36 -3.81
N MET C 247 -0.55 -42.18 -2.78
CA MET C 247 0.29 -43.36 -2.88
C MET C 247 -0.32 -44.33 -3.90
N GLY C 248 -1.64 -44.48 -3.88
CA GLY C 248 -2.30 -45.32 -4.88
C GLY C 248 -1.81 -44.96 -6.25
N TYR C 249 -1.89 -43.69 -6.61
CA TYR C 249 -1.43 -43.24 -7.93
C TYR C 249 0.03 -43.60 -8.17
N PHE C 250 0.92 -43.24 -7.24
CA PHE C 250 2.36 -43.47 -7.47
C PHE C 250 2.72 -44.95 -7.57
N VAL C 251 2.03 -45.79 -6.83
CA VAL C 251 2.26 -47.22 -6.93
C VAL C 251 1.84 -47.71 -8.32
N GLU C 252 0.69 -47.27 -8.79
CA GLU C 252 0.21 -47.65 -10.12
C GLU C 252 1.21 -47.17 -11.19
N LYS C 253 1.77 -45.97 -11.05
CA LYS C 253 2.64 -45.37 -12.10
C LYS C 253 4.07 -45.87 -12.01
N MET C 254 4.51 -46.28 -10.84
CA MET C 254 5.88 -46.75 -10.66
C MET C 254 5.90 -48.23 -10.27
N GLN C 255 5.08 -49.02 -10.96
CA GLN C 255 4.79 -50.39 -10.53
C GLN C 255 6.06 -51.18 -10.20
N GLU C 256 7.12 -51.03 -10.98
CA GLU C 256 8.32 -51.87 -10.81
C GLU C 256 9.27 -51.41 -9.69
N ASN C 257 9.29 -50.12 -9.38
CA ASN C 257 10.07 -49.61 -8.24
C ASN C 257 9.20 -48.77 -7.29
N ILE C 258 8.20 -49.42 -6.70
CA ILE C 258 7.27 -48.73 -5.81
C ILE C 258 8.10 -48.09 -4.70
N PRO C 259 7.96 -46.76 -4.52
CA PRO C 259 8.76 -46.10 -3.49
C PRO C 259 8.38 -46.43 -2.06
N ASN C 260 9.28 -46.08 -1.17
CA ASN C 260 9.13 -46.23 0.26
C ASN C 260 8.10 -45.21 0.79
N ILE C 261 7.00 -45.70 1.37
CA ILE C 261 5.86 -44.85 1.73
C ILE C 261 5.68 -44.76 3.23
N ILE C 262 5.79 -43.54 3.76
CA ILE C 262 5.69 -43.28 5.16
C ILE C 262 4.44 -42.45 5.40
N VAL C 263 3.62 -42.86 6.34
CA VAL C 263 2.39 -42.17 6.66
C VAL C 263 2.51 -41.58 8.07
N VAL C 264 2.09 -40.34 8.28
CA VAL C 264 2.29 -39.66 9.54
C VAL C 264 0.99 -39.06 10.04
N GLU C 265 0.72 -39.29 11.33
CA GLU C 265 -0.44 -38.78 11.98
C GLU C 265 0.01 -38.04 13.25
N PRO C 266 -0.85 -37.17 13.79
CA PRO C 266 -0.57 -36.64 15.12
C PRO C 266 -0.72 -37.73 16.20
N HIS C 267 0.04 -37.62 17.27
CA HIS C 267 -0.04 -38.56 18.40
C HIS C 267 -1.47 -38.82 18.85
N GLN C 268 -2.22 -37.75 19.04
CA GLN C 268 -3.57 -37.84 19.57
C GLN C 268 -4.63 -38.36 18.56
N ALA C 269 -4.30 -38.45 17.29
CA ALA C 269 -5.26 -38.92 16.30
C ALA C 269 -4.60 -39.88 15.35
N ASN C 270 -4.01 -40.94 15.89
CA ASN C 270 -3.20 -41.87 15.12
C ASN C 270 -3.89 -43.22 14.80
N CYS C 271 -5.07 -43.14 14.20
CA CYS C 271 -5.87 -44.32 13.97
C CYS C 271 -5.23 -45.32 13.00
N LEU C 272 -4.64 -44.86 11.93
CA LEU C 272 -3.96 -45.73 11.00
C LEU C 272 -2.75 -46.42 11.62
N TYR C 273 -1.94 -45.67 12.36
CA TYR C 273 -0.88 -46.21 13.17
C TYR C 273 -1.46 -47.32 14.08
N GLN C 274 -2.47 -46.95 14.86
CA GLN C 274 -3.14 -47.89 15.77
C GLN C 274 -3.73 -49.10 15.04
N SER C 275 -4.32 -48.86 13.87
CA SER C 275 -4.85 -49.93 13.06
C SER C 275 -3.74 -50.89 12.71
N ALA C 276 -2.58 -50.35 12.37
CA ALA C 276 -1.45 -51.17 11.97
C ALA C 276 -0.89 -51.89 13.17
N VAL C 277 -0.96 -51.27 14.34
CA VAL C 277 -0.47 -51.92 15.57
C VAL C 277 -1.33 -53.16 15.87
N MET C 278 -2.64 -53.07 15.64
CA MET C 278 -3.57 -54.21 15.84
C MET C 278 -3.38 -55.39 14.87
N ASP C 279 -2.89 -55.13 13.67
CA ASP C 279 -2.42 -56.17 12.76
C ASP C 279 -3.48 -57.25 12.44
N ASP C 280 -4.74 -56.90 12.39
CA ASP C 280 -5.75 -57.90 12.00
C ASP C 280 -6.30 -57.71 10.59
N GLY C 281 -5.66 -56.87 9.78
CA GLY C 281 -6.09 -56.57 8.42
C GLY C 281 -7.21 -55.50 8.33
N GLN C 282 -7.76 -55.10 9.47
CA GLN C 282 -8.93 -54.27 9.54
C GLN C 282 -8.60 -52.86 10.09
N PRO C 283 -9.38 -51.85 9.72
CA PRO C 283 -9.16 -50.51 10.28
C PRO C 283 -9.67 -50.45 11.70
N HIS C 284 -9.08 -49.63 12.55
CA HIS C 284 -9.49 -49.53 13.94
C HIS C 284 -9.58 -48.09 14.38
N CYS C 285 -10.61 -47.75 15.15
CA CYS C 285 -10.83 -46.37 15.60
C CYS C 285 -9.96 -46.01 16.80
N VAL C 286 -9.75 -44.71 17.01
CA VAL C 286 -9.20 -44.19 18.28
C VAL C 286 -10.29 -43.29 18.86
N THR C 287 -10.52 -43.35 20.17
CA THR C 287 -11.56 -42.52 20.81
C THR C 287 -11.06 -41.08 21.07
N ILE C 293 -2.96 -29.55 17.27
CA ILE C 293 -2.68 -28.38 16.37
C ILE C 293 -3.04 -28.68 14.93
N MET C 294 -2.87 -29.95 14.54
CA MET C 294 -3.05 -30.41 13.18
C MET C 294 -4.50 -30.75 12.92
N ALA C 295 -5.29 -29.71 12.81
CA ALA C 295 -6.73 -29.84 12.84
C ALA C 295 -7.26 -30.75 11.73
N GLY C 296 -6.69 -30.65 10.55
CA GLY C 296 -7.15 -31.41 9.41
C GLY C 296 -6.86 -32.90 9.54
N LEU C 297 -5.90 -33.26 10.39
CA LEU C 297 -5.55 -34.66 10.54
C LEU C 297 -6.29 -35.29 11.70
N ALA C 298 -7.03 -34.47 12.44
CA ALA C 298 -7.64 -34.92 13.71
C ALA C 298 -8.94 -35.69 13.41
N CYS C 299 -8.75 -36.95 13.00
CA CYS C 299 -9.84 -37.88 12.71
C CYS C 299 -9.56 -39.24 13.36
N GLY C 300 -10.59 -39.80 13.98
CA GLY C 300 -10.49 -41.07 14.71
C GLY C 300 -10.77 -42.32 13.89
N GLU C 301 -11.57 -42.19 12.84
CA GLU C 301 -12.09 -43.33 12.09
C GLU C 301 -11.52 -43.36 10.69
N PRO C 302 -10.70 -44.36 10.36
CA PRO C 302 -10.19 -44.44 9.01
C PRO C 302 -11.26 -44.64 7.98
N ASN C 303 -11.02 -44.11 6.81
CA ASN C 303 -11.88 -44.30 5.67
C ASN C 303 -11.70 -45.73 5.15
N ILE C 304 -12.81 -46.48 5.06
CA ILE C 304 -12.76 -47.92 4.68
C ILE C 304 -12.38 -48.13 3.23
N ILE C 305 -12.61 -47.11 2.41
CA ILE C 305 -12.27 -47.19 0.99
C ILE C 305 -10.75 -47.06 0.79
N SER C 306 -10.11 -46.21 1.58
CA SER C 306 -8.69 -45.99 1.38
C SER C 306 -7.83 -46.94 2.19
N TRP C 307 -8.39 -47.49 3.24
CA TRP C 307 -7.65 -48.41 4.11
C TRP C 307 -6.84 -49.48 3.39
N PRO C 308 -7.46 -50.24 2.46
CA PRO C 308 -6.72 -51.34 1.83
C PRO C 308 -5.53 -50.87 1.05
N ILE C 309 -5.66 -49.75 0.36
CA ILE C 309 -4.52 -49.18 -0.36
C ILE C 309 -3.43 -48.85 0.67
N ILE C 310 -3.81 -48.21 1.77
CA ILE C 310 -2.87 -47.81 2.82
C ILE C 310 -2.21 -49.03 3.51
N ARG C 311 -3.02 -50.01 3.89
CA ARG C 311 -2.50 -51.24 4.44
C ARG C 311 -1.58 -51.99 3.46
N ASP C 312 -1.98 -52.10 2.20
CA ASP C 312 -1.19 -52.91 1.25
C ASP C 312 0.10 -52.24 0.80
N ASN C 313 0.20 -50.91 0.92
CA ASN C 313 1.34 -50.20 0.38
C ASN C 313 2.22 -49.40 1.33
N THR C 314 1.74 -49.07 2.54
CA THR C 314 2.53 -48.27 3.45
C THR C 314 3.65 -49.13 3.99
N SER C 315 4.84 -48.54 4.12
CA SER C 315 5.97 -49.26 4.69
C SER C 315 6.17 -48.96 6.15
N CYS C 316 5.96 -47.71 6.55
CA CYS C 316 6.06 -47.37 7.95
C CYS C 316 5.02 -46.31 8.36
N PHE C 317 4.39 -46.53 9.52
CA PHE C 317 3.46 -45.58 10.12
C PHE C 317 4.20 -44.83 11.20
N ILE C 318 4.03 -43.52 11.22
CA ILE C 318 4.66 -42.63 12.17
C ILE C 318 3.59 -41.84 12.94
N SER C 319 3.80 -41.69 14.25
CA SER C 319 3.00 -40.76 15.06
C SER C 319 3.95 -39.64 15.40
N ALA C 320 3.47 -38.41 15.42
CA ALA C 320 4.32 -37.26 15.62
C ALA C 320 3.74 -36.20 16.52
N ASP C 321 4.61 -35.60 17.30
CA ASP C 321 4.30 -34.48 18.19
C ASP C 321 3.98 -33.23 17.40
N ASP C 322 3.15 -32.35 17.97
CA ASP C 322 2.75 -31.15 17.24
C ASP C 322 3.94 -30.24 16.87
N CYS C 323 5.00 -30.23 17.67
CA CYS C 323 6.04 -29.29 17.44
C CYS C 323 6.73 -29.59 16.13
N LEU C 324 6.61 -30.81 15.61
CA LEU C 324 7.20 -31.13 14.30
C LEU C 324 6.41 -30.41 13.19
N ALA C 325 5.09 -30.36 13.34
CA ALA C 325 4.27 -29.56 12.41
C ALA C 325 4.67 -28.09 12.49
N ALA C 326 4.79 -27.58 13.70
CA ALA C 326 5.18 -26.18 13.88
C ALA C 326 6.56 -25.90 13.27
N LYS C 327 7.47 -26.84 13.45
CA LYS C 327 8.82 -26.75 12.91
C LYS C 327 8.74 -26.64 11.40
N GLY C 328 7.95 -27.54 10.79
CA GLY C 328 7.80 -27.61 9.35
C GLY C 328 7.26 -26.32 8.78
N MET C 329 6.34 -25.69 9.48
CA MET C 329 5.78 -24.45 9.02
C MET C 329 6.85 -23.37 9.01
N ARG C 330 7.68 -23.35 10.05
CA ARG C 330 8.77 -22.37 10.12
C ARG C 330 9.87 -22.66 9.08
N ILE C 331 10.23 -23.94 8.89
CA ILE C 331 11.21 -24.29 7.87
C ILE C 331 10.76 -23.82 6.49
N SER C 332 9.53 -24.21 6.13
CA SER C 332 8.92 -23.82 4.85
C SER C 332 8.89 -22.33 4.67
N ALA C 333 8.58 -21.59 5.73
CA ALA C 333 8.45 -20.14 5.66
C ALA C 333 9.80 -19.39 5.64
N ALA C 334 10.83 -20.00 6.24
CA ALA C 334 12.09 -19.33 6.45
C ALA C 334 13.29 -20.11 5.98
N PRO C 335 13.35 -20.44 4.70
CA PRO C 335 14.64 -20.86 4.16
C PRO C 335 15.61 -19.68 4.21
N ARG C 336 16.90 -19.95 4.17
CA ARG C 336 17.89 -18.91 4.22
C ARG C 336 17.68 -18.07 3.01
N PRO C 337 17.80 -16.76 3.17
CA PRO C 337 17.49 -15.87 2.07
C PRO C 337 18.08 -16.22 0.71
N GLY C 338 19.31 -16.67 0.64
CA GLY C 338 19.84 -16.97 -0.71
C GLY C 338 19.06 -17.99 -1.57
N THR C 339 18.31 -18.88 -0.92
CA THR C 339 18.35 -20.28 -1.31
C THR C 339 17.05 -20.85 -1.81
N ASP C 340 16.41 -21.74 -1.04
CA ASP C 340 15.16 -22.34 -1.48
C ASP C 340 14.03 -21.32 -1.47
N THR C 341 12.97 -21.61 -2.21
CA THR C 341 11.85 -20.73 -2.28
C THR C 341 11.06 -20.77 -0.99
N PRO C 342 10.83 -19.61 -0.34
CA PRO C 342 9.93 -19.61 0.83
C PRO C 342 8.44 -19.77 0.49
N PHE C 343 7.70 -20.54 1.29
CA PHE C 343 6.30 -20.66 1.01
C PHE C 343 5.46 -20.85 2.30
N ILE C 344 4.15 -20.70 2.12
CA ILE C 344 3.21 -20.71 3.20
C ILE C 344 2.62 -22.09 3.32
N SER C 345 2.91 -22.73 4.45
CA SER C 345 2.46 -24.09 4.72
C SER C 345 1.89 -24.15 6.12
N GLY C 346 0.64 -24.61 6.20
CA GLY C 346 -0.17 -24.58 7.41
C GLY C 346 0.03 -25.80 8.30
N GLU C 347 -0.74 -25.84 9.38
CA GLU C 347 -0.54 -26.81 10.45
C GLU C 347 -0.59 -28.26 10.00
N SER C 348 -1.52 -28.59 9.13
CA SER C 348 -1.62 -29.98 8.67
C SER C 348 -0.82 -30.22 7.38
N GLY C 349 -0.30 -29.13 6.79
CA GLY C 349 0.48 -29.22 5.57
C GLY C 349 1.98 -29.34 5.70
N ALA C 350 2.56 -28.97 6.83
CA ALA C 350 4.01 -28.87 6.98
C ALA C 350 4.59 -29.99 7.82
N ILE C 351 3.75 -30.88 8.34
CA ILE C 351 4.21 -32.00 9.13
C ILE C 351 5.24 -32.88 8.44
N GLY C 352 5.16 -33.00 7.12
CA GLY C 352 6.14 -33.71 6.33
C GLY C 352 7.57 -33.20 6.52
N VAL C 353 7.86 -31.93 6.20
CA VAL C 353 9.29 -31.45 6.31
C VAL C 353 9.73 -31.45 7.74
N GLY C 354 8.79 -31.22 8.65
CA GLY C 354 9.09 -31.21 10.06
C GLY C 354 9.58 -32.56 10.52
N LEU C 355 8.91 -33.60 10.08
CA LEU C 355 9.26 -34.96 10.40
C LEU C 355 10.58 -35.28 9.77
N LEU C 356 10.74 -34.86 8.54
CA LEU C 356 11.95 -35.17 7.78
C LEU C 356 13.18 -34.54 8.43
N TYR C 357 13.06 -33.28 8.80
CA TYR C 357 14.14 -32.56 9.47
C TYR C 357 14.56 -33.33 10.70
N GLU C 358 13.59 -33.61 11.57
CA GLU C 358 13.88 -34.31 12.80
C GLU C 358 14.55 -35.65 12.51
N LEU C 359 14.00 -36.38 11.53
CA LEU C 359 14.56 -37.65 11.15
C LEU C 359 16.04 -37.55 10.82
N MET C 360 16.45 -36.48 10.15
CA MET C 360 17.78 -36.40 9.65
C MET C 360 18.72 -35.64 10.54
N ASN C 361 18.19 -35.06 11.59
CA ASN C 361 18.95 -34.11 12.39
C ASN C 361 19.01 -34.44 13.85
N ASN C 362 17.94 -35.02 14.37
CA ASN C 362 17.91 -35.45 15.76
C ASN C 362 18.61 -36.78 15.84
N MET C 363 19.69 -36.83 16.62
CA MET C 363 20.55 -38.01 16.66
C MET C 363 19.83 -39.23 17.24
N HIS C 364 18.86 -39.02 18.13
CA HIS C 364 18.08 -40.13 18.70
C HIS C 364 17.35 -40.93 17.62
N TYR C 365 17.32 -40.45 16.36
CA TYR C 365 16.60 -41.14 15.30
C TYR C 365 17.45 -41.59 14.09
N GLN C 366 18.77 -41.47 14.17
CA GLN C 366 19.63 -41.90 13.07
C GLN C 366 19.36 -43.34 12.68
N ASP C 367 19.12 -44.17 13.68
CA ASP C 367 18.75 -45.57 13.47
C ASP C 367 17.48 -45.72 12.59
N LEU C 368 16.41 -45.07 13.04
CA LEU C 368 15.16 -45.04 12.33
C LEU C 368 15.35 -44.49 10.92
N ALA C 369 16.10 -43.41 10.82
CA ALA C 369 16.42 -42.82 9.51
C ALA C 369 17.17 -43.78 8.60
N ASN C 370 18.13 -44.50 9.17
CA ASN C 370 18.90 -45.47 8.41
C ASN C 370 18.03 -46.60 7.99
N ARG C 371 17.27 -47.09 8.94
CA ARG C 371 16.32 -48.14 8.66
C ARG C 371 15.32 -47.75 7.52
N LEU C 372 14.81 -46.51 7.61
CA LEU C 372 13.95 -45.93 6.57
C LEU C 372 14.68 -45.55 5.27
N GLN C 373 16.01 -45.69 5.26
CA GLN C 373 16.84 -45.47 4.05
C GLN C 373 16.84 -44.03 3.59
N LEU C 374 16.81 -43.13 4.56
CA LEU C 374 16.95 -41.72 4.29
C LEU C 374 18.42 -41.38 4.32
N ASP C 375 18.97 -41.08 3.15
CA ASP C 375 20.37 -40.73 3.00
C ASP C 375 20.53 -40.04 1.66
N ALA C 376 21.77 -39.69 1.32
CA ALA C 376 22.00 -38.88 0.12
C ALA C 376 21.53 -39.49 -1.22
N SER C 377 21.07 -40.74 -1.17
CA SER C 377 20.43 -41.40 -2.33
C SER C 377 18.90 -41.24 -2.39
N ALA C 378 18.31 -40.74 -1.32
CA ALA C 378 16.87 -40.72 -1.17
C ALA C 378 16.28 -39.44 -1.75
N HIS C 379 15.28 -39.60 -2.61
CA HIS C 379 14.58 -38.48 -3.21
C HIS C 379 13.17 -38.47 -2.67
N VAL C 380 12.85 -37.44 -1.92
CA VAL C 380 11.61 -37.43 -1.11
C VAL C 380 10.60 -36.48 -1.66
N LEU C 381 9.40 -36.98 -1.93
CA LEU C 381 8.26 -36.15 -2.28
C LEU C 381 7.38 -35.97 -1.03
N LEU C 382 7.03 -34.71 -0.74
CA LEU C 382 6.12 -34.33 0.32
C LEU C 382 5.01 -33.52 -0.29
N ILE C 383 3.85 -33.50 0.37
CA ILE C 383 2.78 -32.61 -0.07
C ILE C 383 2.34 -31.66 1.01
N SER C 384 2.51 -30.37 0.76
CA SER C 384 1.94 -29.34 1.63
C SER C 384 0.47 -29.13 1.25
N THR C 385 -0.41 -29.66 2.08
CA THR C 385 -1.80 -29.76 1.77
C THR C 385 -2.63 -28.45 2.00
N GLU C 386 -2.15 -27.53 2.83
CA GLU C 386 -2.83 -26.24 3.03
C GLU C 386 -1.85 -25.11 3.34
N GLY C 387 -2.30 -23.88 3.13
CA GLY C 387 -1.54 -22.71 3.51
C GLY C 387 -1.98 -22.25 4.86
N ASP C 388 -1.96 -20.91 5.05
CA ASP C 388 -2.40 -20.29 6.30
C ASP C 388 -3.92 -20.19 6.40
N THR C 389 -4.58 -21.33 6.61
CA THR C 389 -6.04 -21.38 6.67
C THR C 389 -6.62 -20.68 7.90
N SER C 390 -5.84 -20.52 8.98
CA SER C 390 -6.13 -19.47 10.01
C SER C 390 -4.91 -18.61 10.25
N PRO C 391 -4.90 -17.42 9.62
CA PRO C 391 -3.73 -16.52 9.68
C PRO C 391 -3.22 -16.26 11.07
N ASP C 392 -4.13 -16.18 12.04
CA ASP C 392 -3.75 -15.91 13.44
C ASP C 392 -2.92 -17.03 13.96
N ILE C 393 -3.37 -18.26 13.74
CA ILE C 393 -2.63 -19.41 14.25
C ILE C 393 -1.29 -19.50 13.59
N TYR C 394 -1.29 -19.24 12.28
CA TYR C 394 -0.08 -19.28 11.50
C TYR C 394 0.97 -18.27 11.98
N GLU C 395 0.55 -17.04 12.25
CA GLU C 395 1.48 -16.02 12.67
C GLU C 395 2.01 -16.38 14.04
N ASP C 396 1.13 -16.91 14.87
CA ASP C 396 1.47 -17.24 16.26
C ASP C 396 2.52 -18.35 16.29
N ILE C 397 2.48 -19.26 15.31
CA ILE C 397 3.47 -20.33 15.23
C ILE C 397 4.77 -19.83 14.59
N VAL C 398 4.67 -19.12 13.46
CA VAL C 398 5.80 -18.81 12.61
C VAL C 398 6.54 -17.60 13.10
N TRP C 399 5.83 -16.64 13.70
CA TRP C 399 6.49 -15.46 14.23
C TRP C 399 6.74 -15.57 15.72
N ASN C 400 5.71 -15.94 16.50
CA ASN C 400 5.85 -16.04 17.98
C ASN C 400 6.32 -17.37 18.53
N GLY C 401 6.57 -18.34 17.65
CA GLY C 401 7.18 -19.61 18.08
C GLY C 401 6.30 -20.55 18.88
N ARG C 402 4.98 -20.41 18.78
CA ARG C 402 4.13 -21.43 19.37
C ARG C 402 4.44 -22.77 18.74
N SER C 403 4.54 -23.80 19.56
CA SER C 403 4.82 -25.14 19.05
C SER C 403 3.79 -26.12 19.63
N ALA C 404 2.65 -25.57 20.07
CA ALA C 404 1.60 -26.34 20.71
C ALA C 404 0.35 -25.49 20.88
N GLN D 8 6.38 -9.10 27.74
CA GLN D 8 6.64 -8.12 28.86
C GLN D 8 7.57 -6.96 28.43
N PHE D 9 7.00 -5.76 28.43
CA PHE D 9 7.74 -4.53 28.22
C PHE D 9 7.62 -3.76 29.51
N ASN D 10 8.74 -3.34 30.09
CA ASN D 10 8.74 -2.31 31.15
C ASN D 10 9.11 -0.95 30.53
N THR D 11 8.45 0.09 30.98
CA THR D 11 8.51 1.44 30.45
C THR D 11 9.29 2.30 31.45
N ARG D 12 9.99 3.34 31.00
CA ARG D 12 10.42 4.44 31.88
C ARG D 12 10.73 5.64 31.01
N ARG D 13 9.85 6.64 30.99
CA ARG D 13 10.10 7.80 30.17
C ARG D 13 11.08 8.73 30.87
N LYS D 14 11.80 9.53 30.07
CA LYS D 14 12.93 10.29 30.62
C LYS D 14 12.60 11.72 30.99
N LYS D 15 12.71 12.00 32.29
CA LYS D 15 12.57 13.36 32.83
C LYS D 15 13.68 14.26 32.26
N TYR D 16 14.93 13.81 32.36
CA TYR D 16 16.13 14.59 32.01
C TYR D 16 16.37 14.81 30.49
N GLY D 17 15.42 14.41 29.64
CA GLY D 17 15.54 14.57 28.19
C GLY D 17 15.65 16.05 27.83
N THR D 18 16.33 16.34 26.70
CA THR D 18 16.47 17.69 26.19
C THR D 18 16.96 17.70 24.73
N SER D 23 27.65 16.43 18.81
CA SER D 23 28.85 17.25 19.05
C SER D 23 30.11 16.42 18.89
N LEU D 24 30.26 15.38 19.72
CA LEU D 24 31.23 14.31 19.47
C LEU D 24 30.85 13.50 18.21
N LEU D 25 29.58 13.60 17.81
CA LEU D 25 29.10 12.98 16.57
C LEU D 25 28.83 13.98 15.46
N ASN D 26 29.63 15.05 15.39
CA ASN D 26 29.41 16.11 14.41
C ASN D 26 29.89 15.70 13.03
N GLY D 27 29.48 16.50 12.04
CA GLY D 27 29.71 16.17 10.61
C GLY D 27 31.17 16.09 10.18
N ASN D 28 32.06 16.84 10.85
CA ASN D 28 33.53 16.75 10.61
C ASN D 28 34.10 15.39 11.05
N VAL D 29 33.63 14.90 12.20
CA VAL D 29 34.00 13.56 12.63
C VAL D 29 33.41 12.59 11.61
N GLY D 30 32.14 12.79 11.27
CA GLY D 30 31.45 11.98 10.27
C GLY D 30 32.26 11.77 9.00
N HIS D 31 32.82 12.87 8.50
CA HIS D 31 33.56 12.85 7.25
C HIS D 31 34.90 12.15 7.45
N GLU D 32 35.57 12.39 8.58
CA GLU D 32 36.83 11.73 8.86
C GLU D 32 36.61 10.20 8.88
N VAL D 33 35.60 9.79 9.64
CA VAL D 33 35.28 8.39 9.84
C VAL D 33 34.90 7.71 8.53
N LEU D 34 34.01 8.35 7.76
CA LEU D 34 33.56 7.76 6.49
C LEU D 34 34.68 7.73 5.49
N ALA D 35 35.48 8.80 5.46
CA ALA D 35 36.67 8.84 4.61
C ALA D 35 37.51 7.63 4.88
N PHE D 36 37.73 7.36 6.16
CA PHE D 36 38.54 6.21 6.60
C PHE D 36 37.94 4.87 6.20
N HIS D 37 36.65 4.66 6.47
CA HIS D 37 36.04 3.36 6.18
C HIS D 37 35.99 3.08 4.69
N LYS D 38 35.79 4.12 3.88
CA LYS D 38 35.77 3.94 2.43
C LYS D 38 37.09 3.43 1.82
N LYS D 39 38.23 3.76 2.43
CA LYS D 39 39.50 3.26 1.97
C LYS D 39 39.73 1.83 2.37
N LEU D 40 38.91 1.30 3.28
CA LEU D 40 39.10 -0.09 3.70
C LEU D 40 38.67 -0.97 2.51
N PRO D 41 39.48 -1.92 2.07
CA PRO D 41 39.02 -2.77 0.94
C PRO D 41 37.60 -3.38 1.02
N ASN D 42 37.20 -3.84 2.19
CA ASN D 42 35.89 -4.50 2.35
C ASN D 42 34.62 -3.58 2.31
N TYR D 43 34.83 -2.27 2.27
CA TYR D 43 33.73 -1.33 2.46
C TYR D 43 32.61 -1.44 1.45
N ALA D 44 31.38 -1.39 1.95
CA ALA D 44 30.20 -1.26 1.11
C ALA D 44 29.04 -0.82 1.98
N VAL D 45 28.17 0.03 1.42
CA VAL D 45 26.94 0.42 2.11
C VAL D 45 26.18 -0.87 2.36
N THR D 46 25.70 -1.04 3.58
CA THR D 46 24.85 -2.16 3.91
C THR D 46 23.41 -1.82 3.50
N PRO D 47 22.61 -2.83 3.23
CA PRO D 47 21.22 -2.63 2.84
C PRO D 47 20.39 -1.96 3.89
N LEU D 48 19.42 -1.14 3.45
CA LEU D 48 18.39 -0.64 4.36
C LEU D 48 17.06 -1.18 3.91
N HIS D 49 16.55 -2.17 4.61
CA HIS D 49 15.31 -2.83 4.21
C HIS D 49 14.06 -2.03 4.57
N ASN D 50 13.21 -1.80 3.56
CA ASN D 50 11.93 -1.15 3.75
C ASN D 50 10.87 -2.19 4.00
N LEU D 51 10.41 -2.30 5.23
CA LEU D 51 9.40 -3.29 5.57
C LEU D 51 7.95 -2.73 5.43
N ALA D 52 7.60 -2.38 4.20
CA ALA D 52 6.35 -1.65 3.95
C ALA D 52 5.12 -2.50 4.25
N HIS D 53 5.22 -3.78 3.92
CA HIS D 53 4.14 -4.72 4.15
C HIS D 53 3.93 -4.94 5.65
N LEU D 54 5.02 -5.03 6.40
CA LEU D 54 4.91 -5.09 7.86
C LEU D 54 4.36 -3.80 8.42
N SER D 55 4.69 -2.70 7.77
CA SER D 55 4.25 -1.36 8.16
C SER D 55 2.72 -1.24 8.04
N GLN D 56 2.17 -1.84 7.00
CA GLN D 56 0.73 -1.89 6.82
C GLN D 56 0.10 -2.77 7.90
N ARG D 57 0.58 -4.00 8.01
CA ARG D 57 0.06 -4.97 8.97
C ARG D 57 0.02 -4.44 10.42
N LEU D 58 0.84 -3.45 10.74
CA LEU D 58 0.94 -2.91 12.12
C LEU D 58 0.36 -1.51 12.28
N GLY D 59 0.03 -0.83 11.19
CA GLY D 59 -0.55 0.51 11.28
C GLY D 59 0.49 1.60 11.46
N LEU D 60 1.58 1.51 10.72
CA LEU D 60 2.66 2.45 10.86
C LEU D 60 2.93 3.07 9.50
N GLY D 61 3.51 4.24 9.51
CA GLY D 61 3.89 4.87 8.26
C GLY D 61 4.91 4.03 7.54
N SER D 62 6.05 3.83 8.16
CA SER D 62 7.13 3.11 7.53
C SER D 62 8.05 2.47 8.57
N ILE D 63 8.62 1.33 8.19
CA ILE D 63 9.67 0.66 8.94
C ILE D 63 10.84 0.45 8.01
N HIS D 64 11.99 0.93 8.40
CA HIS D 64 13.23 0.63 7.74
C HIS D 64 14.16 -0.06 8.73
N ILE D 65 14.85 -1.11 8.29
CA ILE D 65 15.84 -1.76 9.13
C ILE D 65 17.22 -1.83 8.46
N LYS D 66 18.20 -1.24 9.12
CA LYS D 66 19.56 -1.24 8.60
C LYS D 66 20.14 -2.60 8.90
N ASP D 67 20.57 -3.31 7.87
CA ASP D 67 21.03 -4.69 8.02
C ASP D 67 22.55 -4.76 8.11
N GLU D 68 23.06 -4.77 9.33
CA GLU D 68 24.51 -4.79 9.52
C GLU D 68 25.08 -6.21 9.56
N SER D 69 24.29 -7.23 9.30
CA SER D 69 24.86 -8.59 9.09
C SER D 69 25.87 -8.68 7.91
N TRP D 70 25.80 -7.73 6.98
CA TRP D 70 26.70 -7.65 5.85
C TRP D 70 28.02 -6.92 6.13
N ARG D 71 28.11 -6.16 7.22
CA ARG D 71 29.24 -5.27 7.44
C ARG D 71 30.59 -5.98 7.45
N PHE D 72 31.41 -5.67 6.45
CA PHE D 72 32.79 -6.17 6.33
C PHE D 72 32.92 -7.70 6.29
N GLY D 73 31.82 -8.39 6.04
CA GLY D 73 31.83 -9.84 6.04
C GLY D 73 31.92 -10.45 7.43
N LEU D 74 31.65 -9.65 8.46
CA LEU D 74 31.88 -10.07 9.84
C LEU D 74 30.60 -10.45 10.57
N ASN D 75 29.45 -10.33 9.88
CA ASN D 75 28.15 -10.66 10.43
C ASN D 75 27.69 -9.77 11.54
N ALA D 76 28.26 -8.56 11.63
CA ALA D 76 27.92 -7.58 12.66
C ALA D 76 28.52 -6.22 12.38
N PHE D 77 28.00 -5.19 13.00
CA PHE D 77 28.38 -3.81 12.72
C PHE D 77 29.66 -3.34 13.42
N1 LLP D 78 23.90 -5.38 19.10
C2 LLP D 78 24.93 -6.23 18.96
C2' LLP D 78 24.77 -7.41 18.07
C3 LLP D 78 26.21 -6.03 19.63
O3 LLP D 78 27.21 -6.91 19.44
C4 LLP D 78 26.32 -4.85 20.49
C4' LLP D 78 27.62 -4.58 21.23
C5 LLP D 78 25.12 -3.96 20.61
C6 LLP D 78 23.98 -4.29 19.88
C5' LLP D 78 25.07 -2.70 21.46
OP4 LLP D 78 26.33 -2.42 21.95
P LLP D 78 26.72 -1.37 23.03
OP1 LLP D 78 27.73 -0.52 22.34
OP2 LLP D 78 25.55 -0.64 23.60
OP3 LLP D 78 27.31 -2.30 24.04
N LLP D 78 30.01 -3.99 14.53
CA LLP D 78 31.10 -3.50 15.35
CB LLP D 78 31.33 -4.40 16.55
CG LLP D 78 30.18 -4.22 17.50
CD LLP D 78 30.62 -4.17 18.95
CE LLP D 78 29.47 -3.73 19.82
NZ LLP D 78 28.72 -4.83 20.34
C LLP D 78 32.17 -3.80 14.30
O LLP D 78 32.04 -4.76 13.49
N GLY D 79 33.25 -3.10 14.25
CA GLY D 79 34.18 -3.45 13.13
C GLY D 79 34.39 -2.06 12.61
N LEU D 80 33.28 -1.36 12.37
CA LEU D 80 33.34 0.04 12.11
C LEU D 80 34.10 0.73 13.24
N GLY D 81 33.75 0.37 14.47
CA GLY D 81 34.34 1.03 15.64
C GLY D 81 35.77 0.59 15.85
N GLY D 82 35.96 -0.72 15.99
CA GLY D 82 37.29 -1.27 16.29
C GLY D 82 38.31 -0.81 15.26
N SER D 83 37.93 -0.82 13.99
CA SER D 83 38.85 -0.48 12.93
C SER D 83 39.25 0.99 13.07
N TYR D 84 38.27 1.86 13.24
CA TYR D 84 38.52 3.28 13.35
C TYR D 84 39.37 3.55 14.59
N ALA D 85 39.05 2.92 15.71
CA ALA D 85 39.77 3.18 16.92
C ALA D 85 41.19 2.71 16.78
N VAL D 86 41.40 1.60 16.05
CA VAL D 86 42.75 1.04 15.91
C VAL D 86 43.55 2.00 15.04
N GLY D 87 42.93 2.46 13.95
CA GLY D 87 43.53 3.44 13.07
C GLY D 87 43.97 4.70 13.79
N LYS D 88 43.09 5.20 14.64
CA LYS D 88 43.33 6.45 15.32
C LYS D 88 44.44 6.28 16.35
N TYR D 89 44.42 5.14 17.04
CA TYR D 89 45.44 4.82 18.02
C TYR D 89 46.81 4.86 17.33
N LEU D 90 46.92 4.17 16.22
CA LEU D 90 48.20 4.07 15.53
C LEU D 90 48.61 5.39 14.90
N ALA D 91 47.63 6.14 14.40
CA ALA D 91 47.88 7.45 13.85
C ALA D 91 48.49 8.33 14.94
N ASP D 92 48.00 8.18 16.15
CA ASP D 92 48.45 9.03 17.24
C ASP D 92 49.82 8.60 17.75
N LYS D 93 50.06 7.29 17.79
N LYS D 93 50.11 7.31 17.76
CA LYS D 93 51.37 6.74 18.16
CA LYS D 93 51.42 6.83 18.21
C LYS D 93 52.41 7.23 17.15
C LYS D 93 52.47 7.13 17.14
N LEU D 94 52.04 7.24 15.88
CA LEU D 94 52.90 7.72 14.82
C LEU D 94 52.82 9.22 14.59
N GLN D 95 52.02 9.92 15.38
CA GLN D 95 51.85 11.36 15.20
C GLN D 95 51.62 11.75 13.73
N CYS D 96 50.50 11.33 13.15
CA CYS D 96 50.13 11.77 11.81
C CYS D 96 48.63 11.63 11.62
N ASP D 97 48.09 12.32 10.62
CA ASP D 97 46.64 12.38 10.46
C ASP D 97 46.13 11.05 9.97
N ILE D 98 45.02 10.56 10.53
CA ILE D 98 44.47 9.30 10.08
C ILE D 98 44.21 9.29 8.57
N ASN D 99 43.84 10.47 8.02
CA ASN D 99 43.73 10.66 6.57
C ASN D 99 45.14 10.70 6.02
N SER D 100 45.35 10.33 4.76
CA SER D 100 46.73 10.19 4.24
C SER D 100 47.53 9.13 5.00
N LEU D 101 46.83 8.06 5.35
CA LEU D 101 47.40 6.83 5.83
C LEU D 101 46.23 5.90 5.57
N SER D 102 46.37 4.99 4.61
CA SER D 102 45.40 3.91 4.45
C SER D 102 45.66 2.96 5.58
N PHE D 103 44.68 2.11 5.86
CA PHE D 103 44.88 1.08 6.84
C PHE D 103 46.08 0.20 6.44
N ALA D 104 46.32 0.06 5.13
CA ALA D 104 47.46 -0.68 4.58
C ALA D 104 48.78 0.07 4.41
N ALA D 105 48.78 1.39 4.56
CA ALA D 105 50.04 2.12 4.76
C ALA D 105 50.75 1.65 6.04
N LEU D 106 49.96 1.23 7.02
CA LEU D 106 50.55 0.79 8.28
C LEU D 106 51.39 -0.46 8.07
N ASN D 107 51.18 -1.18 6.95
CA ASN D 107 51.99 -2.34 6.64
C ASN D 107 53.29 -2.05 5.90
N THR D 108 53.53 -0.81 5.50
CA THR D 108 54.82 -0.51 4.89
C THR D 108 55.87 -0.72 5.97
N PRO D 109 57.01 -1.37 5.66
CA PRO D 109 58.02 -1.66 6.70
C PRO D 109 58.65 -0.44 7.37
N GLU D 110 58.71 0.69 6.67
CA GLU D 110 59.13 1.93 7.30
C GLU D 110 58.21 2.21 8.49
N ILE D 111 56.91 2.30 8.23
CA ILE D 111 55.95 2.62 9.30
C ILE D 111 55.77 1.46 10.30
N LYS D 112 55.84 0.23 9.79
CA LYS D 112 55.56 -0.95 10.61
C LYS D 112 56.60 -1.15 11.72
N GLU D 113 57.86 -0.74 11.49
CA GLU D 113 58.92 -0.85 12.50
C GLU D 113 58.52 -0.12 13.76
N LYS D 114 57.86 1.02 13.60
CA LYS D 114 57.49 1.89 14.70
C LYS D 114 56.22 1.41 15.47
N ILE D 115 55.51 0.39 14.97
CA ILE D 115 54.33 -0.15 15.66
C ILE D 115 54.35 -1.69 15.75
N LYS D 116 55.54 -2.29 15.68
CA LYS D 116 55.68 -3.75 15.60
C LYS D 116 55.21 -4.49 16.85
N ASP D 117 55.39 -3.86 18.00
CA ASP D 117 55.13 -4.53 19.25
C ASP D 117 53.78 -4.18 19.87
N CYS D 118 52.98 -3.39 19.15
CA CYS D 118 51.58 -3.13 19.50
C CYS D 118 50.75 -4.42 19.54
N VAL D 119 50.12 -4.63 20.70
CA VAL D 119 49.26 -5.77 20.96
C VAL D 119 47.94 -5.25 21.50
N PHE D 120 46.84 -5.60 20.85
CA PHE D 120 45.53 -5.14 21.30
C PHE D 120 44.98 -6.20 22.18
N VAL D 121 44.29 -5.77 23.22
CA VAL D 121 43.63 -6.71 24.15
C VAL D 121 42.23 -6.19 24.44
N THR D 122 41.27 -7.11 24.53
CA THR D 122 39.86 -6.78 24.87
C THR D 122 39.09 -7.93 25.45
N ALA D 123 37.97 -7.61 26.08
CA ALA D 123 36.93 -8.51 26.32
C ALA D 123 35.79 -8.30 25.33
N THR D 124 35.00 -9.35 25.10
CA THR D 124 33.88 -9.33 24.18
C THR D 124 32.93 -10.49 24.42
N ASP D 125 31.65 -10.26 24.14
CA ASP D 125 30.64 -11.31 24.02
C ASP D 125 30.63 -11.88 22.60
N GLY D 126 31.37 -11.27 21.67
CA GLY D 126 31.69 -11.90 20.39
C GLY D 126 31.94 -10.92 19.23
N ASN D 127 31.06 -9.94 19.05
CA ASN D 127 31.20 -9.01 17.92
C ASN D 127 32.33 -8.00 18.05
N HIS D 128 32.50 -7.41 19.22
CA HIS D 128 33.52 -6.40 19.40
C HIS D 128 34.94 -6.94 19.21
N GLY D 129 35.15 -8.11 19.81
CA GLY D 129 36.42 -8.84 19.69
C GLY D 129 36.75 -9.26 18.31
N ARG D 130 35.74 -9.81 17.64
CA ARG D 130 35.87 -10.15 16.21
C ARG D 130 36.34 -8.94 15.41
N GLY D 131 35.72 -7.79 15.66
CA GLY D 131 36.11 -6.55 14.96
C GLY D 131 37.57 -6.20 15.22
N VAL D 132 37.97 -6.24 16.47
CA VAL D 132 39.33 -5.89 16.83
C VAL D 132 40.30 -6.93 16.26
N ALA D 133 39.93 -8.21 16.35
CA ALA D 133 40.78 -9.28 15.82
C ALA D 133 41.01 -9.12 14.31
N TRP D 134 39.96 -8.73 13.63
CA TRP D 134 39.98 -8.53 12.19
C TRP D 134 40.88 -7.38 11.81
N ALA D 135 40.70 -6.26 12.45
CA ALA D 135 41.59 -5.12 12.24
C ALA D 135 43.07 -5.47 12.54
N ALA D 136 43.31 -6.16 13.63
CA ALA D 136 44.68 -6.57 13.98
C ALA D 136 45.27 -7.43 12.91
N GLU D 137 44.45 -8.35 12.41
CA GLU D 137 44.88 -9.28 11.36
C GLU D 137 45.27 -8.52 10.11
N GLN D 138 44.51 -7.48 9.77
CA GLN D 138 44.84 -6.70 8.59
C GLN D 138 46.25 -6.12 8.72
N LEU D 139 46.61 -5.68 9.94
CA LEU D 139 47.88 -5.02 10.16
C LEU D 139 49.00 -5.97 10.60
N GLY D 140 48.73 -7.27 10.55
CA GLY D 140 49.69 -8.26 11.04
C GLY D 140 50.12 -8.03 12.48
N LEU D 141 49.25 -7.39 13.26
CA LEU D 141 49.48 -7.21 14.68
C LEU D 141 48.79 -8.34 15.49
N LYS D 142 49.26 -8.51 16.71
CA LYS D 142 48.73 -9.51 17.65
C LYS D 142 47.51 -8.90 18.39
N ALA D 143 46.57 -9.77 18.74
CA ALA D 143 45.37 -9.38 19.45
C ALA D 143 45.00 -10.51 20.41
N VAL D 144 44.60 -10.14 21.60
CA VAL D 144 44.29 -11.09 22.65
C VAL D 144 42.90 -10.77 23.12
N VAL D 145 42.09 -11.80 23.22
CA VAL D 145 40.66 -11.62 23.49
C VAL D 145 40.20 -12.52 24.64
N TYR D 146 39.47 -11.94 25.57
CA TYR D 146 38.83 -12.69 26.63
C TYR D 146 37.29 -12.62 26.50
N MET D 147 36.61 -13.76 26.69
CA MET D 147 35.17 -13.81 26.65
C MET D 147 34.65 -14.32 27.99
N PRO D 148 33.40 -13.96 28.31
CA PRO D 148 32.80 -14.37 29.56
C PRO D 148 32.33 -15.81 29.58
N LYS D 149 32.25 -16.36 30.80
CA LYS D 149 31.71 -17.71 31.00
CA LYS D 149 31.65 -17.69 31.06
C LYS D 149 30.44 -17.81 30.19
N GLY D 150 30.30 -18.91 29.46
CA GLY D 150 29.02 -19.21 28.81
C GLY D 150 28.91 -18.83 27.37
N SER D 151 29.85 -17.99 26.93
CA SER D 151 29.99 -17.59 25.54
C SER D 151 29.93 -18.82 24.65
N SER D 152 29.34 -18.66 23.47
CA SER D 152 29.22 -19.77 22.53
C SER D 152 30.58 -20.02 21.91
N LEU D 153 30.91 -21.29 21.70
CA LEU D 153 32.19 -21.67 21.16
C LEU D 153 32.46 -21.17 19.74
N ILE D 154 31.42 -21.10 18.90
CA ILE D 154 31.59 -20.75 17.49
C ILE D 154 32.00 -19.29 17.40
N ARG D 155 31.50 -18.45 18.30
CA ARG D 155 31.94 -17.05 18.38
C ARG D 155 33.45 -16.92 18.68
N ALA D 156 33.98 -17.77 19.55
CA ALA D 156 35.43 -17.80 19.87
C ALA D 156 36.26 -18.29 18.72
N GLU D 157 35.84 -19.39 18.12
CA GLU D 157 36.49 -19.90 16.92
C GLU D 157 36.60 -18.85 15.86
N ASN D 158 35.52 -18.12 15.61
CA ASN D 158 35.52 -17.09 14.56
C ASN D 158 36.50 -15.97 14.85
N ILE D 159 36.73 -15.70 16.14
CA ILE D 159 37.77 -14.75 16.54
C ILE D 159 39.15 -15.34 16.31
N ARG D 160 39.32 -16.63 16.62
CA ARG D 160 40.62 -17.27 16.46
C ARG D 160 41.02 -17.38 15.03
N HIS D 161 40.06 -17.58 14.13
CA HIS D 161 40.35 -17.61 12.69
C HIS D 161 40.94 -16.30 12.11
N HIS D 162 40.92 -15.18 12.83
CA HIS D 162 41.62 -14.00 12.34
C HIS D 162 43.07 -13.99 12.83
N GLY D 163 43.44 -15.02 13.59
CA GLY D 163 44.80 -15.18 14.07
C GLY D 163 44.98 -14.61 15.45
N ALA D 164 43.88 -14.23 16.08
CA ALA D 164 43.89 -13.64 17.40
C ALA D 164 43.87 -14.75 18.44
N GLU D 165 44.32 -14.43 19.62
CA GLU D 165 44.24 -15.36 20.71
C GLU D 165 42.90 -15.08 21.35
N CYS D 166 42.18 -16.11 21.76
CA CYS D 166 40.85 -15.95 22.32
C CYS D 166 40.68 -17.01 23.36
N THR D 167 40.09 -16.64 24.46
CA THR D 167 39.98 -17.48 25.60
C THR D 167 38.64 -17.22 26.26
N ILE D 168 37.85 -18.28 26.37
CA ILE D 168 36.62 -18.22 27.13
C ILE D 168 36.98 -18.32 28.61
N THR D 169 36.70 -17.25 29.34
CA THR D 169 37.13 -17.17 30.72
C THR D 169 36.14 -17.86 31.61
N ASP D 170 36.38 -17.80 32.91
CA ASP D 170 35.38 -18.20 33.90
C ASP D 170 34.71 -17.00 34.59
N LEU D 171 34.79 -15.82 33.96
CA LEU D 171 34.32 -14.59 34.53
C LEU D 171 33.04 -14.13 33.82
N ASN D 172 32.26 -13.28 34.49
CA ASN D 172 31.17 -12.60 33.82
C ASN D 172 31.76 -11.48 32.93
N TYR D 173 30.90 -10.77 32.19
CA TYR D 173 31.36 -9.80 31.23
C TYR D 173 32.21 -8.71 31.88
N ASP D 174 31.71 -8.13 32.97
CA ASP D 174 32.34 -6.94 33.58
C ASP D 174 33.68 -7.31 34.22
N ASP D 175 33.78 -8.51 34.80
CA ASP D 175 35.04 -8.97 35.34
C ASP D 175 36.00 -9.25 34.23
N ALA D 176 35.45 -9.68 33.11
CA ALA D 176 36.26 -9.96 31.92
C ALA D 176 36.87 -8.66 31.34
N VAL D 177 36.11 -7.57 31.38
CA VAL D 177 36.60 -6.26 31.02
C VAL D 177 37.70 -5.81 31.98
N ARG D 178 37.47 -6.07 33.25
CA ARG D 178 38.49 -5.89 34.28
C ARG D 178 39.78 -6.67 33.95
N LEU D 179 39.64 -7.93 33.59
CA LEU D 179 40.83 -8.75 33.30
C LEU D 179 41.63 -8.18 32.13
N ALA D 180 40.93 -7.77 31.07
CA ALA D 180 41.59 -7.18 29.89
C ALA D 180 42.35 -5.94 30.30
N HIS D 181 41.75 -5.17 31.20
CA HIS D 181 42.35 -3.96 31.71
C HIS D 181 43.64 -4.31 32.47
N ARG D 182 43.53 -5.23 33.44
CA ARG D 182 44.68 -5.67 34.26
C ARG D 182 45.79 -6.17 33.37
N MET D 183 45.42 -6.88 32.32
CA MET D 183 46.40 -7.41 31.39
C MET D 183 47.06 -6.30 30.58
N ALA D 184 46.31 -5.25 30.20
CA ALA D 184 46.94 -4.14 29.49
C ALA D 184 47.97 -3.46 30.39
N GLN D 185 47.55 -3.20 31.61
CA GLN D 185 48.38 -2.57 32.63
C GLN D 185 49.63 -3.37 32.88
N THR D 186 49.51 -4.68 33.08
CA THR D 186 50.66 -5.51 33.47
C THR D 186 51.48 -6.01 32.31
N LYS D 187 50.96 -6.04 31.10
CA LYS D 187 51.75 -6.51 29.95
C LYS D 187 52.19 -5.41 28.99
N GLY D 188 51.72 -4.20 29.14
CA GLY D 188 51.99 -3.15 28.15
C GLY D 188 51.16 -3.25 26.86
N TRP D 189 50.07 -3.99 26.90
CA TRP D 189 49.23 -4.12 25.71
C TRP D 189 48.31 -2.92 25.61
N VAL D 190 47.81 -2.66 24.42
CA VAL D 190 46.85 -1.59 24.18
C VAL D 190 45.43 -2.11 24.39
N LEU D 191 44.80 -1.63 25.44
CA LEU D 191 43.43 -1.97 25.75
C LEU D 191 42.60 -1.41 24.66
N LEU D 192 41.86 -2.26 23.97
CA LEU D 192 40.97 -1.70 22.96
C LEU D 192 39.52 -2.04 23.31
N GLN D 193 39.01 -1.41 24.35
CA GLN D 193 37.69 -1.69 24.85
C GLN D 193 36.64 -0.60 24.53
N ASP D 194 35.43 -1.08 24.23
CA ASP D 194 34.31 -0.31 23.78
C ASP D 194 33.44 0.10 24.91
N THR D 195 34.00 0.29 26.08
CA THR D 195 33.31 0.97 27.13
C THR D 195 34.33 1.91 27.72
N ALA D 196 33.81 2.90 28.44
CA ALA D 196 34.68 3.86 29.10
C ALA D 196 34.38 3.93 30.57
N TRP D 197 35.40 4.32 31.30
CA TRP D 197 35.28 4.72 32.69
C TRP D 197 36.29 5.86 32.90
N THR D 198 36.19 6.54 34.02
CA THR D 198 37.01 7.70 34.26
C THR D 198 38.46 7.32 34.02
N GLY D 199 39.11 8.01 33.09
CA GLY D 199 40.52 7.81 32.79
C GLY D 199 40.82 6.90 31.62
N TYR D 200 39.81 6.26 31.06
CA TYR D 200 40.02 5.46 29.87
C TYR D 200 38.90 5.90 28.99
N GLU D 201 39.17 6.91 28.14
CA GLU D 201 38.11 7.58 27.40
C GLU D 201 38.35 7.82 25.94
N GLU D 202 39.61 7.90 25.54
CA GLU D 202 39.93 8.36 24.18
C GLU D 202 39.53 7.26 23.22
N ILE D 203 40.01 6.06 23.45
CA ILE D 203 39.71 4.94 22.56
C ILE D 203 38.19 4.61 22.49
N PRO D 204 37.53 4.48 23.64
CA PRO D 204 36.06 4.34 23.71
C PRO D 204 35.28 5.38 22.92
N THR D 205 35.77 6.62 22.99
CA THR D 205 35.17 7.69 22.25
C THR D 205 35.34 7.38 20.77
N TRP D 206 36.55 7.04 20.35
CA TRP D 206 36.75 6.71 18.94
C TRP D 206 35.86 5.56 18.47
N ILE D 207 35.66 4.55 19.32
CA ILE D 207 34.84 3.41 18.93
C ILE D 207 33.44 3.89 18.61
N MET D 208 32.87 4.63 19.55
CA MET D 208 31.58 5.27 19.39
C MET D 208 31.52 6.02 18.09
N GLN D 209 32.54 6.83 17.83
CA GLN D 209 32.56 7.65 16.65
C GLN D 209 32.56 6.81 15.40
N GLY D 210 33.31 5.71 15.40
CA GLY D 210 33.42 4.85 14.21
C GLY D 210 32.09 4.18 13.84
N TYR D 211 31.23 3.93 14.83
CA TYR D 211 29.95 3.34 14.59
C TYR D 211 29.08 4.24 13.71
N MET D 212 29.36 5.55 13.68
CA MET D 212 28.43 6.49 13.09
C MET D 212 28.27 6.27 11.59
N THR D 213 29.20 5.60 10.95
CA THR D 213 29.07 5.34 9.52
C THR D 213 27.73 4.66 9.19
N LEU D 214 27.30 3.71 9.99
CA LEU D 214 26.07 3.05 9.65
C LEU D 214 24.89 4.06 9.66
N ALA D 215 24.97 5.06 10.53
CA ALA D 215 23.88 6.06 10.67
C ALA D 215 23.91 7.03 9.48
N VAL D 216 25.13 7.41 9.09
CA VAL D 216 25.35 8.29 7.97
C VAL D 216 24.79 7.62 6.73
N GLU D 217 25.13 6.34 6.54
CA GLU D 217 24.64 5.56 5.39
C GLU D 217 23.12 5.46 5.38
N ALA D 218 22.53 5.19 6.55
CA ALA D 218 21.09 5.02 6.66
C ALA D 218 20.33 6.32 6.38
N TYR D 219 20.81 7.42 6.96
CA TYR D 219 20.21 8.73 6.69
C TYR D 219 20.26 9.10 5.20
N GLU D 220 21.43 8.92 4.56
CA GLU D 220 21.56 9.14 3.12
C GLU D 220 20.68 8.19 2.34
N GLN D 221 20.61 6.91 2.71
CA GLN D 221 19.77 5.96 1.98
C GLN D 221 18.31 6.36 1.98
N LEU D 222 17.85 6.95 3.07
CA LEU D 222 16.46 7.37 3.16
C LEU D 222 16.16 8.60 2.28
N ALA D 223 17.06 9.59 2.34
CA ALA D 223 16.94 10.83 1.59
C ALA D 223 16.98 10.57 0.11
N GLU D 224 18.01 9.84 -0.33
CA GLU D 224 18.20 9.60 -1.73
C GLU D 224 17.13 8.69 -2.32
N THR D 225 16.18 8.20 -1.52
CA THR D 225 15.04 7.46 -2.09
C THR D 225 13.71 8.16 -1.81
N ASN D 226 13.79 9.44 -1.50
CA ASN D 226 12.64 10.25 -1.12
C ASN D 226 11.78 9.57 -0.09
N SER D 227 12.41 8.92 0.87
CA SER D 227 11.69 8.29 1.96
C SER D 227 11.63 9.28 3.12
N PRO D 228 10.48 9.39 3.78
CA PRO D 228 10.44 10.21 4.98
C PRO D 228 11.55 9.83 5.98
N LEU D 229 12.11 10.83 6.66
CA LEU D 229 13.12 10.59 7.67
C LEU D 229 12.44 10.13 8.93
N PRO D 230 13.21 9.62 9.89
CA PRO D 230 12.59 9.01 11.05
C PRO D 230 11.88 9.96 12.00
N THR D 231 10.69 9.57 12.42
CA THR D 231 10.00 10.14 13.58
C THR D 231 10.40 9.40 14.84
N HIS D 232 10.75 8.12 14.70
CA HIS D 232 11.17 7.28 15.81
C HIS D 232 12.48 6.52 15.50
N LEU D 233 13.31 6.38 16.52
CA LEU D 233 14.47 5.56 16.51
C LEU D 233 14.25 4.56 17.63
N ILE D 234 14.41 3.28 17.37
CA ILE D 234 14.48 2.30 18.42
C ILE D 234 15.86 1.68 18.40
N LEU D 235 16.60 1.82 19.50
CA LEU D 235 18.03 1.47 19.56
C LEU D 235 18.35 0.57 20.74
N GLN D 236 18.99 -0.56 20.47
CA GLN D 236 19.30 -1.50 21.51
C GLN D 236 20.57 -1.09 22.25
N ALA D 237 20.71 -1.53 23.49
CA ALA D 237 21.88 -1.13 24.28
C ALA D 237 22.45 -2.22 25.14
N GLY D 238 23.76 -2.34 25.03
CA GLY D 238 24.59 -3.05 26.00
C GLY D 238 25.14 -2.04 26.94
N VAL D 239 26.29 -1.47 26.61
CA VAL D 239 26.86 -0.37 27.41
C VAL D 239 26.41 1.03 26.99
N GLY D 240 25.76 1.12 25.82
CA GLY D 240 25.26 2.39 25.29
C GLY D 240 26.07 3.06 24.19
N SER D 241 27.19 2.48 23.79
CA SER D 241 28.06 3.14 22.82
C SER D 241 27.40 3.24 21.48
N PHE D 242 26.89 2.10 20.99
CA PHE D 242 26.20 2.08 19.69
C PHE D 242 25.04 3.06 19.68
N ALA D 243 24.21 3.04 20.72
CA ALA D 243 23.01 3.88 20.75
C ALA D 243 23.35 5.36 20.80
N GLY D 244 24.35 5.69 21.61
CA GLY D 244 24.87 7.06 21.71
C GLY D 244 25.37 7.56 20.37
N SER D 245 26.16 6.74 19.71
CA SER D 245 26.64 7.08 18.37
C SER D 245 25.50 7.37 17.42
N VAL D 246 24.55 6.44 17.33
CA VAL D 246 23.50 6.54 16.34
C VAL D 246 22.57 7.70 16.66
N MET D 247 22.10 7.80 17.89
CA MET D 247 21.16 8.87 18.21
C MET D 247 21.91 10.21 18.22
N GLY D 248 23.12 10.18 18.73
CA GLY D 248 23.97 11.35 18.65
C GLY D 248 23.99 11.91 17.23
N TYR D 249 24.30 11.07 16.27
CA TYR D 249 24.32 11.52 14.89
C TYR D 249 22.98 12.11 14.48
N PHE D 250 21.89 11.37 14.70
CA PHE D 250 20.60 11.76 14.16
C PHE D 250 20.10 13.06 14.79
N VAL D 251 20.44 13.26 16.05
CA VAL D 251 20.12 14.51 16.71
C VAL D 251 20.89 15.67 16.07
N GLU D 252 22.16 15.48 15.83
N GLU D 252 22.20 15.48 15.86
CA GLU D 252 22.96 16.51 15.22
CA GLU D 252 23.05 16.44 15.15
C GLU D 252 22.42 16.84 13.83
C GLU D 252 22.39 16.83 13.86
N LYS D 253 21.99 15.82 13.09
CA LYS D 253 21.59 16.00 11.69
C LYS D 253 20.17 16.52 11.55
N MET D 254 19.31 16.19 12.50
CA MET D 254 17.92 16.58 12.42
C MET D 254 17.60 17.53 13.57
N GLN D 255 18.48 18.49 13.78
CA GLN D 255 18.46 19.31 15.00
C GLN D 255 17.05 19.84 15.31
N GLU D 256 16.31 20.26 14.29
CA GLU D 256 15.07 20.95 14.50
C GLU D 256 13.86 20.04 14.73
N ASN D 257 13.91 18.80 14.22
CA ASN D 257 12.85 17.81 14.52
C ASN D 257 13.46 16.51 15.01
N ILE D 258 14.14 16.63 16.16
CA ILE D 258 14.82 15.48 16.71
C ILE D 258 13.79 14.39 16.93
N PRO D 259 14.03 13.20 16.38
CA PRO D 259 13.02 12.17 16.49
C PRO D 259 12.89 11.58 17.89
N ASN D 260 11.79 10.86 18.06
CA ASN D 260 11.46 10.18 19.28
C ASN D 260 12.39 8.96 19.43
N ILE D 261 13.20 8.93 20.50
CA ILE D 261 14.25 7.92 20.65
C ILE D 261 13.96 6.98 21.80
N ILE D 262 13.81 5.71 21.48
CA ILE D 262 13.48 4.65 22.44
C ILE D 262 14.67 3.71 22.53
N VAL D 263 15.11 3.42 23.73
CA VAL D 263 16.25 2.56 23.97
C VAL D 263 15.72 1.32 24.62
N VAL D 264 16.19 0.15 24.18
CA VAL D 264 15.72 -1.12 24.74
C VAL D 264 16.85 -2.02 25.18
N GLU D 265 16.67 -2.63 26.35
CA GLU D 265 17.62 -3.54 26.95
C GLU D 265 16.88 -4.79 27.34
N PRO D 266 17.60 -5.91 27.51
CA PRO D 266 16.99 -7.07 28.14
C PRO D 266 16.66 -6.81 29.61
N HIS D 267 15.60 -7.43 30.10
CA HIS D 267 15.22 -7.33 31.52
C HIS D 267 16.41 -7.54 32.45
N GLN D 268 17.18 -8.57 32.19
CA GLN D 268 18.25 -8.96 33.10
C GLN D 268 19.50 -8.07 33.01
N ALA D 269 19.59 -7.22 32.00
CA ALA D 269 20.75 -6.36 31.86
C ALA D 269 20.31 -4.96 31.48
N ASN D 270 19.45 -4.38 32.31
CA ASN D 270 18.82 -3.10 32.01
C ASN D 270 19.41 -1.90 32.75
N CYS D 271 20.72 -1.72 32.64
CA CYS D 271 21.41 -0.69 33.42
C CYS D 271 20.96 0.74 33.06
N LEU D 272 20.80 1.03 31.78
CA LEU D 272 20.37 2.37 31.37
C LEU D 272 18.95 2.68 31.84
N TYR D 273 18.06 1.70 31.72
CA TYR D 273 16.72 1.79 32.29
C TYR D 273 16.84 2.09 33.76
N GLN D 274 17.57 1.23 34.47
CA GLN D 274 17.76 1.38 35.92
C GLN D 274 18.40 2.74 36.27
N SER D 275 19.36 3.18 35.48
CA SER D 275 19.98 4.47 35.67
C SER D 275 18.92 5.55 35.54
N ALA D 276 18.03 5.41 34.58
CA ALA D 276 17.00 6.41 34.38
C ALA D 276 15.95 6.35 35.48
N VAL D 277 15.70 5.17 36.03
CA VAL D 277 14.75 5.06 37.16
C VAL D 277 15.29 5.83 38.38
N MET D 278 16.62 5.78 38.60
CA MET D 278 17.25 6.50 39.70
C MET D 278 17.21 8.02 39.57
N ASP D 279 17.20 8.53 38.34
CA ASP D 279 16.94 9.95 38.08
C ASP D 279 17.91 10.89 38.82
N ASP D 280 19.16 10.46 39.03
CA ASP D 280 20.21 11.23 39.70
C ASP D 280 21.15 11.95 38.76
N GLY D 281 20.89 11.84 37.46
CA GLY D 281 21.81 12.33 36.40
C GLY D 281 22.98 11.40 36.07
N GLN D 282 23.18 10.38 36.90
CA GLN D 282 24.39 9.58 36.87
C GLN D 282 24.08 8.17 36.36
N PRO D 283 25.07 7.51 35.74
CA PRO D 283 24.86 6.13 35.34
C PRO D 283 24.88 5.22 36.58
N HIS D 284 24.11 4.13 36.57
CA HIS D 284 24.03 3.20 37.71
C HIS D 284 24.18 1.77 37.20
N CYS D 285 24.95 0.96 37.92
CA CYS D 285 25.22 -0.43 37.51
C CYS D 285 24.06 -1.39 37.87
N VAL D 286 23.99 -2.53 37.17
CA VAL D 286 23.12 -3.65 37.50
C VAL D 286 24.00 -4.89 37.71
N THR D 287 23.56 -5.85 38.53
CA THR D 287 24.29 -7.14 38.65
C THR D 287 23.35 -8.32 38.77
N ALA D 291 22.45 -12.67 33.58
CA ALA D 291 21.78 -12.16 32.40
C ALA D 291 21.20 -13.31 31.53
N THR D 292 20.84 -13.01 30.28
CA THR D 292 20.51 -14.03 29.28
C THR D 292 20.16 -13.53 27.84
N ILE D 293 20.62 -14.33 26.86
CA ILE D 293 19.98 -14.51 25.48
C ILE D 293 20.40 -13.54 24.37
N MET D 294 20.11 -12.27 24.61
CA MET D 294 20.65 -11.15 23.87
C MET D 294 22.09 -10.85 24.32
N ALA D 295 23.01 -11.70 23.90
CA ALA D 295 24.37 -11.76 24.48
C ALA D 295 25.12 -10.45 24.34
N GLY D 296 24.93 -9.79 23.20
CA GLY D 296 25.56 -8.52 22.93
C GLY D 296 25.08 -7.38 23.77
N LEU D 297 23.87 -7.49 24.27
CA LEU D 297 23.35 -6.44 25.14
C LEU D 297 23.61 -6.69 26.63
N ALA D 298 24.20 -7.84 26.96
CA ALA D 298 24.29 -8.26 28.38
C ALA D 298 25.47 -7.57 29.08
N CYS D 299 25.26 -6.31 29.43
CA CYS D 299 26.28 -5.51 30.08
C CYS D 299 25.66 -4.77 31.26
N GLY D 300 26.39 -4.77 32.40
CA GLY D 300 25.90 -4.16 33.63
C GLY D 300 26.28 -2.70 33.86
N GLU D 301 27.41 -2.26 33.29
CA GLU D 301 28.00 -0.92 33.57
C GLU D 301 27.94 0.01 32.35
N PRO D 302 27.13 1.06 32.42
CA PRO D 302 27.02 1.96 31.26
C PRO D 302 28.32 2.66 30.90
N ASN D 303 28.52 2.91 29.62
CA ASN D 303 29.67 3.61 29.13
C ASN D 303 29.50 5.08 29.53
N ILE D 304 30.46 5.64 30.26
CA ILE D 304 30.37 7.02 30.81
C ILE D 304 30.47 8.12 29.73
N ILE D 305 31.05 7.80 28.59
CA ILE D 305 31.12 8.75 27.46
C ILE D 305 29.77 8.83 26.74
N SER D 306 29.04 7.71 26.63
CA SER D 306 27.82 7.72 25.86
C SER D 306 26.62 8.07 26.73
N TRP D 307 26.77 7.91 28.05
CA TRP D 307 25.69 8.17 29.01
C TRP D 307 25.03 9.52 28.86
N PRO D 308 25.81 10.61 28.88
CA PRO D 308 25.20 11.92 28.69
C PRO D 308 24.41 12.10 27.42
N ILE D 309 24.91 11.61 26.29
CA ILE D 309 24.12 11.66 25.04
C ILE D 309 22.82 10.90 25.24
N ILE D 310 22.91 9.71 25.81
CA ILE D 310 21.73 8.90 26.05
C ILE D 310 20.74 9.58 27.03
N ARG D 311 21.25 10.05 28.15
CA ARG D 311 20.43 10.75 29.12
C ARG D 311 19.81 12.01 28.53
N ASP D 312 20.57 12.79 27.79
CA ASP D 312 20.05 14.06 27.29
C ASP D 312 19.05 13.89 26.15
N ASN D 313 19.11 12.78 25.43
CA ASN D 313 18.30 12.61 24.21
C ASN D 313 17.27 11.47 24.17
N THR D 314 17.35 10.48 25.05
CA THR D 314 16.40 9.39 25.02
C THR D 314 15.09 9.89 25.53
N SER D 315 14.01 9.47 24.89
CA SER D 315 12.67 9.82 25.36
C SER D 315 12.06 8.74 26.24
N CYS D 316 12.28 7.48 25.91
CA CYS D 316 11.77 6.38 26.74
C CYS D 316 12.75 5.20 26.77
N PHE D 317 12.95 4.66 27.98
CA PHE D 317 13.74 3.46 28.19
C PHE D 317 12.81 2.29 28.37
N ILE D 318 13.10 1.20 27.66
CA ILE D 318 12.32 -0.02 27.67
C ILE D 318 13.17 -1.19 28.13
N SER D 319 12.58 -2.06 28.98
CA SER D 319 13.17 -3.32 29.33
C SER D 319 12.33 -4.34 28.64
N ALA D 320 12.94 -5.40 28.11
CA ALA D 320 12.18 -6.36 27.29
C ALA D 320 12.56 -7.79 27.55
N ASP D 321 11.55 -8.65 27.52
CA ASP D 321 11.70 -10.10 27.65
C ASP D 321 12.40 -10.67 26.44
N ASP D 322 13.11 -11.78 26.63
CA ASP D 322 13.87 -12.38 25.54
C ASP D 322 13.01 -12.81 24.38
N CYS D 323 11.79 -13.21 24.64
CA CYS D 323 10.95 -13.68 23.57
C CYS D 323 10.68 -12.63 22.52
N LEU D 324 10.82 -11.35 22.86
CA LEU D 324 10.64 -10.30 21.86
C LEU D 324 11.79 -10.26 20.85
N ALA D 325 12.99 -10.53 21.35
CA ALA D 325 14.11 -10.70 20.47
C ALA D 325 13.87 -11.89 19.56
N ALA D 326 13.46 -13.00 20.15
CA ALA D 326 13.24 -14.21 19.35
C ALA D 326 12.19 -13.92 18.27
N LYS D 327 11.16 -13.20 18.65
CA LYS D 327 10.05 -12.88 17.76
C LYS D 327 10.61 -12.12 16.60
N GLY D 328 11.45 -11.13 16.92
CA GLY D 328 12.04 -10.23 15.91
C GLY D 328 12.90 -10.99 14.90
N MET D 329 13.60 -11.97 15.38
CA MET D 329 14.39 -12.78 14.49
C MET D 329 13.50 -13.54 13.50
N ARG D 330 12.40 -14.10 14.01
CA ARG D 330 11.49 -14.83 13.17
C ARG D 330 10.77 -13.87 12.20
N ILE D 331 10.38 -12.71 12.69
CA ILE D 331 9.67 -11.75 11.80
C ILE D 331 10.59 -11.34 10.64
N SER D 332 11.82 -10.96 10.98
CA SER D 332 12.85 -10.61 9.99
C SER D 332 13.08 -11.75 9.00
N ALA D 333 13.09 -12.99 9.48
CA ALA D 333 13.42 -14.12 8.65
C ALA D 333 12.27 -14.54 7.80
N ALA D 334 11.06 -14.31 8.28
CA ALA D 334 9.88 -14.89 7.62
C ALA D 334 8.79 -13.88 7.25
N PRO D 335 9.14 -12.88 6.44
CA PRO D 335 8.05 -12.09 5.85
C PRO D 335 7.28 -12.97 4.87
N ARG D 336 6.06 -12.56 4.54
CA ARG D 336 5.19 -13.35 3.67
C ARG D 336 5.89 -13.35 2.33
N PRO D 337 5.88 -14.49 1.67
CA PRO D 337 6.67 -14.62 0.47
C PRO D 337 6.55 -13.47 -0.53
N GLY D 338 5.37 -12.94 -0.75
CA GLY D 338 5.28 -11.93 -1.77
C GLY D 338 6.11 -10.66 -1.53
N THR D 339 6.44 -10.40 -0.28
CA THR D 339 6.38 -9.04 0.21
C THR D 339 7.75 -8.42 0.60
N ASP D 340 7.98 -8.21 1.89
CA ASP D 340 9.24 -7.57 2.33
C ASP D 340 10.42 -8.55 2.13
N THR D 341 11.63 -8.01 2.13
CA THR D 341 12.83 -8.82 1.90
C THR D 341 13.19 -9.59 3.15
N PRO D 342 13.34 -10.93 3.05
CA PRO D 342 13.72 -11.70 4.24
C PRO D 342 15.18 -11.51 4.54
N PHE D 343 15.52 -11.40 5.80
CA PHE D 343 16.91 -11.26 6.14
C PHE D 343 17.26 -11.90 7.49
N ILE D 344 18.57 -12.07 7.70
CA ILE D 344 19.12 -12.77 8.81
C ILE D 344 19.47 -11.76 9.88
N SER D 345 18.76 -11.84 11.00
CA SER D 345 18.94 -10.93 12.11
C SER D 345 19.02 -11.75 13.38
N GLY D 346 20.10 -11.50 14.13
CA GLY D 346 20.47 -12.31 15.29
C GLY D 346 19.90 -11.80 16.59
N GLU D 347 20.26 -12.45 17.69
CA GLU D 347 19.57 -12.28 18.97
C GLU D 347 19.62 -10.87 19.47
N SER D 348 20.74 -10.18 19.30
CA SER D 348 20.83 -8.78 19.76
C SER D 348 20.46 -7.78 18.68
N GLY D 349 20.30 -8.28 17.47
CA GLY D 349 19.93 -7.43 16.34
C GLY D 349 18.47 -7.25 16.04
N ALA D 350 17.61 -8.13 16.52
CA ALA D 350 16.21 -8.15 16.06
C ALA D 350 15.27 -7.66 17.11
N ILE D 351 15.80 -7.32 18.29
CA ILE D 351 14.97 -6.87 19.38
C ILE D 351 14.08 -5.68 19.02
N GLY D 352 14.55 -4.86 18.09
CA GLY D 352 13.82 -3.71 17.61
C GLY D 352 12.49 -4.04 16.98
N VAL D 353 12.46 -4.86 15.89
CA VAL D 353 11.14 -5.21 15.31
C VAL D 353 10.29 -6.02 16.26
N GLY D 354 10.92 -6.82 17.10
CA GLY D 354 10.19 -7.60 18.08
C GLY D 354 9.42 -6.73 19.03
N LEU D 355 10.08 -5.67 19.49
CA LEU D 355 9.46 -4.76 20.43
C LEU D 355 8.39 -4.02 19.71
N LEU D 356 8.68 -3.62 18.49
CA LEU D 356 7.72 -2.84 17.71
C LEU D 356 6.43 -3.61 17.43
N TYR D 357 6.57 -4.87 17.04
CA TYR D 357 5.43 -5.72 16.79
C TYR D 357 4.57 -5.79 18.02
N GLU D 358 5.16 -6.17 19.16
CA GLU D 358 4.41 -6.26 20.39
C GLU D 358 3.73 -4.94 20.72
N LEU D 359 4.48 -3.83 20.59
CA LEU D 359 3.91 -2.52 20.84
C LEU D 359 2.64 -2.27 20.07
N MET D 360 2.60 -2.73 18.83
CA MET D 360 1.51 -2.36 17.94
C MET D 360 0.47 -3.45 17.83
N ASN D 361 0.71 -4.57 18.49
CA ASN D 361 -0.14 -5.74 18.32
C ASN D 361 -0.71 -6.28 19.61
N ASN D 362 0.03 -6.19 20.70
CA ASN D 362 -0.44 -6.60 21.99
C ASN D 362 -1.30 -5.48 22.53
N HIS D 364 -2.85 -4.70 25.32
CA HIS D 364 -2.34 -4.33 26.66
C HIS D 364 -1.25 -3.24 26.66
N TYR D 365 -0.70 -2.93 25.47
CA TYR D 365 0.26 -1.85 25.34
C TYR D 365 -0.21 -0.72 24.44
N GLN D 366 -1.47 -0.72 24.01
CA GLN D 366 -1.97 0.35 23.11
C GLN D 366 -1.76 1.72 23.77
N ASP D 367 -1.93 1.80 25.09
CA ASP D 367 -1.68 3.04 25.88
C ASP D 367 -0.24 3.52 25.71
N LEU D 368 0.68 2.62 26.02
CA LEU D 368 2.11 2.88 25.81
C LEU D 368 2.40 3.28 24.36
N ALA D 369 1.86 2.54 23.41
CA ALA D 369 2.06 2.83 21.99
C ALA D 369 1.54 4.20 21.64
N ASN D 370 0.39 4.55 22.21
CA ASN D 370 -0.21 5.83 21.94
C ASN D 370 0.59 6.93 22.56
N ARG D 371 0.97 6.71 23.81
CA ARG D 371 1.84 7.64 24.52
C ARG D 371 3.17 7.85 23.77
N LEU D 372 3.74 6.76 23.23
CA LEU D 372 4.93 6.81 22.34
C LEU D 372 4.70 7.38 20.93
N GLN D 373 3.45 7.62 20.58
CA GLN D 373 3.07 8.19 19.27
C GLN D 373 3.38 7.28 18.09
N LEU D 374 3.22 5.97 18.31
CA LEU D 374 3.37 4.98 17.25
C LEU D 374 2.00 4.77 16.56
N ASP D 375 1.88 5.26 15.34
CA ASP D 375 0.64 5.22 14.55
C ASP D 375 0.97 5.48 13.06
N ALA D 376 -0.06 5.48 12.22
CA ALA D 376 0.10 5.54 10.75
C ALA D 376 0.51 6.91 10.27
N ALA D 378 3.90 7.65 11.97
CA ALA D 378 5.23 7.31 12.51
C ALA D 378 6.13 6.54 11.53
N HIS D 379 7.34 7.06 11.31
CA HIS D 379 8.33 6.43 10.43
C HIS D 379 9.50 5.96 11.30
N VAL D 380 9.66 4.65 11.42
CA VAL D 380 10.57 4.09 12.40
C VAL D 380 11.81 3.58 11.75
N LEU D 381 12.96 4.04 12.25
CA LEU D 381 14.26 3.42 11.90
C LEU D 381 14.72 2.46 13.00
N LEU D 382 15.09 1.22 12.59
CA LEU D 382 15.68 0.20 13.47
C LEU D 382 16.99 -0.21 12.92
N ILE D 383 17.87 -0.71 13.77
CA ILE D 383 19.12 -1.26 13.26
C ILE D 383 19.34 -2.69 13.70
N SER D 384 19.44 -3.58 12.71
CA SER D 384 19.80 -4.97 12.94
C SER D 384 21.33 -5.06 13.01
N THR D 385 21.84 -5.15 14.22
CA THR D 385 23.23 -5.03 14.50
C THR D 385 24.06 -6.29 14.18
N GLU D 386 23.44 -7.47 14.09
CA GLU D 386 24.17 -8.68 13.74
C GLU D 386 23.30 -9.68 13.02
N GLY D 387 23.94 -10.60 12.33
CA GLY D 387 23.25 -11.73 11.74
C GLY D 387 23.31 -12.93 12.65
N ASP D 388 23.41 -14.12 12.04
CA ASP D 388 23.44 -15.37 12.79
C ASP D 388 24.83 -15.66 13.33
N THR D 389 25.24 -14.88 14.34
CA THR D 389 26.60 -15.00 14.89
C THR D 389 26.84 -16.35 15.60
N SER D 390 25.77 -17.03 16.04
CA SER D 390 25.83 -18.48 16.34
C SER D 390 24.70 -19.18 15.61
N PRO D 391 25.03 -19.82 14.47
CA PRO D 391 24.06 -20.49 13.62
C PRO D 391 23.17 -21.49 14.34
N ASP D 392 23.73 -22.21 15.32
CA ASP D 392 22.96 -23.18 16.10
C ASP D 392 21.85 -22.48 16.88
N ILE D 393 22.20 -21.42 17.57
CA ILE D 393 21.21 -20.70 18.37
C ILE D 393 20.14 -20.12 17.42
N TYR D 394 20.59 -19.60 16.29
CA TYR D 394 19.69 -18.99 15.32
C TYR D 394 18.66 -19.99 14.78
N GLU D 395 19.10 -21.19 14.45
CA GLU D 395 18.22 -22.20 13.88
C GLU D 395 17.25 -22.66 14.92
N ASP D 396 17.76 -22.78 16.14
CA ASP D 396 16.95 -23.21 17.27
C ASP D 396 15.81 -22.21 17.58
N ILE D 397 16.06 -20.93 17.35
CA ILE D 397 15.04 -19.89 17.58
C ILE D 397 14.06 -19.78 16.39
N VAL D 398 14.61 -19.76 15.18
CA VAL D 398 13.85 -19.43 14.00
C VAL D 398 13.11 -20.62 13.43
N TRP D 399 13.71 -21.81 13.51
CA TRP D 399 13.02 -23.03 13.07
C TRP D 399 12.32 -23.76 14.20
N ASN D 400 12.99 -23.99 15.31
CA ASN D 400 12.38 -24.72 16.44
C ASN D 400 11.58 -23.90 17.45
N GLY D 401 11.49 -22.60 17.23
CA GLY D 401 10.66 -21.77 18.10
C GLY D 401 11.14 -21.57 19.53
N ARG D 402 12.43 -21.75 19.79
CA ARG D 402 13.00 -21.36 21.06
CA ARG D 402 13.00 -21.37 21.07
C ARG D 402 12.76 -19.86 21.27
N SER D 403 12.29 -19.50 22.45
CA SER D 403 12.05 -18.09 22.75
C SER D 403 12.74 -17.71 24.05
N ALA D 404 13.76 -18.50 24.42
CA ALA D 404 14.46 -18.36 25.69
C ALA D 404 15.67 -19.27 25.72
C1 EDO E . 1.37 55.68 -1.40
O1 EDO E . 0.13 55.39 -2.11
C2 EDO E . 2.02 54.42 -0.79
O2 EDO E . 3.40 54.31 -1.15
C1 EDO F . 11.15 48.54 -27.14
O1 EDO F . 9.74 48.83 -27.19
C2 EDO F . 11.86 49.38 -26.06
O2 EDO F . 11.63 50.80 -26.25
C1 PEG G . -19.05 31.74 -14.61
O1 PEG G . -18.02 30.77 -14.38
C2 PEG G . -18.84 32.44 -15.96
O2 PEG G . -19.95 33.32 -16.27
C3 PEG G . -20.69 32.92 -17.45
C4 PEG G . -22.06 33.61 -17.53
O4 PEG G . -22.01 34.80 -18.34
P PO4 H . 6.59 33.22 -0.45
O1 PO4 H . 6.33 33.28 1.01
O2 PO4 H . 7.19 31.86 -0.78
O3 PO4 H . 7.56 34.27 -0.91
O4 PO4 H . 5.26 33.45 -1.17
P PO4 I . 1.90 16.98 -22.03
O1 PO4 I . 3.14 16.75 -21.17
O2 PO4 I . 0.82 17.72 -21.26
O3 PO4 I . 2.22 17.75 -23.31
O4 PO4 I . 1.34 15.61 -22.38
C1 EDO J . -10.49 0.56 -15.83
O1 EDO J . -10.80 1.65 -16.72
C2 EDO J . -9.44 1.00 -14.78
O2 EDO J . -10.03 1.25 -13.49
C1 EDO K . -5.55 2.15 -9.53
O1 EDO K . -6.15 1.12 -10.37
C2 EDO K . -5.12 1.52 -8.22
O2 EDO K . -3.76 1.06 -8.25
C1 EDO L . -30.40 28.97 -8.35
O1 EDO L . -29.97 30.31 -8.05
C2 EDO L . -30.19 28.08 -7.14
O2 EDO L . -28.97 27.31 -7.27
C1 EDO M . -37.78 19.59 -6.68
O1 EDO M . -37.17 18.94 -5.56
C2 EDO M . -36.76 20.54 -7.33
O2 EDO M . -35.68 20.79 -6.42
C1 PEG N . -45.53 8.20 -0.64
O1 PEG N . -44.35 7.41 -0.87
C2 PEG N . -45.43 9.59 -1.30
O2 PEG N . -44.45 10.45 -0.64
C3 PEG N . -44.44 11.78 -1.17
C4 PEG N . -43.01 12.28 -1.45
O4 PEG N . -43.07 13.49 -2.20
C1 PEG O . -6.14 1.32 -13.55
O1 PEG O . -6.50 -0.05 -13.29
C2 PEG O . -4.63 1.51 -13.44
O2 PEG O . -4.30 2.42 -12.38
C3 PEG O . -2.91 2.73 -12.24
C4 PEG O . -2.21 1.88 -11.16
O4 PEG O . -2.53 0.50 -11.37
P PO4 P . -45.57 2.69 -0.13
O1 PO4 P . -45.77 1.71 1.01
O2 PO4 P . -44.24 2.41 -0.78
O3 PO4 P . -45.62 4.13 0.37
O4 PO4 P . -46.64 2.49 -1.17
P PO4 Q . -35.44 9.31 -15.90
O1 PO4 Q . -34.62 10.50 -15.45
O2 PO4 Q . -36.01 8.66 -14.68
O3 PO4 Q . -34.46 8.45 -16.62
O4 PO4 Q . -36.66 9.60 -16.75
P PO4 R . -11.56 -31.48 6.77
O1 PO4 R . -10.45 -31.91 7.68
O2 PO4 R . -12.55 -30.62 7.50
O3 PO4 R . -10.96 -30.64 5.70
O4 PO4 R . -12.27 -32.68 6.17
P PO4 S . 11.08 -23.60 -6.72
O1 PO4 S . 11.23 -23.89 -5.24
O2 PO4 S . 11.64 -24.84 -7.41
O3 PO4 S . 11.88 -22.36 -7.04
O4 PO4 S . 9.63 -23.30 -7.09
C1 EDO T . 46.37 0.39 27.40
O1 EDO T . 45.60 1.39 26.74
C2 EDO T . 47.51 0.98 28.26
O2 EDO T . 48.67 0.11 28.14
C1 EDO U . 57.29 6.10 23.84
O1 EDO U . 58.71 5.95 23.78
C2 EDO U . 56.61 4.74 23.98
O2 EDO U . 56.11 4.30 22.70
P PO4 V . 30.35 -7.31 22.33
O1 PO4 V . 31.71 -7.75 22.79
O2 PO4 V . 29.24 -8.26 22.68
O3 PO4 V . 30.14 -5.98 23.01
O4 PO4 V . 30.44 -7.21 20.84
P PO4 W . 14.89 -4.09 0.43
O1 PO4 W . 16.40 -4.18 0.13
O2 PO4 W . 14.62 -4.92 1.68
O3 PO4 W . 14.37 -2.71 0.73
O4 PO4 W . 14.13 -4.61 -0.78
P PO4 X . -3.69 1.66 6.12
O1 PO4 X . -3.33 1.77 7.59
O2 PO4 X . -3.53 0.21 5.67
O3 PO4 X . -2.75 2.56 5.32
O4 PO4 X . -5.13 2.05 5.86
#